data_2JHY
# 
_entry.id   2JHY 
# 
_audit_conform.dict_name       mmcif_pdbx.dic 
_audit_conform.dict_version    5.382 
_audit_conform.dict_location   http://mmcif.pdb.org/dictionaries/ascii/mmcif_pdbx.dic 
# 
loop_
_database_2.database_id 
_database_2.database_code 
_database_2.pdbx_database_accession 
_database_2.pdbx_DOI 
PDB   2JHY         pdb_00002jhy 10.2210/pdb2jhy/pdb 
PDBE  EBI-31605    ?            ?                   
WWPDB D_1290031605 ?            ?                   
# 
loop_
_pdbx_database_related.db_name 
_pdbx_database_related.db_id 
_pdbx_database_related.content_type 
_pdbx_database_related.details 
PDB 1CC0 unspecified 'CRYSTAL STRUCTURE OF THE RHOA.GDP-RHOGDI COMPLEX'             
PDB 1FSO unspecified 'CRYSTAL STRUCTURE OF TRUNCATED HUMAN RHOGDI QUADRUPLE MUTANT' 
PDB 1FST unspecified 'CRYSTAL STRUCTURE OF TRUNCATED HUMAN RHOGDI TRIPLE MUTANT'    
PDB 1FT0 unspecified 'CRYSTAL STRUCTURE OF TRUNCATED HUMAN RHOGDI K113A MUTANT'     
PDB 1FT3 unspecified 'CRYSTAL STRUCTURE OF TRUNCATED RHOGDI K141A MUTANT'           
PDB 1HH4 unspecified 'RAC1-RHOGDI COMPLEX INVOLVED IN NADPH OXIDASE ACTIVATION'     
PDB 1KMT unspecified 'CRYSTAL STRUCTURE OF RHOGDI GLU(154,155) ALA MUTANT'          
PDB 1QVY unspecified 'CRYSTAL STRUCTURE OF RHOGDI K(199,200)R DOUBLE MUTANT'        
PDB 1RHO unspecified 'STRUCTURE OF RHO GUANINE NUCLEOTIDE DISSOCIATION INHIBITOR'   
PDB 2BXW unspecified 'CRYSTAL STRUCTURE OF RHOGDI LYS(135,138, 141)TYR MUTANT'      
PDB 2JHS unspecified 'CRYSTAL STRUCTURE OF RHOGDI K135H,K138H, K141H MUTANT'        
PDB 2JHT unspecified 'CRYSTAL STRUCTURE OF RHOGDI K135T,K138T, K141T MUTANT'        
PDB 2JHU unspecified 'CRYSTAL STRUCTURE OF RHOGDI E154A,E155A MUTANT'               
PDB 2JHV unspecified 'CRYSTAL STRUCTURE OF RHOGDI E154A,E155A MUTANT'               
PDB 2JHW unspecified 'CRYSTAL STRUCTURE OF RHOGDI E155A, E157A MUTANT'              
PDB 2JHX unspecified 'CRYSTAL STRUCTURE OF RHOGDI E155H, E157H MUTANT'              
PDB 2JHZ unspecified 'CRYSTAL STRUCTURE OF RHOGDI E155S, E157S MUTANT'              
PDB 2JI0 unspecified 'CRYSTAL STRUCTURE OF RHOGDI K138Y, K141Y MUTANT'              
# 
_pdbx_database_status.status_code                     REL 
_pdbx_database_status.entry_id                        2JHY 
_pdbx_database_status.deposit_site                    PDBE 
_pdbx_database_status.process_site                    PDBE 
_pdbx_database_status.SG_entry                        . 
_pdbx_database_status.recvd_initial_deposition_date   2007-02-23 
_pdbx_database_status.pdb_format_compatible           Y 
_pdbx_database_status.status_code_sf                  REL 
_pdbx_database_status.status_code_mr                  ? 
_pdbx_database_status.status_code_cs                  ? 
_pdbx_database_status.methods_development_category    ? 
_pdbx_database_status.status_code_nmr_data            ? 
# 
loop_
_audit_author.name 
_audit_author.pdbx_ordinal 
'Cooper, D.R.'    1 
'Zawadzki, M.'    2 
'Derewenda, Z.S.' 3 
# 
_citation.id                        primary 
_citation.title                     'Protein Crystallization by Surface Entropy Reduction: Optimization of the Ser Strategy' 
_citation.journal_abbrev            'Acta Crystallogr.,Sect.D' 
_citation.journal_volume            63 
_citation.page_first                636 
_citation.page_last                 ? 
_citation.year                      2007 
_citation.journal_id_ASTM           ABCRE6 
_citation.country                   DK 
_citation.journal_id_ISSN           0907-4449 
_citation.journal_id_CSD            0766 
_citation.book_publisher            ? 
_citation.pdbx_database_id_PubMed   17452789 
_citation.pdbx_database_id_DOI      10.1107/S0907444907010931 
# 
loop_
_citation_author.citation_id 
_citation_author.name 
_citation_author.ordinal 
_citation_author.identifier_ORCID 
primary 'Cooper, D.R.'    1 ? 
primary 'Boczek, T.'      2 ? 
primary 'Grelewska, K.'   3 ? 
primary 'Pinkowska, M.'   4 ? 
primary 'Sikorska, M.'    5 ? 
primary 'Zawadzki, M.'    6 ? 
primary 'Derewenda, Z.S.' 7 ? 
# 
_cell.entry_id           2JHY 
_cell.length_a           75.221 
_cell.length_b           75.221 
_cell.length_c           91.556 
_cell.angle_alpha        90.00 
_cell.angle_beta         90.00 
_cell.angle_gamma        120.00 
_cell.Z_PDB              6 
_cell.pdbx_unique_axis   ? 
# 
_symmetry.entry_id                         2JHY 
_symmetry.space_group_name_H-M             'P 32 2 1' 
_symmetry.pdbx_full_space_group_name_H-M   ? 
_symmetry.cell_setting                     ? 
_symmetry.Int_Tables_number                154 
# 
loop_
_entity.id 
_entity.type 
_entity.src_method 
_entity.pdbx_description 
_entity.formula_weight 
_entity.pdbx_number_of_molecules 
_entity.pdbx_ec 
_entity.pdbx_mutation 
_entity.pdbx_fragment 
_entity.details 
1 polymer man 'RHO GDP-DISSOCIATION INHIBITOR 1' 15814.117 1  ? YES 'ISOPRENYL-BINDING DOMAIN, RESIDUES 66-201' ? 
2 water   nat water                              18.015    86 ? ?   ?                                           ? 
# 
_entity_name_com.entity_id   1 
_entity_name_com.name        'RHO GDI 1, RHO-GDI ALPHA' 
# 
_entity_poly.entity_id                      1 
_entity_poly.type                           'polypeptide(L)' 
_entity_poly.nstd_linkage                   no 
_entity_poly.nstd_monomer                   no 
_entity_poly.pdbx_seq_one_letter_code       
;AMVPNVVVTGLTLVCSSAPGPLELDLTGDLESFKKQSFVLKEGVEYRIKISFRVNREIVSGMKYIQHTYRKGVKIDKTDY
MVGSYGPRAEHYHFLTPVEEAPKGMLARGSYSIKSRFTDDDKTDHLSWEWNLTIKKDW
;
_entity_poly.pdbx_seq_one_letter_code_can   
;AMVPNVVVTGLTLVCSSAPGPLELDLTGDLESFKKQSFVLKEGVEYRIKISFRVNREIVSGMKYIQHTYRKGVKIDKTDY
MVGSYGPRAEHYHFLTPVEEAPKGMLARGSYSIKSRFTDDDKTDHLSWEWNLTIKKDW
;
_entity_poly.pdbx_strand_id                 A 
_entity_poly.pdbx_target_identifier         ? 
# 
loop_
_entity_poly_seq.entity_id 
_entity_poly_seq.num 
_entity_poly_seq.mon_id 
_entity_poly_seq.hetero 
1 1   ALA n 
1 2   MET n 
1 3   VAL n 
1 4   PRO n 
1 5   ASN n 
1 6   VAL n 
1 7   VAL n 
1 8   VAL n 
1 9   THR n 
1 10  GLY n 
1 11  LEU n 
1 12  THR n 
1 13  LEU n 
1 14  VAL n 
1 15  CYS n 
1 16  SER n 
1 17  SER n 
1 18  ALA n 
1 19  PRO n 
1 20  GLY n 
1 21  PRO n 
1 22  LEU n 
1 23  GLU n 
1 24  LEU n 
1 25  ASP n 
1 26  LEU n 
1 27  THR n 
1 28  GLY n 
1 29  ASP n 
1 30  LEU n 
1 31  GLU n 
1 32  SER n 
1 33  PHE n 
1 34  LYS n 
1 35  LYS n 
1 36  GLN n 
1 37  SER n 
1 38  PHE n 
1 39  VAL n 
1 40  LEU n 
1 41  LYS n 
1 42  GLU n 
1 43  GLY n 
1 44  VAL n 
1 45  GLU n 
1 46  TYR n 
1 47  ARG n 
1 48  ILE n 
1 49  LYS n 
1 50  ILE n 
1 51  SER n 
1 52  PHE n 
1 53  ARG n 
1 54  VAL n 
1 55  ASN n 
1 56  ARG n 
1 57  GLU n 
1 58  ILE n 
1 59  VAL n 
1 60  SER n 
1 61  GLY n 
1 62  MET n 
1 63  LYS n 
1 64  TYR n 
1 65  ILE n 
1 66  GLN n 
1 67  HIS n 
1 68  THR n 
1 69  TYR n 
1 70  ARG n 
1 71  LYS n 
1 72  GLY n 
1 73  VAL n 
1 74  LYS n 
1 75  ILE n 
1 76  ASP n 
1 77  LYS n 
1 78  THR n 
1 79  ASP n 
1 80  TYR n 
1 81  MET n 
1 82  VAL n 
1 83  GLY n 
1 84  SER n 
1 85  TYR n 
1 86  GLY n 
1 87  PRO n 
1 88  ARG n 
1 89  ALA n 
1 90  GLU n 
1 91  HIS n 
1 92  TYR n 
1 93  HIS n 
1 94  PHE n 
1 95  LEU n 
1 96  THR n 
1 97  PRO n 
1 98  VAL n 
1 99  GLU n 
1 100 GLU n 
1 101 ALA n 
1 102 PRO n 
1 103 LYS n 
1 104 GLY n 
1 105 MET n 
1 106 LEU n 
1 107 ALA n 
1 108 ARG n 
1 109 GLY n 
1 110 SER n 
1 111 TYR n 
1 112 SER n 
1 113 ILE n 
1 114 LYS n 
1 115 SER n 
1 116 ARG n 
1 117 PHE n 
1 118 THR n 
1 119 ASP n 
1 120 ASP n 
1 121 ASP n 
1 122 LYS n 
1 123 THR n 
1 124 ASP n 
1 125 HIS n 
1 126 LEU n 
1 127 SER n 
1 128 TRP n 
1 129 GLU n 
1 130 TRP n 
1 131 ASN n 
1 132 LEU n 
1 133 THR n 
1 134 ILE n 
1 135 LYS n 
1 136 LYS n 
1 137 ASP n 
1 138 TRP n 
# 
_entity_src_gen.entity_id                          1 
_entity_src_gen.pdbx_src_id                        1 
_entity_src_gen.pdbx_alt_source_flag               sample 
_entity_src_gen.pdbx_seq_type                      ? 
_entity_src_gen.pdbx_beg_seq_num                   ? 
_entity_src_gen.pdbx_end_seq_num                   ? 
_entity_src_gen.gene_src_common_name               HUMAN 
_entity_src_gen.gene_src_genus                     ? 
_entity_src_gen.pdbx_gene_src_gene                 ? 
_entity_src_gen.gene_src_species                   ? 
_entity_src_gen.gene_src_strain                    ? 
_entity_src_gen.gene_src_tissue                    ? 
_entity_src_gen.gene_src_tissue_fraction           ? 
_entity_src_gen.gene_src_details                   ? 
_entity_src_gen.pdbx_gene_src_fragment             ? 
_entity_src_gen.pdbx_gene_src_scientific_name      'HOMO SAPIENS' 
_entity_src_gen.pdbx_gene_src_ncbi_taxonomy_id     9606 
_entity_src_gen.pdbx_gene_src_variant              ? 
_entity_src_gen.pdbx_gene_src_cell_line            ? 
_entity_src_gen.pdbx_gene_src_atcc                 ? 
_entity_src_gen.pdbx_gene_src_organ                ? 
_entity_src_gen.pdbx_gene_src_organelle            ? 
_entity_src_gen.pdbx_gene_src_cell                 ? 
_entity_src_gen.pdbx_gene_src_cellular_location    ? 
_entity_src_gen.host_org_common_name               ? 
_entity_src_gen.pdbx_host_org_scientific_name      'ESCHERICHIA COLI' 
_entity_src_gen.pdbx_host_org_ncbi_taxonomy_id     469008 
_entity_src_gen.host_org_genus                     ? 
_entity_src_gen.pdbx_host_org_gene                 ? 
_entity_src_gen.pdbx_host_org_organ                ? 
_entity_src_gen.host_org_species                   ? 
_entity_src_gen.pdbx_host_org_tissue               ? 
_entity_src_gen.pdbx_host_org_tissue_fraction      ? 
_entity_src_gen.pdbx_host_org_strain               'BL21(DE3)' 
_entity_src_gen.pdbx_host_org_variant              ? 
_entity_src_gen.pdbx_host_org_cell_line            ? 
_entity_src_gen.pdbx_host_org_atcc                 ? 
_entity_src_gen.pdbx_host_org_culture_collection   ? 
_entity_src_gen.pdbx_host_org_cell                 ? 
_entity_src_gen.pdbx_host_org_organelle            ? 
_entity_src_gen.pdbx_host_org_cellular_location    ? 
_entity_src_gen.pdbx_host_org_vector_type          ? 
_entity_src_gen.pdbx_host_org_vector               PGST-PARALLEL1 
_entity_src_gen.host_org_details                   ? 
_entity_src_gen.expression_system_id               ? 
_entity_src_gen.plasmid_name                       ? 
_entity_src_gen.plasmid_details                    ? 
_entity_src_gen.pdbx_description                   ? 
# 
loop_
_struct_ref.id 
_struct_ref.db_name 
_struct_ref.db_code 
_struct_ref.entity_id 
_struct_ref.pdbx_seq_one_letter_code 
_struct_ref.pdbx_align_begin 
_struct_ref.pdbx_db_accession 
_struct_ref.pdbx_db_isoform 
1 PDB 2JHY       1 ? ? 2JHY   ? 
2 UNP GDIR_HUMAN 1 ? ? P52565 ? 
# 
loop_
_struct_ref_seq.align_id 
_struct_ref_seq.ref_id 
_struct_ref_seq.pdbx_PDB_id_code 
_struct_ref_seq.pdbx_strand_id 
_struct_ref_seq.seq_align_beg 
_struct_ref_seq.pdbx_seq_align_beg_ins_code 
_struct_ref_seq.seq_align_end 
_struct_ref_seq.pdbx_seq_align_end_ins_code 
_struct_ref_seq.pdbx_db_accession 
_struct_ref_seq.db_align_beg 
_struct_ref_seq.pdbx_db_align_beg_ins_code 
_struct_ref_seq.db_align_end 
_struct_ref_seq.pdbx_db_align_end_ins_code 
_struct_ref_seq.pdbx_auth_seq_align_beg 
_struct_ref_seq.pdbx_auth_seq_align_end 
1 1 2JHY A 1 ? 2   ? 2JHY   65 ? 66  ? 65 66  
2 2 2JHY A 3 ? 138 ? P52565 66 ? 201 ? 67 202 
# 
loop_
_struct_ref_seq_dif.align_id 
_struct_ref_seq_dif.pdbx_pdb_id_code 
_struct_ref_seq_dif.mon_id 
_struct_ref_seq_dif.pdbx_pdb_strand_id 
_struct_ref_seq_dif.seq_num 
_struct_ref_seq_dif.pdbx_pdb_ins_code 
_struct_ref_seq_dif.pdbx_seq_db_name 
_struct_ref_seq_dif.pdbx_seq_db_accession_code 
_struct_ref_seq_dif.db_mon_id 
_struct_ref_seq_dif.pdbx_seq_db_seq_num 
_struct_ref_seq_dif.details 
_struct_ref_seq_dif.pdbx_auth_seq_num 
_struct_ref_seq_dif.pdbx_ordinal 
1 2JHY HIS A 91 ? UNP P52565 GLU 154 'engineered mutation' 155 1 
1 2JHY HIS A 93 ? UNP P52565 GLU 156 'engineered mutation' 157 2 
# 
loop_
_chem_comp.id 
_chem_comp.type 
_chem_comp.mon_nstd_flag 
_chem_comp.name 
_chem_comp.pdbx_synonyms 
_chem_comp.formula 
_chem_comp.formula_weight 
ALA 'L-peptide linking' y ALANINE         ? 'C3 H7 N O2'     89.093  
ARG 'L-peptide linking' y ARGININE        ? 'C6 H15 N4 O2 1' 175.209 
ASN 'L-peptide linking' y ASPARAGINE      ? 'C4 H8 N2 O3'    132.118 
ASP 'L-peptide linking' y 'ASPARTIC ACID' ? 'C4 H7 N O4'     133.103 
CYS 'L-peptide linking' y CYSTEINE        ? 'C3 H7 N O2 S'   121.158 
GLN 'L-peptide linking' y GLUTAMINE       ? 'C5 H10 N2 O3'   146.144 
GLU 'L-peptide linking' y 'GLUTAMIC ACID' ? 'C5 H9 N O4'     147.129 
GLY 'peptide linking'   y GLYCINE         ? 'C2 H5 N O2'     75.067  
HIS 'L-peptide linking' y HISTIDINE       ? 'C6 H10 N3 O2 1' 156.162 
HOH non-polymer         . WATER           ? 'H2 O'           18.015  
ILE 'L-peptide linking' y ISOLEUCINE      ? 'C6 H13 N O2'    131.173 
LEU 'L-peptide linking' y LEUCINE         ? 'C6 H13 N O2'    131.173 
LYS 'L-peptide linking' y LYSINE          ? 'C6 H15 N2 O2 1' 147.195 
MET 'L-peptide linking' y METHIONINE      ? 'C5 H11 N O2 S'  149.211 
PHE 'L-peptide linking' y PHENYLALANINE   ? 'C9 H11 N O2'    165.189 
PRO 'L-peptide linking' y PROLINE         ? 'C5 H9 N O2'     115.130 
SER 'L-peptide linking' y SERINE          ? 'C3 H7 N O3'     105.093 
THR 'L-peptide linking' y THREONINE       ? 'C4 H9 N O3'     119.119 
TRP 'L-peptide linking' y TRYPTOPHAN      ? 'C11 H12 N2 O2'  204.225 
TYR 'L-peptide linking' y TYROSINE        ? 'C9 H11 N O3'    181.189 
VAL 'L-peptide linking' y VALINE          ? 'C5 H11 N O2'    117.146 
# 
_exptl.entry_id          2JHY 
_exptl.method            'X-RAY DIFFRACTION' 
_exptl.crystals_number   1 
# 
_exptl_crystal.id                    1 
_exptl_crystal.density_meas          ? 
_exptl_crystal.density_Matthews      4.98 
_exptl_crystal.density_percent_sol   75.3 
_exptl_crystal.description           ? 
# 
_exptl_crystal_grow.crystal_id      1 
_exptl_crystal_grow.method          ? 
_exptl_crystal_grow.temp            ? 
_exptl_crystal_grow.temp_details    ? 
_exptl_crystal_grow.pH              7.50 
_exptl_crystal_grow.pdbx_pH_range   ? 
_exptl_crystal_grow.pdbx_details    '1.4 M SODIUM CITRATE 0.1 M HEPES PH 7.5' 
# 
_diffrn.id                     1 
_diffrn.ambient_temp           100.0 
_diffrn.ambient_temp_details   ? 
_diffrn.crystal_id             1 
# 
_diffrn_detector.diffrn_id              1 
_diffrn_detector.detector               CCD 
_diffrn_detector.type                   MARRESEARCH 
_diffrn_detector.pdbx_collection_date   2005-11-09 
_diffrn_detector.details                ? 
# 
_diffrn_radiation.diffrn_id                        1 
_diffrn_radiation.wavelength_id                    1 
_diffrn_radiation.pdbx_monochromatic_or_laue_m_l   M 
_diffrn_radiation.monochromator                    ? 
_diffrn_radiation.pdbx_diffrn_protocol             'SINGLE WAVELENGTH' 
_diffrn_radiation.pdbx_scattering_type             x-ray 
# 
_diffrn_radiation_wavelength.id           1 
_diffrn_radiation_wavelength.wavelength   1.00 
_diffrn_radiation_wavelength.wt           1.0 
# 
_diffrn_source.diffrn_id                   1 
_diffrn_source.source                      SYNCHROTRON 
_diffrn_source.type                        'APS BEAMLINE 22-ID' 
_diffrn_source.pdbx_synchrotron_site       APS 
_diffrn_source.pdbx_synchrotron_beamline   22-ID 
_diffrn_source.pdbx_wavelength             1.00 
_diffrn_source.pdbx_wavelength_list        ? 
# 
_reflns.pdbx_diffrn_id               1 
_reflns.pdbx_ordinal                 1 
_reflns.entry_id                     2JHY 
_reflns.observed_criterion_sigma_I   ? 
_reflns.observed_criterion_sigma_F   ? 
_reflns.d_resolution_low             40.000 
_reflns.d_resolution_high            1.900 
_reflns.number_obs                   23942 
_reflns.number_all                   ? 
_reflns.percent_possible_obs         99.4 
_reflns.pdbx_Rmerge_I_obs            0.06000 
_reflns.pdbx_Rsym_value              ? 
_reflns.pdbx_netI_over_sigmaI        32.1000 
_reflns.B_iso_Wilson_estimate        ? 
_reflns.pdbx_redundancy              10.100 
# 
_reflns_shell.pdbx_diffrn_id         1 
_reflns_shell.pdbx_ordinal           1 
_reflns_shell.d_res_high             1.90 
_reflns_shell.d_res_low              1.97 
_reflns_shell.percent_possible_all   94.3 
_reflns_shell.Rmerge_I_obs           0.62000 
_reflns_shell.pdbx_Rsym_value        ? 
_reflns_shell.meanI_over_sigI_obs    1.800 
_reflns_shell.pdbx_redundancy        5.50 
# 
_refine.pdbx_refine_id                           'X-RAY DIFFRACTION' 
_refine.entry_id                                 2JHY 
_refine.pdbx_diffrn_id                           1 
_refine.pdbx_TLS_residual_ADP_flag               'LIKELY RESIDUAL' 
_refine.ls_number_reflns_obs                     22684 
_refine.ls_number_reflns_all                     ? 
_refine.pdbx_ls_sigma_I                          ? 
_refine.pdbx_ls_sigma_F                          ? 
_refine.pdbx_data_cutoff_high_absF               ? 
_refine.pdbx_data_cutoff_low_absF                ? 
_refine.pdbx_data_cutoff_high_rms_absF           ? 
_refine.ls_d_res_low                             65.09 
_refine.ls_d_res_high                            1.90 
_refine.ls_percent_reflns_obs                    99.4 
_refine.ls_R_factor_obs                          0.226 
_refine.ls_R_factor_all                          ? 
_refine.ls_R_factor_R_work                       0.225 
_refine.ls_R_factor_R_free                       0.250 
_refine.ls_R_factor_R_free_error                 ? 
_refine.ls_R_factor_R_free_error_details         ? 
_refine.ls_percent_reflns_R_free                 5.100 
_refine.ls_number_reflns_R_free                  1223 
_refine.ls_number_parameters                     ? 
_refine.ls_number_restraints                     ? 
_refine.occupancy_min                            ? 
_refine.occupancy_max                            ? 
_refine.correlation_coeff_Fo_to_Fc               0.946 
_refine.correlation_coeff_Fo_to_Fc_free          0.927 
_refine.B_iso_mean                               34.64 
_refine.aniso_B[1][1]                            0.58000 
_refine.aniso_B[2][2]                            0.58000 
_refine.aniso_B[3][3]                            -0.87000 
_refine.aniso_B[1][2]                            0.29000 
_refine.aniso_B[1][3]                            0.00000 
_refine.aniso_B[2][3]                            0.00000 
_refine.solvent_model_details                    MASK 
_refine.solvent_model_param_ksol                 ? 
_refine.solvent_model_param_bsol                 ? 
_refine.pdbx_solvent_vdw_probe_radii             1.40 
_refine.pdbx_solvent_ion_probe_radii             0.80 
_refine.pdbx_solvent_shrinkage_radii             0.80 
_refine.pdbx_ls_cross_valid_method               THROUGHOUT 
_refine.details                                  'HYDROGENS HAVE BEEN ADDED IN THE RIDING POSITIONS.' 
_refine.pdbx_starting_model                      'PDB ENTRY 2BXW' 
_refine.pdbx_method_to_determine_struct          'MOLECULAR REPLACEMENT' 
_refine.pdbx_isotropic_thermal_model             ? 
_refine.pdbx_stereochemistry_target_values       'MAXIMUM LIKELIHOOD' 
_refine.pdbx_stereochem_target_val_spec_case     ? 
_refine.pdbx_R_Free_selection_details            RANDOM 
_refine.pdbx_overall_ESU_R                       0.113 
_refine.pdbx_overall_ESU_R_Free                  0.112 
_refine.overall_SU_ML                            0.077 
_refine.pdbx_overall_phase_error                 ? 
_refine.overall_SU_B                             5.016 
_refine.overall_SU_R_Cruickshank_DPI             ? 
_refine.pdbx_overall_SU_R_free_Cruickshank_DPI   ? 
_refine.pdbx_overall_SU_R_Blow_DPI               ? 
_refine.pdbx_overall_SU_R_free_Blow_DPI          ? 
# 
_refine_hist.pdbx_refine_id                   'X-RAY DIFFRACTION' 
_refine_hist.cycle_id                         LAST 
_refine_hist.pdbx_number_atoms_protein        1112 
_refine_hist.pdbx_number_atoms_nucleic_acid   0 
_refine_hist.pdbx_number_atoms_ligand         0 
_refine_hist.number_atoms_solvent             86 
_refine_hist.number_atoms_total               1198 
_refine_hist.d_res_high                       1.90 
_refine_hist.d_res_low                        65.09 
# 
loop_
_refine_ls_restr.type 
_refine_ls_restr.dev_ideal 
_refine_ls_restr.dev_ideal_target 
_refine_ls_restr.weight 
_refine_ls_restr.number 
_refine_ls_restr.pdbx_refine_id 
_refine_ls_restr.pdbx_restraint_function 
r_bond_refined_d             0.019  0.022  ? 1139 'X-RAY DIFFRACTION' ? 
r_bond_other_d               ?      ?      ? ?    'X-RAY DIFFRACTION' ? 
r_angle_refined_deg          1.845  1.959  ? 1538 'X-RAY DIFFRACTION' ? 
r_angle_other_deg            ?      ?      ? ?    'X-RAY DIFFRACTION' ? 
r_dihedral_angle_1_deg       6.720  5.000  ? 137  'X-RAY DIFFRACTION' ? 
r_dihedral_angle_2_deg       34.535 23.265 ? 49   'X-RAY DIFFRACTION' ? 
r_dihedral_angle_3_deg       16.207 15.000 ? 207  'X-RAY DIFFRACTION' ? 
r_dihedral_angle_4_deg       23.394 15.000 ? 7    'X-RAY DIFFRACTION' ? 
r_chiral_restr               0.122  0.200  ? 167  'X-RAY DIFFRACTION' ? 
r_gen_planes_refined         0.007  0.020  ? 844  'X-RAY DIFFRACTION' ? 
r_gen_planes_other           ?      ?      ? ?    'X-RAY DIFFRACTION' ? 
r_nbd_refined                0.231  0.200  ? 457  'X-RAY DIFFRACTION' ? 
r_nbd_other                  ?      ?      ? ?    'X-RAY DIFFRACTION' ? 
r_nbtor_refined              0.312  0.200  ? 750  'X-RAY DIFFRACTION' ? 
r_nbtor_other                ?      ?      ? ?    'X-RAY DIFFRACTION' ? 
r_xyhbond_nbd_refined        0.195  0.200  ? 66   'X-RAY DIFFRACTION' ? 
r_xyhbond_nbd_other          ?      ?      ? ?    'X-RAY DIFFRACTION' ? 
r_metal_ion_refined          ?      ?      ? ?    'X-RAY DIFFRACTION' ? 
r_metal_ion_other            ?      ?      ? ?    'X-RAY DIFFRACTION' ? 
r_symmetry_vdw_refined       0.337  0.200  ? 51   'X-RAY DIFFRACTION' ? 
r_symmetry_vdw_other         ?      ?      ? ?    'X-RAY DIFFRACTION' ? 
r_symmetry_hbond_refined     0.085  0.200  ? 6    'X-RAY DIFFRACTION' ? 
r_symmetry_hbond_other       ?      ?      ? ?    'X-RAY DIFFRACTION' ? 
r_symmetry_metal_ion_refined ?      ?      ? ?    'X-RAY DIFFRACTION' ? 
r_symmetry_metal_ion_other   ?      ?      ? ?    'X-RAY DIFFRACTION' ? 
r_mcbond_it                  1.282  1.500  ? 703  'X-RAY DIFFRACTION' ? 
r_mcbond_other               ?      ?      ? ?    'X-RAY DIFFRACTION' ? 
r_mcangle_it                 1.993  2.000  ? 1112 'X-RAY DIFFRACTION' ? 
r_mcangle_other              ?      ?      ? ?    'X-RAY DIFFRACTION' ? 
r_scbond_it                  3.351  3.000  ? 504  'X-RAY DIFFRACTION' ? 
r_scbond_other               ?      ?      ? ?    'X-RAY DIFFRACTION' ? 
r_scangle_it                 5.037  4.500  ? 426  'X-RAY DIFFRACTION' ? 
r_scangle_other              ?      ?      ? ?    'X-RAY DIFFRACTION' ? 
r_long_range_B_refined       ?      ?      ? ?    'X-RAY DIFFRACTION' ? 
r_long_range_B_other         ?      ?      ? ?    'X-RAY DIFFRACTION' ? 
r_rigid_bond_restr           ?      ?      ? ?    'X-RAY DIFFRACTION' ? 
r_sphericity_free            ?      ?      ? ?    'X-RAY DIFFRACTION' ? 
r_sphericity_bonded          ?      ?      ? ?    'X-RAY DIFFRACTION' ? 
# 
_refine_ls_shell.pdbx_refine_id                   'X-RAY DIFFRACTION' 
_refine_ls_shell.pdbx_total_number_of_bins_used   20 
_refine_ls_shell.d_res_high                       1.90 
_refine_ls_shell.d_res_low                        1.95 
_refine_ls_shell.number_reflns_R_work             1518 
_refine_ls_shell.R_factor_R_work                  0.3590 
_refine_ls_shell.percent_reflns_obs               ? 
_refine_ls_shell.R_factor_R_free                  0.3850 
_refine_ls_shell.R_factor_R_free_error            ? 
_refine_ls_shell.percent_reflns_R_free            ? 
_refine_ls_shell.number_reflns_R_free             79 
_refine_ls_shell.number_reflns_all                ? 
_refine_ls_shell.R_factor_all                     ? 
# 
_struct.entry_id                  2JHY 
_struct.title                     'CRYSTAL STRUCTURE OF RHOGDI E155H, E157H MUTANT' 
_struct.pdbx_model_details        ? 
_struct.pdbx_CASP_flag            ? 
_struct.pdbx_model_type_details   ? 
# 
_struct_keywords.entry_id        2JHY 
_struct_keywords.pdbx_keywords   INHIBITOR 
_struct_keywords.text            'SURFACE ENTROPY REDUCTION, INHIBITOR, GTPASE ACTIVATION, CRYSTAL ENGINEERING' 
# 
loop_
_struct_asym.id 
_struct_asym.pdbx_blank_PDB_chainid_flag 
_struct_asym.pdbx_modified 
_struct_asym.entity_id 
_struct_asym.details 
A N N 1 ? 
B N N 2 ? 
# 
_struct_biol.id   1 
# 
loop_
_struct_conf.conf_type_id 
_struct_conf.id 
_struct_conf.pdbx_PDB_helix_id 
_struct_conf.beg_label_comp_id 
_struct_conf.beg_label_asym_id 
_struct_conf.beg_label_seq_id 
_struct_conf.pdbx_beg_PDB_ins_code 
_struct_conf.end_label_comp_id 
_struct_conf.end_label_asym_id 
_struct_conf.end_label_seq_id 
_struct_conf.pdbx_end_PDB_ins_code 
_struct_conf.beg_auth_comp_id 
_struct_conf.beg_auth_asym_id 
_struct_conf.beg_auth_seq_id 
_struct_conf.end_auth_comp_id 
_struct_conf.end_auth_asym_id 
_struct_conf.end_auth_seq_id 
_struct_conf.pdbx_PDB_helix_class 
_struct_conf.details 
_struct_conf.pdbx_PDB_helix_length 
HELX_P HELX_P1 1 GLU A 31  ? GLN A 36  ? GLU A 95  GLN A 100 5 ? 6 
HELX_P HELX_P2 2 GLY A 104 ? ARG A 108 ? GLY A 168 ARG A 172 5 ? 5 
# 
_struct_conf_type.id          HELX_P 
_struct_conf_type.criteria    ? 
_struct_conf_type.reference   ? 
# 
_struct_mon_prot_cis.pdbx_id                1 
_struct_mon_prot_cis.label_comp_id          ALA 
_struct_mon_prot_cis.label_seq_id           1 
_struct_mon_prot_cis.label_asym_id          A 
_struct_mon_prot_cis.label_alt_id           . 
_struct_mon_prot_cis.pdbx_PDB_ins_code      ? 
_struct_mon_prot_cis.auth_comp_id           ALA 
_struct_mon_prot_cis.auth_seq_id            65 
_struct_mon_prot_cis.auth_asym_id           A 
_struct_mon_prot_cis.pdbx_label_comp_id_2   MET 
_struct_mon_prot_cis.pdbx_label_seq_id_2    2 
_struct_mon_prot_cis.pdbx_label_asym_id_2   A 
_struct_mon_prot_cis.pdbx_PDB_ins_code_2    ? 
_struct_mon_prot_cis.pdbx_auth_comp_id_2    MET 
_struct_mon_prot_cis.pdbx_auth_seq_id_2     66 
_struct_mon_prot_cis.pdbx_auth_asym_id_2    A 
_struct_mon_prot_cis.pdbx_PDB_model_num     1 
_struct_mon_prot_cis.pdbx_omega_angle       1.61 
# 
loop_
_struct_sheet.id 
_struct_sheet.type 
_struct_sheet.number_strands 
_struct_sheet.details 
AA ? 4 ? 
AB ? 4 ? 
AC ? 5 ? 
# 
loop_
_struct_sheet_order.sheet_id 
_struct_sheet_order.range_id_1 
_struct_sheet_order.range_id_2 
_struct_sheet_order.offset 
_struct_sheet_order.sense 
AA 1 2 ? anti-parallel 
AA 2 3 ? anti-parallel 
AA 3 4 ? anti-parallel 
AB 1 2 ? anti-parallel 
AB 2 3 ? anti-parallel 
AB 3 4 ? anti-parallel 
AC 1 2 ? parallel      
AC 2 3 ? anti-parallel 
AC 3 4 ? anti-parallel 
AC 4 5 ? anti-parallel 
# 
loop_
_struct_sheet_range.sheet_id 
_struct_sheet_range.id 
_struct_sheet_range.beg_label_comp_id 
_struct_sheet_range.beg_label_asym_id 
_struct_sheet_range.beg_label_seq_id 
_struct_sheet_range.pdbx_beg_PDB_ins_code 
_struct_sheet_range.end_label_comp_id 
_struct_sheet_range.end_label_asym_id 
_struct_sheet_range.end_label_seq_id 
_struct_sheet_range.pdbx_end_PDB_ins_code 
_struct_sheet_range.beg_auth_comp_id 
_struct_sheet_range.beg_auth_asym_id 
_struct_sheet_range.beg_auth_seq_id 
_struct_sheet_range.end_auth_comp_id 
_struct_sheet_range.end_auth_asym_id 
_struct_sheet_range.end_auth_seq_id 
AA 1 GLU A 23  ? ASP A 25  ? GLU A 87  ASP A 89  
AA 2 VAL A 6   ? VAL A 14  ? VAL A 70  VAL A 78  
AA 3 GLU A 45  ? VAL A 54  ? GLU A 109 VAL A 118 
AA 4 GLU A 99  ? GLU A 100 ? GLU A 163 GLU A 164 
AB 1 GLU A 23  ? ASP A 25  ? GLU A 87  ASP A 89  
AB 2 VAL A 6   ? VAL A 14  ? VAL A 70  VAL A 78  
AB 3 GLU A 45  ? VAL A 54  ? GLU A 109 VAL A 118 
AB 4 ARG A 88  ? LEU A 95  ? ARG A 152 LEU A 159 
AC 1 PHE A 38  ? LYS A 41  ? PHE A 102 LYS A 105 
AC 2 LEU A 126 ? LYS A 135 ? LEU A 190 LYS A 199 
AC 3 GLY A 109 ? THR A 118 ? GLY A 173 THR A 182 
AC 4 VAL A 59  ? ARG A 70  ? VAL A 123 ARG A 134 
AC 5 VAL A 73  ? TYR A 85  ? VAL A 137 TYR A 149 
# 
loop_
_pdbx_struct_sheet_hbond.sheet_id 
_pdbx_struct_sheet_hbond.range_id_1 
_pdbx_struct_sheet_hbond.range_id_2 
_pdbx_struct_sheet_hbond.range_1_label_atom_id 
_pdbx_struct_sheet_hbond.range_1_label_comp_id 
_pdbx_struct_sheet_hbond.range_1_label_asym_id 
_pdbx_struct_sheet_hbond.range_1_label_seq_id 
_pdbx_struct_sheet_hbond.range_1_PDB_ins_code 
_pdbx_struct_sheet_hbond.range_1_auth_atom_id 
_pdbx_struct_sheet_hbond.range_1_auth_comp_id 
_pdbx_struct_sheet_hbond.range_1_auth_asym_id 
_pdbx_struct_sheet_hbond.range_1_auth_seq_id 
_pdbx_struct_sheet_hbond.range_2_label_atom_id 
_pdbx_struct_sheet_hbond.range_2_label_comp_id 
_pdbx_struct_sheet_hbond.range_2_label_asym_id 
_pdbx_struct_sheet_hbond.range_2_label_seq_id 
_pdbx_struct_sheet_hbond.range_2_PDB_ins_code 
_pdbx_struct_sheet_hbond.range_2_auth_atom_id 
_pdbx_struct_sheet_hbond.range_2_auth_comp_id 
_pdbx_struct_sheet_hbond.range_2_auth_asym_id 
_pdbx_struct_sheet_hbond.range_2_auth_seq_id 
AA 1 2 N LEU A 24  ? N LEU A 88  O LEU A 11  ? O LEU A 75  
AA 2 3 N VAL A 14  ? N VAL A 78  O ARG A 47  ? O ARG A 111 
AA 3 4 N TYR A 46  ? N TYR A 110 O GLU A 99  ? O GLU A 163 
AB 1 2 N LEU A 24  ? N LEU A 88  O LEU A 11  ? O LEU A 75  
AB 2 3 N VAL A 14  ? N VAL A 78  O ARG A 47  ? O ARG A 111 
AB 3 4 N VAL A 54  ? N VAL A 118 O ARG A 88  ? O ARG A 152 
AC 1 2 N PHE A 38  ? N PHE A 102 O ASN A 131 ? O ASN A 195 
AC 2 3 N ILE A 134 ? N ILE A 198 O GLY A 109 ? O GLY A 173 
AC 3 4 N THR A 118 ? N THR A 182 O LYS A 63  ? O LYS A 127 
AC 4 5 N ARG A 70  ? N ARG A 134 O VAL A 73  ? O VAL A 137 
# 
_atom_sites.entry_id                    2JHY 
_atom_sites.fract_transf_matrix[1][1]   -0.00627197 
_atom_sites.fract_transf_matrix[1][2]   -0.00268043 
_atom_sites.fract_transf_matrix[1][3]   -0.01375186 
_atom_sites.fract_transf_matrix[2][1]   -0.01287723 
_atom_sites.fract_transf_matrix[2][2]   -0.00828645 
_atom_sites.fract_transf_matrix[2][3]   -0.00107928 
_atom_sites.fract_transf_matrix[3][1]   -0.00594391 
_atom_sites.fract_transf_matrix[3][2]   0.00911522 
_atom_sites.fract_transf_matrix[3][3]   0.00093422 
_atom_sites.fract_transf_vector[1]      -0.218331 
_atom_sites.fract_transf_vector[2]      0.218853 
_atom_sites.fract_transf_vector[3]      0.016813 
# 
loop_
_atom_type.symbol 
C 
N 
O 
S 
# 
loop_
_atom_site.group_PDB 
_atom_site.id 
_atom_site.type_symbol 
_atom_site.label_atom_id 
_atom_site.label_alt_id 
_atom_site.label_comp_id 
_atom_site.label_asym_id 
_atom_site.label_entity_id 
_atom_site.label_seq_id 
_atom_site.pdbx_PDB_ins_code 
_atom_site.Cartn_x 
_atom_site.Cartn_y 
_atom_site.Cartn_z 
_atom_site.occupancy 
_atom_site.B_iso_or_equiv 
_atom_site.pdbx_formal_charge 
_atom_site.auth_seq_id 
_atom_site.auth_comp_id 
_atom_site.auth_asym_id 
_atom_site.auth_atom_id 
_atom_site.pdbx_PDB_model_num 
ATOM   1    N N   . ALA A 1 1   ? -7.176  -19.839 9.755   1.00 58.47 ? 65   ALA A N   1 
ATOM   2    C CA  . ALA A 1 1   ? -5.699  -20.140 9.806   1.00 58.52 ? 65   ALA A CA  1 
ATOM   3    C C   . ALA A 1 1   ? -5.537  -21.604 9.396   1.00 58.00 ? 65   ALA A C   1 
ATOM   4    O O   . ALA A 1 1   ? -6.513  -22.339 9.544   1.00 58.36 ? 65   ALA A O   1 
ATOM   5    C CB  . ALA A 1 1   ? -5.145  -19.897 11.221  1.00 58.70 ? 65   ALA A CB  1 
ATOM   6    N N   . MET A 1 2   ? -4.382  -22.061 8.867   1.00 57.07 ? 66   MET A N   1 
ATOM   7    C CA  . MET A 1 2   ? -3.101  -21.326 8.614   1.00 56.61 ? 66   MET A CA  1 
ATOM   8    C C   . MET A 1 2   ? -3.150  -20.341 7.404   1.00 54.36 ? 66   MET A C   1 
ATOM   9    O O   . MET A 1 2   ? -2.444  -19.315 7.339   1.00 54.37 ? 66   MET A O   1 
ATOM   10   C CB  . MET A 1 2   ? -1.957  -22.366 8.474   1.00 56.16 ? 66   MET A CB  1 
ATOM   11   C CG  . MET A 1 2   ? -0.800  -22.032 7.487   1.00 58.11 ? 66   MET A CG  1 
ATOM   12   S SD  . MET A 1 2   ? 0.257   -23.443 7.004   1.00 59.88 ? 66   MET A SD  1 
ATOM   13   C CE  . MET A 1 2   ? -0.570  -24.033 5.532   1.00 60.72 ? 66   MET A CE  1 
ATOM   14   N N   . VAL A 1 3   ? -4.017  -20.667 6.461   1.00 52.52 ? 67   VAL A N   1 
ATOM   15   C CA  . VAL A 1 3   ? -4.387  -19.772 5.351   1.00 49.30 ? 67   VAL A CA  1 
ATOM   16   C C   . VAL A 1 3   ? -5.976  -19.620 5.398   1.00 48.41 ? 67   VAL A C   1 
ATOM   17   O O   . VAL A 1 3   ? -6.735  -20.522 4.846   1.00 49.42 ? 67   VAL A O   1 
ATOM   18   C CB  . VAL A 1 3   ? -3.616  -20.218 3.977   1.00 48.79 ? 67   VAL A CB  1 
ATOM   19   C CG1 . VAL A 1 3   ? -3.710  -19.220 2.844   1.00 50.70 ? 67   VAL A CG1 1 
ATOM   20   C CG2 . VAL A 1 3   ? -2.110  -20.363 4.231   1.00 49.94 ? 67   VAL A CG2 1 
ATOM   21   N N   . PRO A 1 4   ? -6.472  -18.530 6.132   1.00 45.74 ? 68   PRO A N   1 
ATOM   22   C CA  . PRO A 1 4   ? -7.792  -17.817 6.262   1.00 43.00 ? 68   PRO A CA  1 
ATOM   23   C C   . PRO A 1 4   ? -8.289  -17.303 4.899   1.00 38.30 ? 68   PRO A C   1 
ATOM   24   O O   . PRO A 1 4   ? -7.634  -17.606 3.933   1.00 34.74 ? 68   PRO A O   1 
ATOM   25   C CB  . PRO A 1 4   ? -7.411  -16.562 7.011   1.00 43.44 ? 68   PRO A CB  1 
ATOM   26   C CG  . PRO A 1 4   ? -5.959  -16.370 6.701   1.00 42.90 ? 68   PRO A CG  1 
ATOM   27   C CD  . PRO A 1 4   ? -5.481  -17.778 6.915   1.00 45.21 ? 68   PRO A CD  1 
ATOM   28   N N   . ASN A 1 5   ? -9.374  -16.510 4.818   1.00 34.75 ? 69   ASN A N   1 
ATOM   29   C CA  . ASN A 1 5   ? -9.945  -16.243 3.470   1.00 32.53 ? 69   ASN A CA  1 
ATOM   30   C C   . ASN A 1 5   ? -9.129  -15.356 2.527   1.00 30.82 ? 69   ASN A C   1 
ATOM   31   O O   . ASN A 1 5   ? -9.055  -15.620 1.317   1.00 29.45 ? 69   ASN A O   1 
ATOM   32   C CB  . ASN A 1 5   ? -11.411 -15.754 3.469   1.00 32.63 ? 69   ASN A CB  1 
ATOM   33   C CG  . ASN A 1 5   ? -12.058 -15.910 2.087   1.00 33.50 ? 69   ASN A CG  1 
ATOM   34   O OD1 . ASN A 1 5   ? -11.870 -16.932 1.405   1.00 32.13 ? 69   ASN A OD1 1 
ATOM   35   N ND2 . ASN A 1 5   ? -12.766 -14.885 1.646   1.00 31.81 ? 69   ASN A ND2 1 
ATOM   36   N N   . VAL A 1 6   ? -8.559  -14.285 3.066   1.00 29.07 ? 70   VAL A N   1 
ATOM   37   C CA  . VAL A 1 6   ? -7.744  -13.372 2.237   1.00 28.65 ? 70   VAL A CA  1 
ATOM   38   C C   . VAL A 1 6   ? -6.350  -13.331 2.823   1.00 29.30 ? 70   VAL A C   1 
ATOM   39   O O   . VAL A 1 6   ? -6.202  -13.217 4.056   1.00 29.91 ? 70   VAL A O   1 
ATOM   40   C CB  . VAL A 1 6   ? -8.356  -11.920 2.171   1.00 27.55 ? 70   VAL A CB  1 
ATOM   41   C CG1 . VAL A 1 6   ? -7.408  -10.981 1.418   1.00 28.79 ? 70   VAL A CG1 1 
ATOM   42   C CG2 . VAL A 1 6   ? -9.751  -11.927 1.562   1.00 28.67 ? 70   VAL A CG2 1 
ATOM   43   N N   . VAL A 1 7   ? -5.331  -13.461 1.972   1.00 28.25 ? 71   VAL A N   1 
ATOM   44   C CA  . VAL A 1 7   ? -3.961  -13.278 2.439   1.00 28.77 ? 71   VAL A CA  1 
ATOM   45   C C   . VAL A 1 7   ? -3.384  -12.149 1.601   1.00 27.93 ? 71   VAL A C   1 
ATOM   46   O O   . VAL A 1 7   ? -3.225  -12.297 0.391   1.00 27.47 ? 71   VAL A O   1 
ATOM   47   C CB  . VAL A 1 7   ? -3.113  -14.555 2.260   1.00 28.55 ? 71   VAL A CB  1 
ATOM   48   C CG1 . VAL A 1 7   ? -1.651  -14.292 2.679   1.00 29.77 ? 71   VAL A CG1 1 
ATOM   49   C CG2 . VAL A 1 7   ? -3.723  -15.675 3.070   1.00 29.88 ? 71   VAL A CG2 1 
ATOM   50   N N   . VAL A 1 8   ? -3.091  -11.022 2.249   1.00 28.14 ? 72   VAL A N   1 
ATOM   51   C CA  . VAL A 1 8   ? -2.456  -9.903  1.583   1.00 27.79 ? 72   VAL A CA  1 
ATOM   52   C C   . VAL A 1 8   ? -0.957  -10.193 1.529   1.00 28.34 ? 72   VAL A C   1 
ATOM   53   O O   . VAL A 1 8   ? -0.368  -10.474 2.544   1.00 29.03 ? 72   VAL A O   1 
ATOM   54   C CB  . VAL A 1 8   ? -2.746  -8.591  2.374   1.00 29.02 ? 72   VAL A CB  1 
ATOM   55   C CG1 . VAL A 1 8   ? -2.108  -7.395  1.638   1.00 30.22 ? 72   VAL A CG1 1 
ATOM   56   C CG2 . VAL A 1 8   ? -4.282  -8.387  2.528   1.00 28.75 ? 72   VAL A CG2 1 
ATOM   57   N N   . THR A 1 9   ? -0.341  -10.164 0.357   1.00 28.91 ? 73   THR A N   1 
ATOM   58   C CA  . THR A 1 9   ? 1.053   -10.653 0.222   1.00 29.79 ? 73   THR A CA  1 
ATOM   59   C C   . THR A 1 9   ? 2.075   -9.592  -0.063  1.00 29.19 ? 73   THR A C   1 
ATOM   60   O O   . THR A 1 9   ? 3.263   -9.749  0.254   1.00 28.99 ? 73   THR A O   1 
ATOM   61   C CB  . THR A 1 9   ? 1.182   -11.721 -0.887  1.00 31.13 ? 73   THR A CB  1 
ATOM   62   O OG1 . THR A 1 9   ? 0.772   -11.157 -2.136  1.00 32.93 ? 73   THR A OG1 1 
ATOM   63   C CG2 . THR A 1 9   ? 0.279   -12.918 -0.565  1.00 31.79 ? 73   THR A CG2 1 
ATOM   64   N N   . GLY A 1 10  ? 1.643   -8.505  -0.693  1.00 28.96 ? 74   GLY A N   1 
ATOM   65   C CA  . GLY A 1 10  ? 2.617   -7.447  -1.036  1.00 28.82 ? 74   GLY A CA  1 
ATOM   66   C C   . GLY A 1 10  ? 2.040   -6.072  -1.261  1.00 28.81 ? 74   GLY A C   1 
ATOM   67   O O   . GLY A 1 10  ? 0.837   -5.908  -1.547  1.00 27.85 ? 74   GLY A O   1 
ATOM   68   N N   . LEU A 1 11  ? 2.905   -5.085  -1.055  1.00 28.46 ? 75   LEU A N   1 
ATOM   69   C CA  . LEU A 1 11  ? 2.687   -3.724  -1.522  1.00 29.04 ? 75   LEU A CA  1 
ATOM   70   C C   . LEU A 1 11  ? 3.875   -3.354  -2.427  1.00 29.36 ? 75   LEU A C   1 
ATOM   71   O O   . LEU A 1 11  ? 5.043   -3.647  -2.106  1.00 30.14 ? 75   LEU A O   1 
ATOM   72   C CB  . LEU A 1 11  ? 2.559   -2.745  -0.338  1.00 28.71 ? 75   LEU A CB  1 
ATOM   73   C CG  . LEU A 1 11  ? 2.405   -1.246  -0.723  1.00 29.59 ? 75   LEU A CG  1 
ATOM   74   C CD1 . LEU A 1 11  ? 1.581   -0.488  0.322   1.00 29.21 ? 75   LEU A CD1 1 
ATOM   75   C CD2 . LEU A 1 11  ? 3.782   -0.586  -0.921  1.00 29.35 ? 75   LEU A CD2 1 
ATOM   76   N N   . THR A 1 12  ? 3.577   -2.724  -3.558  1.00 29.12 ? 76   THR A N   1 
ATOM   77   C CA  . THR A 1 12  ? 4.609   -2.308  -4.508  1.00 29.72 ? 76   THR A CA  1 
ATOM   78   C C   . THR A 1 12  ? 4.304   -0.882  -4.922  1.00 29.46 ? 76   THR A C   1 
ATOM   79   O O   . THR A 1 12  ? 3.171   -0.573  -5.234  1.00 29.95 ? 76   THR A O   1 
ATOM   80   C CB  . THR A 1 12  ? 4.598   -3.228  -5.772  1.00 30.50 ? 76   THR A CB  1 
ATOM   81   O OG1 . THR A 1 12  ? 4.828   -4.564  -5.357  1.00 29.50 ? 76   THR A OG1 1 
ATOM   82   C CG2 . THR A 1 12  ? 5.686   -2.829  -6.766  1.00 32.48 ? 76   THR A CG2 1 
ATOM   83   N N   . LEU A 1 13  ? 5.301   -0.011  -4.898  1.00 28.25 ? 77   LEU A N   1 
ATOM   84   C CA  . LEU A 1 13  ? 5.151   1.272   -5.539  1.00 30.46 ? 77   LEU A CA  1 
ATOM   85   C C   . LEU A 1 13  ? 5.643   1.147   -6.970  1.00 31.46 ? 77   LEU A C   1 
ATOM   86   O O   . LEU A 1 13  ? 6.846   0.918   -7.203  1.00 32.79 ? 77   LEU A O   1 
ATOM   87   C CB  . LEU A 1 13  ? 5.940   2.372   -4.812  1.00 30.79 ? 77   LEU A CB  1 
ATOM   88   C CG  . LEU A 1 13  ? 5.629   2.731   -3.369  1.00 33.41 ? 77   LEU A CG  1 
ATOM   89   C CD1 . LEU A 1 13  ? 6.297   4.108   -3.034  1.00 31.58 ? 77   LEU A CD1 1 
ATOM   90   C CD2 . LEU A 1 13  ? 4.120   2.791   -3.082  1.00 31.04 ? 77   LEU A CD2 1 
ATOM   91   N N   . VAL A 1 14  ? 4.715   1.292   -7.919  1.00 32.35 ? 78   VAL A N   1 
ATOM   92   C CA  . VAL A 1 14  ? 4.993   1.123   -9.347  1.00 33.86 ? 78   VAL A CA  1 
ATOM   93   C C   . VAL A 1 14  ? 5.370   2.499   -9.912  1.00 34.40 ? 78   VAL A C   1 
ATOM   94   O O   . VAL A 1 14  ? 4.540   3.403   -10.025 1.00 33.08 ? 78   VAL A O   1 
ATOM   95   C CB  . VAL A 1 14  ? 3.779   0.522   -10.101 1.00 33.45 ? 78   VAL A CB  1 
ATOM   96   C CG1 . VAL A 1 14  ? 4.066   0.350   -11.608 1.00 35.86 ? 78   VAL A CG1 1 
ATOM   97   C CG2 . VAL A 1 14  ? 3.309   -0.816  -9.470  1.00 32.37 ? 78   VAL A CG2 1 
ATOM   98   N N   . CYS A 1 15  ? 6.644   2.663   -10.233 1.00 36.68 ? 79   CYS A N   1 
ATOM   99   C CA  . CYS A 1 15  ? 7.121   3.944   -10.728 1.00 37.23 ? 79   CYS A CA  1 
ATOM   100  C C   . CYS A 1 15  ? 8.174   3.696   -11.792 1.00 38.65 ? 79   CYS A C   1 
ATOM   101  O O   . CYS A 1 15  ? 9.256   3.204   -11.469 1.00 38.50 ? 79   CYS A O   1 
ATOM   102  C CB  . CYS A 1 15  ? 7.695   4.766   -9.567  1.00 37.81 ? 79   CYS A CB  1 
ATOM   103  S SG  . CYS A 1 15  ? 8.343   6.365   -10.047 1.00 37.95 ? 79   CYS A SG  1 
ATOM   104  N N   . SER A 1 16  ? 7.824   4.005   -13.049 1.00 39.87 ? 80   SER A N   1 
ATOM   105  C CA  . SER A 1 16  ? 8.714   3.903   -14.222 1.00 41.82 ? 80   SER A CA  1 
ATOM   106  C C   . SER A 1 16  ? 10.138  4.409   -14.024 1.00 42.12 ? 80   SER A C   1 
ATOM   107  O O   . SER A 1 16  ? 11.077  3.818   -14.569 1.00 43.02 ? 80   SER A O   1 
ATOM   108  C CB  . SER A 1 16  ? 8.134   4.692   -15.404 1.00 41.86 ? 80   SER A CB  1 
ATOM   109  O OG  . SER A 1 16  ? 6.966   4.078   -15.916 1.00 45.59 ? 80   SER A OG  1 
ATOM   110  N N   . SER A 1 17  ? 10.293  5.511   -13.283 1.00 41.60 ? 81   SER A N   1 
ATOM   111  C CA  . SER A 1 17  ? 11.585  6.194   -13.178 1.00 41.55 ? 81   SER A CA  1 
ATOM   112  C C   . SER A 1 17  ? 12.379  5.928   -11.900 1.00 41.12 ? 81   SER A C   1 
ATOM   113  O O   . SER A 1 17  ? 13.454  6.486   -11.727 1.00 40.44 ? 81   SER A O   1 
ATOM   114  C CB  . SER A 1 17  ? 11.448  7.701   -13.437 1.00 41.80 ? 81   SER A CB  1 
ATOM   115  O OG  . SER A 1 17  ? 10.554  8.325   -12.533 1.00 42.88 ? 81   SER A OG  1 
ATOM   116  N N   . ALA A 1 18  ? 11.869  5.060   -11.029 1.00 41.17 ? 82   ALA A N   1 
ATOM   117  C CA  . ALA A 1 18  ? 12.604  4.672   -9.825  1.00 41.71 ? 82   ALA A CA  1 
ATOM   118  C C   . ALA A 1 18  ? 13.790  3.795   -10.225 1.00 41.99 ? 82   ALA A C   1 
ATOM   119  O O   . ALA A 1 18  ? 13.649  2.952   -11.113 1.00 42.49 ? 82   ALA A O   1 
ATOM   120  C CB  . ALA A 1 18  ? 11.696  3.947   -8.846  1.00 41.40 ? 82   ALA A CB  1 
ATOM   121  N N   . PRO A 1 19  ? 14.970  4.018   -9.613  1.00 42.40 ? 83   PRO A N   1 
ATOM   122  C CA  . PRO A 1 19  ? 16.151  3.206   -9.960  1.00 42.87 ? 83   PRO A CA  1 
ATOM   123  C C   . PRO A 1 19  ? 16.094  1.728   -9.549  1.00 42.75 ? 83   PRO A C   1 
ATOM   124  O O   . PRO A 1 19  ? 16.733  0.909   -10.210 1.00 43.21 ? 83   PRO A O   1 
ATOM   125  C CB  . PRO A 1 19  ? 17.290  3.924   -9.238  1.00 42.96 ? 83   PRO A CB  1 
ATOM   126  C CG  . PRO A 1 19  ? 16.606  4.607   -8.081  1.00 43.06 ? 83   PRO A CG  1 
ATOM   127  C CD  . PRO A 1 19  ? 15.307  5.067   -8.641  1.00 42.13 ? 83   PRO A CD  1 
ATOM   128  N N   . GLY A 1 20  ? 15.344  1.380   -8.500  1.00 41.50 ? 84   GLY A N   1 
ATOM   129  C CA  . GLY A 1 20  ? 15.237  -0.020  -8.049  1.00 41.11 ? 84   GLY A CA  1 
ATOM   130  C C   . GLY A 1 20  ? 13.811  -0.386  -7.639  1.00 40.95 ? 84   GLY A C   1 
ATOM   131  O O   . GLY A 1 20  ? 12.929  0.485   -7.633  1.00 40.99 ? 84   GLY A O   1 
ATOM   132  N N   . PRO A 1 21  ? 13.561  -1.671  -7.303  1.00 39.97 ? 85   PRO A N   1 
ATOM   133  C CA  . PRO A 1 21  ? 12.198  -2.083  -6.884  1.00 39.03 ? 85   PRO A CA  1 
ATOM   134  C C   . PRO A 1 21  ? 11.768  -1.510  -5.526  1.00 37.92 ? 85   PRO A C   1 
ATOM   135  O O   . PRO A 1 21  ? 12.578  -1.415  -4.588  1.00 37.48 ? 85   PRO A O   1 
ATOM   136  C CB  . PRO A 1 21  ? 12.276  -3.624  -6.810  1.00 39.80 ? 85   PRO A CB  1 
ATOM   137  C CG  . PRO A 1 21  ? 13.774  -3.939  -6.697  1.00 40.28 ? 85   PRO A CG  1 
ATOM   138  C CD  . PRO A 1 21  ? 14.522  -2.798  -7.330  1.00 40.49 ? 85   PRO A CD  1 
ATOM   139  N N   . LEU A 1 22  ? 10.500  -1.134  -5.426  1.00 36.03 ? 86   LEU A N   1 
ATOM   140  C CA  . LEU A 1 22  ? 9.985   -0.577  -4.168  1.00 34.87 ? 86   LEU A CA  1 
ATOM   141  C C   . LEU A 1 22  ? 8.874   -1.501  -3.707  1.00 34.77 ? 86   LEU A C   1 
ATOM   142  O O   . LEU A 1 22  ? 7.719   -1.322  -4.084  1.00 32.91 ? 86   LEU A O   1 
ATOM   143  C CB  . LEU A 1 22  ? 9.477   0.848   -4.400  1.00 35.42 ? 86   LEU A CB  1 
ATOM   144  C CG  . LEU A 1 22  ? 10.562  1.847   -4.827  1.00 34.55 ? 86   LEU A CG  1 
ATOM   145  C CD1 . LEU A 1 22  ? 9.980   3.190   -5.251  1.00 34.25 ? 86   LEU A CD1 1 
ATOM   146  C CD2 . LEU A 1 22  ? 11.637  2.002   -3.732  1.00 35.81 ? 86   LEU A CD2 1 
ATOM   147  N N   . GLU A 1 23  ? 9.249   -2.493  -2.894  1.00 34.06 ? 87   GLU A N   1 
ATOM   148  C CA  . GLU A 1 23  ? 8.390   -3.618  -2.586  1.00 34.95 ? 87   GLU A CA  1 
ATOM   149  C C   . GLU A 1 23  ? 8.403   -3.961  -1.108  1.00 33.79 ? 87   GLU A C   1 
ATOM   150  O O   . GLU A 1 23  ? 9.466   -4.006  -0.498  1.00 33.87 ? 87   GLU A O   1 
ATOM   151  C CB  . GLU A 1 23  ? 8.829   -4.850  -3.408  1.00 34.53 ? 87   GLU A CB  1 
ATOM   152  C CG  . GLU A 1 23  ? 8.274   -4.814  -4.840  1.00 37.88 ? 87   GLU A CG  1 
ATOM   153  C CD  . GLU A 1 23  ? 8.763   -5.931  -5.734  1.00 39.30 ? 87   GLU A CD  1 
ATOM   154  O OE1 . GLU A 1 23  ? 9.167   -6.985  -5.203  1.00 43.90 ? 87   GLU A OE1 1 
ATOM   155  O OE2 . GLU A 1 23  ? 8.706   -5.750  -6.981  1.00 46.08 ? 87   GLU A OE2 1 
ATOM   156  N N   . LEU A 1 24  ? 7.221   -4.195  -0.534  1.00 32.34 ? 88   LEU A N   1 
ATOM   157  C CA  . LEU A 1 24  ? 7.119   -4.777  0.801   1.00 31.82 ? 88   LEU A CA  1 
ATOM   158  C C   . LEU A 1 24  ? 6.528   -6.176  0.701   1.00 31.97 ? 88   LEU A C   1 
ATOM   159  O O   . LEU A 1 24  ? 5.488   -6.373  0.062   1.00 30.91 ? 88   LEU A O   1 
ATOM   160  C CB  . LEU A 1 24  ? 6.216   -3.931  1.734   1.00 31.43 ? 88   LEU A CB  1 
ATOM   161  C CG  . LEU A 1 24  ? 6.397   -2.418  1.861   1.00 31.12 ? 88   LEU A CG  1 
ATOM   162  C CD1 . LEU A 1 24  ? 5.225   -1.879  2.687   1.00 31.33 ? 88   LEU A CD1 1 
ATOM   163  C CD2 . LEU A 1 24  ? 7.729   -2.095  2.557   1.00 34.61 ? 88   LEU A CD2 1 
ATOM   164  N N   . ASP A 1 25  ? 7.171   -7.132  1.360   1.00 32.48 ? 89   ASP A N   1 
ATOM   165  C CA  . ASP A 1 25  ? 6.639   -8.488  1.495   1.00 33.89 ? 89   ASP A CA  1 
ATOM   166  C C   . ASP A 1 25  ? 5.783   -8.514  2.766   1.00 33.77 ? 89   ASP A C   1 
ATOM   167  O O   . ASP A 1 25  ? 6.312   -8.493  3.884   1.00 34.35 ? 89   ASP A O   1 
ATOM   168  C CB  . ASP A 1 25  ? 7.802   -9.510  1.599   1.00 34.90 ? 89   ASP A CB  1 
ATOM   169  C CG  . ASP A 1 25  ? 7.324   -10.943 1.789   1.00 37.31 ? 89   ASP A CG  1 
ATOM   170  O OD1 . ASP A 1 25  ? 6.098   -11.213 1.825   1.00 36.07 ? 89   ASP A OD1 1 
ATOM   171  O OD2 . ASP A 1 25  ? 8.201   -11.822 1.898   1.00 41.53 ? 89   ASP A OD2 1 
ATOM   172  N N   . LEU A 1 26  ? 4.466   -8.586  2.580   1.00 32.38 ? 90   LEU A N   1 
ATOM   173  C CA  . LEU A 1 26  ? 3.516   -8.459  3.666   1.00 32.76 ? 90   LEU A CA  1 
ATOM   174  C C   . LEU A 1 26  ? 3.191   -9.816  4.315   1.00 33.82 ? 90   LEU A C   1 
ATOM   175  O O   . LEU A 1 26  ? 2.342   -9.895  5.192   1.00 33.69 ? 90   LEU A O   1 
ATOM   176  C CB  . LEU A 1 26  ? 2.238   -7.749  3.161   1.00 31.71 ? 90   LEU A CB  1 
ATOM   177  C CG  . LEU A 1 26  ? 2.430   -6.289  2.678   1.00 30.33 ? 90   LEU A CG  1 
ATOM   178  C CD1 . LEU A 1 26  ? 1.056   -5.737  2.189   1.00 27.94 ? 90   LEU A CD1 1 
ATOM   179  C CD2 . LEU A 1 26  ? 3.011   -5.398  3.766   1.00 28.45 ? 90   LEU A CD2 1 
ATOM   180  N N   . THR A 1 27  ? 3.875   -10.869 3.871   1.00 36.43 ? 91   THR A N   1 
ATOM   181  C CA  . THR A 1 27  ? 3.792   -12.205 4.503   1.00 38.38 ? 91   THR A CA  1 
ATOM   182  C C   . THR A 1 27  ? 4.825   -12.338 5.622   1.00 40.27 ? 91   THR A C   1 
ATOM   183  O O   . THR A 1 27  ? 4.817   -13.323 6.375   1.00 41.54 ? 91   THR A O   1 
ATOM   184  C CB  . THR A 1 27  ? 3.998   -13.351 3.480   1.00 38.06 ? 91   THR A CB  1 
ATOM   185  O OG1 . THR A 1 27  ? 5.381   -13.410 3.073   1.00 38.06 ? 91   THR A OG1 1 
ATOM   186  C CG2 . THR A 1 27  ? 3.091   -13.166 2.252   1.00 37.51 ? 91   THR A CG2 1 
ATOM   187  N N   . GLY A 1 28  ? 5.676   -11.319 5.743   1.00 41.42 ? 92   GLY A N   1 
ATOM   188  C CA  . GLY A 1 28  ? 6.805   -11.311 6.674   1.00 42.76 ? 92   GLY A CA  1 
ATOM   189  C C   . GLY A 1 28  ? 6.579   -10.568 7.979   1.00 43.02 ? 92   GLY A C   1 
ATOM   190  O O   . GLY A 1 28  ? 5.454   -10.440 8.464   1.00 43.29 ? 92   GLY A O   1 
ATOM   191  N N   . ASP A 1 29  ? 7.676   -10.109 8.571   1.00 43.89 ? 93   ASP A N   1 
ATOM   192  C CA  . ASP A 1 29  ? 7.588   -9.325  9.783   1.00 43.92 ? 93   ASP A CA  1 
ATOM   193  C C   . ASP A 1 29  ? 7.208   -7.891  9.431   1.00 42.45 ? 93   ASP A C   1 
ATOM   194  O O   . ASP A 1 29  ? 7.994   -7.162  8.826   1.00 42.78 ? 93   ASP A O   1 
ATOM   195  C CB  . ASP A 1 29  ? 8.908   -9.356  10.548  1.00 44.85 ? 93   ASP A CB  1 
ATOM   196  C CG  . ASP A 1 29  ? 8.951   -8.332  11.652  1.00 47.98 ? 93   ASP A CG  1 
ATOM   197  O OD1 . ASP A 1 29  ? 7.913   -8.142  12.336  1.00 50.77 ? 93   ASP A OD1 1 
ATOM   198  O OD2 . ASP A 1 29  ? 10.032  -7.720  11.841  1.00 54.84 ? 93   ASP A OD2 1 
ATOM   199  N N   . LEU A 1 30  ? 6.005   -7.496  9.841   1.00 41.78 ? 94   LEU A N   1 
ATOM   200  C CA  . LEU A 1 30  ? 5.458   -6.176  9.494   1.00 41.07 ? 94   LEU A CA  1 
ATOM   201  C C   . LEU A 1 30  ? 6.069   -5.091  10.373  1.00 41.71 ? 94   LEU A C   1 
ATOM   202  O O   . LEU A 1 30  ? 6.021   -3.913  10.044  1.00 40.65 ? 94   LEU A O   1 
ATOM   203  C CB  . LEU A 1 30  ? 3.932   -6.154  9.620   1.00 40.29 ? 94   LEU A CB  1 
ATOM   204  C CG  . LEU A 1 30  ? 3.141   -7.200  8.814   1.00 39.80 ? 94   LEU A CG  1 
ATOM   205  C CD1 . LEU A 1 30  ? 1.659   -7.145  9.183   1.00 39.69 ? 94   LEU A CD1 1 
ATOM   206  C CD2 . LEU A 1 30  ? 3.365   -7.037  7.308   1.00 38.38 ? 94   LEU A CD2 1 
ATOM   207  N N   . GLU A 1 31  ? 6.630   -5.496  11.505  1.00 42.60 ? 95   GLU A N   1 
ATOM   208  C CA  . GLU A 1 31  ? 7.329   -4.557  12.373  1.00 44.66 ? 95   GLU A CA  1 
ATOM   209  C C   . GLU A 1 31  ? 8.557   -3.964  11.690  1.00 44.54 ? 95   GLU A C   1 
ATOM   210  O O   . GLU A 1 31  ? 8.848   -2.785  11.884  1.00 44.34 ? 95   GLU A O   1 
ATOM   211  C CB  . GLU A 1 31  ? 7.698   -5.242  13.696  1.00 45.89 ? 95   GLU A CB  1 
ATOM   212  C CG  . GLU A 1 31  ? 6.744   -4.965  14.876  1.00 51.01 ? 95   GLU A CG  1 
ATOM   213  C CD  . GLU A 1 31  ? 5.449   -4.224  14.510  1.00 55.97 ? 95   GLU A CD  1 
ATOM   214  O OE1 . GLU A 1 31  ? 5.332   -3.046  14.920  1.00 58.80 ? 95   GLU A OE1 1 
ATOM   215  O OE2 . GLU A 1 31  ? 4.546   -4.804  13.845  1.00 58.10 ? 95   GLU A OE2 1 
ATOM   216  N N   . SER A 1 32  ? 9.249   -4.777  10.884  1.00 44.79 ? 96   SER A N   1 
ATOM   217  C CA  . SER A 1 32  ? 10.448  -4.357  10.107  1.00 45.45 ? 96   SER A CA  1 
ATOM   218  C C   . SER A 1 32  ? 10.245  -3.065  9.292   1.00 45.12 ? 96   SER A C   1 
ATOM   219  O O   . SER A 1 32  ? 11.138  -2.213  9.225   1.00 44.27 ? 96   SER A O   1 
ATOM   220  C CB  . SER A 1 32  ? 10.865  -5.465  9.113   1.00 45.62 ? 96   SER A CB  1 
ATOM   221  O OG  . SER A 1 32  ? 11.222  -6.681  9.746   1.00 49.06 ? 96   SER A OG  1 
ATOM   222  N N   . PHE A 1 33  ? 9.084   -2.945  8.640   1.00 44.53 ? 97   PHE A N   1 
ATOM   223  C CA  . PHE A 1 33  ? 8.844   -1.838  7.698   1.00 45.38 ? 97   PHE A CA  1 
ATOM   224  C C   . PHE A 1 33  ? 8.925   -0.507  8.373   1.00 45.73 ? 97   PHE A C   1 
ATOM   225  O O   . PHE A 1 33  ? 9.418   0.460   7.776   1.00 45.55 ? 97   PHE A O   1 
ATOM   226  C CB  . PHE A 1 33  ? 7.481   -1.940  7.019   1.00 45.24 ? 97   PHE A CB  1 
ATOM   227  C CG  . PHE A 1 33  ? 7.213   -3.263  6.454   1.00 45.38 ? 97   PHE A CG  1 
ATOM   228  C CD1 . PHE A 1 33  ? 8.255   -4.045  5.983   1.00 44.82 ? 97   PHE A CD1 1 
ATOM   229  C CD2 . PHE A 1 33  ? 5.916   -3.731  6.369   1.00 47.18 ? 97   PHE A CD2 1 
ATOM   230  C CE1 . PHE A 1 33  ? 8.004   -5.297  5.470   1.00 48.23 ? 97   PHE A CE1 1 
ATOM   231  C CE2 . PHE A 1 33  ? 5.664   -4.978  5.851   1.00 45.73 ? 97   PHE A CE2 1 
ATOM   232  C CZ  . PHE A 1 33  ? 6.703   -5.761  5.410   1.00 45.54 ? 97   PHE A CZ  1 
ATOM   233  N N   . LYS A 1 34  ? 8.444   -0.469  9.620   1.00 46.63 ? 98   LYS A N   1 
ATOM   234  C CA  . LYS A 1 34  ? 8.451   0.760   10.432  1.00 47.75 ? 98   LYS A CA  1 
ATOM   235  C C   . LYS A 1 34  ? 9.837   1.394   10.494  1.00 47.80 ? 98   LYS A C   1 
ATOM   236  O O   . LYS A 1 34  ? 9.953   2.615   10.672  1.00 48.65 ? 98   LYS A O   1 
ATOM   237  C CB  . LYS A 1 34  ? 7.889   0.492   11.841  1.00 47.76 ? 98   LYS A CB  1 
ATOM   238  C CG  . LYS A 1 34  ? 6.358   0.477   11.861  1.00 50.13 ? 98   LYS A CG  1 
ATOM   239  C CD  . LYS A 1 34  ? 5.765   -0.221  13.081  1.00 53.29 ? 98   LYS A CD  1 
ATOM   240  C CE  . LYS A 1 34  ? 4.376   -0.780  12.719  1.00 57.06 ? 98   LYS A CE  1 
ATOM   241  N NZ  . LYS A 1 34  ? 3.574   -1.300  13.883  1.00 59.66 ? 98   LYS A NZ  1 
ATOM   242  N N   . LYS A 1 35  ? 10.876  0.575   10.297  1.00 47.98 ? 99   LYS A N   1 
ATOM   243  C CA  . LYS A 1 35  ? 12.275  0.998   10.399  1.00 48.19 ? 99   LYS A CA  1 
ATOM   244  C C   . LYS A 1 35  ? 12.916  1.264   9.011   1.00 48.13 ? 99   LYS A C   1 
ATOM   245  O O   . LYS A 1 35  ? 14.086  1.678   8.903   1.00 48.65 ? 99   LYS A O   1 
ATOM   246  C CB  . LYS A 1 35  ? 13.067  -0.043  11.200  1.00 48.47 ? 99   LYS A CB  1 
ATOM   247  C CG  . LYS A 1 35  ? 12.316  -0.653  12.425  1.00 49.79 ? 99   LYS A CG  1 
ATOM   248  C CD  . LYS A 1 35  ? 12.303  0.250   13.699  1.00 52.06 ? 99   LYS A CD  1 
ATOM   249  C CE  . LYS A 1 35  ? 13.616  0.147   14.559  1.00 51.88 ? 99   LYS A CE  1 
ATOM   250  N NZ  . LYS A 1 35  ? 13.576  0.947   15.843  1.00 47.96 ? 99   LYS A NZ  1 
ATOM   251  N N   . GLN A 1 36  ? 12.133  1.031   7.955   1.00 47.26 ? 100  GLN A N   1 
ATOM   252  C CA  . GLN A 1 36  ? 12.565  1.244   6.557   1.00 46.43 ? 100  GLN A CA  1 
ATOM   253  C C   . GLN A 1 36  ? 11.734  2.356   5.890   1.00 44.41 ? 100  GLN A C   1 
ATOM   254  O O   . GLN A 1 36  ? 10.729  2.799   6.446   1.00 45.53 ? 100  GLN A O   1 
ATOM   255  C CB  . GLN A 1 36  ? 12.417  -0.057  5.759   1.00 46.23 ? 100  GLN A CB  1 
ATOM   256  C CG  . GLN A 1 36  ? 13.144  -1.277  6.384   1.00 47.87 ? 100  GLN A CG  1 
ATOM   257  C CD  . GLN A 1 36  ? 12.643  -2.625  5.866   1.00 48.71 ? 100  GLN A CD  1 
ATOM   258  O OE1 . GLN A 1 36  ? 11.931  -2.712  4.850   1.00 50.98 ? 100  GLN A OE1 1 
ATOM   259  N NE2 . GLN A 1 36  ? 13.021  -3.697  6.574   1.00 51.62 ? 100  GLN A NE2 1 
ATOM   260  N N   . SER A 1 37  ? 12.112  2.758   4.684   1.00 41.56 ? 101  SER A N   1 
ATOM   261  C CA  . SER A 1 37  ? 11.368  3.774   3.932   1.00 39.52 ? 101  SER A CA  1 
ATOM   262  C C   . SER A 1 37  ? 11.601  3.595   2.440   1.00 38.25 ? 101  SER A C   1 
ATOM   263  O O   . SER A 1 37  ? 12.666  3.129   2.036   1.00 37.98 ? 101  SER A O   1 
ATOM   264  C CB  . SER A 1 37  ? 11.782  5.199   4.346   1.00 40.04 ? 101  SER A CB  1 
ATOM   265  O OG  . SER A 1 37  ? 10.939  6.172   3.713   1.00 41.30 ? 101  SER A OG  1 
ATOM   266  N N   . PHE A 1 38  ? 10.615  3.964   1.637   1.00 35.88 ? 102  PHE A N   1 
ATOM   267  C CA  . PHE A 1 38  ? 10.789  4.070   0.199   1.00 35.07 ? 102  PHE A CA  1 
ATOM   268  C C   . PHE A 1 38  ? 11.100  5.515   -0.125  1.00 34.09 ? 102  PHE A C   1 
ATOM   269  O O   . PHE A 1 38  ? 10.425  6.430   0.367   1.00 33.97 ? 102  PHE A O   1 
ATOM   270  C CB  . PHE A 1 38  ? 9.512   3.696   -0.555  1.00 34.39 ? 102  PHE A CB  1 
ATOM   271  C CG  . PHE A 1 38  ? 9.136   2.251   -0.457  1.00 36.17 ? 102  PHE A CG  1 
ATOM   272  C CD1 . PHE A 1 38  ? 10.106  1.241   -0.541  1.00 36.62 ? 102  PHE A CD1 1 
ATOM   273  C CD2 . PHE A 1 38  ? 7.800   1.889   -0.340  1.00 37.92 ? 102  PHE A CD2 1 
ATOM   274  C CE1 . PHE A 1 38  ? 9.747   -0.110  -0.480  1.00 37.65 ? 102  PHE A CE1 1 
ATOM   275  C CE2 . PHE A 1 38  ? 7.429   0.531   -0.277  1.00 37.19 ? 102  PHE A CE2 1 
ATOM   276  C CZ  . PHE A 1 38  ? 8.415   -0.462  -0.352  1.00 35.86 ? 102  PHE A CZ  1 
ATOM   277  N N   . VAL A 1 39  ? 12.093  5.733   -0.973  1.00 32.14 ? 103  VAL A N   1 
ATOM   278  C CA  . VAL A 1 39  ? 12.359  7.086   -1.442  1.00 30.90 ? 103  VAL A CA  1 
ATOM   279  C C   . VAL A 1 39  ? 11.623  7.305   -2.769  1.00 30.84 ? 103  VAL A C   1 
ATOM   280  O O   . VAL A 1 39  ? 11.706  6.455   -3.680  1.00 30.34 ? 103  VAL A O   1 
ATOM   281  C CB  . VAL A 1 39  ? 13.886  7.370   -1.567  1.00 31.22 ? 103  VAL A CB  1 
ATOM   282  C CG1 . VAL A 1 39  ? 14.128  8.705   -2.244  1.00 31.00 ? 103  VAL A CG1 1 
ATOM   283  C CG2 . VAL A 1 39  ? 14.551  7.386   -0.176  1.00 30.75 ? 103  VAL A CG2 1 
ATOM   284  N N   . LEU A 1 40  ? 10.893  8.412   -2.865  1.00 30.29 ? 104  LEU A N   1 
ATOM   285  C CA  . LEU A 1 40  ? 10.392  8.909   -4.169  1.00 30.36 ? 104  LEU A CA  1 
ATOM   286  C C   . LEU A 1 40  ? 10.968  10.265  -4.436  1.00 30.37 ? 104  LEU A C   1 
ATOM   287  O O   . LEU A 1 40  ? 11.029  11.122  -3.548  1.00 30.17 ? 104  LEU A O   1 
ATOM   288  C CB  . LEU A 1 40  ? 8.866   8.994   -4.253  1.00 30.51 ? 104  LEU A CB  1 
ATOM   289  C CG  . LEU A 1 40  ? 8.053   7.691   -4.190  1.00 31.28 ? 104  LEU A CG  1 
ATOM   290  C CD1 . LEU A 1 40  ? 6.590   8.076   -4.219  1.00 31.84 ? 104  LEU A CD1 1 
ATOM   291  C CD2 . LEU A 1 40  ? 8.416   6.705   -5.329  1.00 32.57 ? 104  LEU A CD2 1 
ATOM   292  N N   . LYS A 1 41  ? 11.400  10.465  -5.678  1.00 30.13 ? 105  LYS A N   1 
ATOM   293  C CA  . LYS A 1 41  ? 11.743  11.789  -6.134  1.00 29.94 ? 105  LYS A CA  1 
ATOM   294  C C   . LYS A 1 41  ? 10.485  12.622  -6.203  1.00 29.80 ? 105  LYS A C   1 
ATOM   295  O O   . LYS A 1 41  ? 9.421   12.149  -6.619  1.00 31.05 ? 105  LYS A O   1 
ATOM   296  C CB  . LYS A 1 41  ? 12.436  11.732  -7.506  1.00 29.99 ? 105  LYS A CB  1 
ATOM   297  C CG  . LYS A 1 41  ? 12.745  13.106  -8.070  1.00 29.44 ? 105  LYS A CG  1 
ATOM   298  C CD  . LYS A 1 41  ? 13.370  12.990  -9.458  1.00 33.49 ? 105  LYS A CD  1 
ATOM   299  C CE  . LYS A 1 41  ? 13.639  14.359  -10.023 1.00 36.09 ? 105  LYS A CE  1 
ATOM   300  N NZ  . LYS A 1 41  ? 14.402  14.206  -11.322 1.00 37.94 ? 105  LYS A NZ  1 
ATOM   301  N N   . GLU A 1 42  ? 10.593  13.866  -5.774  1.00 30.28 ? 106  GLU A N   1 
ATOM   302  C CA  . GLU A 1 42  ? 9.447   14.754  -5.721  1.00 31.12 ? 106  GLU A CA  1 
ATOM   303  C C   . GLU A 1 42  ? 8.790   14.924  -7.095  1.00 31.76 ? 106  GLU A C   1 
ATOM   304  O O   . GLU A 1 42  ? 9.491   14.924  -8.140  1.00 32.38 ? 106  GLU A O   1 
ATOM   305  C CB  . GLU A 1 42  ? 9.862   16.105  -5.123  1.00 30.61 ? 106  GLU A CB  1 
ATOM   306  C CG  . GLU A 1 42  ? 10.729  16.976  -6.074  1.00 32.60 ? 106  GLU A CG  1 
ATOM   307  C CD  . GLU A 1 42  ? 11.116  18.327  -5.471  1.00 32.99 ? 106  GLU A CD  1 
ATOM   308  O OE1 . GLU A 1 42  ? 10.657  18.665  -4.351  1.00 35.10 ? 106  GLU A OE1 1 
ATOM   309  O OE2 . GLU A 1 42  ? 11.904  19.048  -6.120  1.00 35.17 ? 106  GLU A OE2 1 
ATOM   310  N N   . GLY A 1 43  ? 7.461   15.026  -7.101  1.00 30.97 ? 107  GLY A N   1 
ATOM   311  C CA  . GLY A 1 43  ? 6.685   15.244  -8.331  1.00 30.87 ? 107  GLY A CA  1 
ATOM   312  C C   . GLY A 1 43  ? 6.443   14.060  -9.254  1.00 31.64 ? 107  GLY A C   1 
ATOM   313  O O   . GLY A 1 43  ? 5.680   14.183  -10.230 1.00 31.36 ? 107  GLY A O   1 
ATOM   314  N N   . VAL A 1 44  ? 7.072   12.916  -8.988  1.00 32.11 ? 108  VAL A N   1 
ATOM   315  C CA  . VAL A 1 44  ? 6.935   11.754  -9.899  1.00 32.30 ? 108  VAL A CA  1 
ATOM   316  C C   . VAL A 1 44  ? 5.545   11.091  -9.858  1.00 32.61 ? 108  VAL A C   1 
ATOM   317  O O   . VAL A 1 44  ? 4.861   11.080  -8.818  1.00 31.87 ? 108  VAL A O   1 
ATOM   318  C CB  . VAL A 1 44  ? 8.018   10.653  -9.658  1.00 32.56 ? 108  VAL A CB  1 
ATOM   319  C CG1 . VAL A 1 44  ? 9.415   11.222  -9.845  1.00 31.26 ? 108  VAL A CG1 1 
ATOM   320  C CG2 . VAL A 1 44  ? 7.824   9.954   -8.258  1.00 33.89 ? 108  VAL A CG2 1 
ATOM   321  N N   . GLU A 1 45  ? 5.140   10.503  -10.984 1.00 31.94 ? 109  GLU A N   1 
ATOM   322  C CA  . GLU A 1 45  ? 3.926   9.715   -10.989 1.00 32.48 ? 109  GLU A CA  1 
ATOM   323  C C   . GLU A 1 45  ? 4.225   8.307   -10.486 1.00 31.53 ? 109  GLU A C   1 
ATOM   324  O O   . GLU A 1 45  ? 5.316   7.745   -10.748 1.00 31.16 ? 109  GLU A O   1 
ATOM   325  C CB  . GLU A 1 45  ? 3.320   9.659   -12.393 1.00 33.51 ? 109  GLU A CB  1 
ATOM   326  C CG  . GLU A 1 45  ? 2.792   11.012  -12.853 1.00 36.19 ? 109  GLU A CG  1 
ATOM   327  C CD  . GLU A 1 45  ? 2.171   10.910  -14.236 1.00 39.79 ? 109  GLU A CD  1 
ATOM   328  O OE1 . GLU A 1 45  ? 2.774   10.237  -15.104 1.00 38.82 ? 109  GLU A OE1 1 
ATOM   329  O OE2 . GLU A 1 45  ? 1.070   11.468  -14.426 1.00 41.66 ? 109  GLU A OE2 1 
ATOM   330  N N   . TYR A 1 46  ? 3.269   7.761   -9.725  1.00 31.16 ? 110  TYR A N   1 
ATOM   331  C CA  . TYR A 1 46  ? 3.301   6.368   -9.299  1.00 30.17 ? 110  TYR A CA  1 
ATOM   332  C C   . TYR A 1 46  ? 1.909   5.814   -9.038  1.00 30.50 ? 110  TYR A C   1 
ATOM   333  O O   . TYR A 1 46  ? 0.922   6.559   -8.987  1.00 29.61 ? 110  TYR A O   1 
ATOM   334  C CB  . TYR A 1 46  ? 4.184   6.182   -8.068  1.00 30.48 ? 110  TYR A CB  1 
ATOM   335  C CG  . TYR A 1 46  ? 3.586   6.807   -6.846  1.00 28.17 ? 110  TYR A CG  1 
ATOM   336  C CD1 . TYR A 1 46  ? 3.699   8.187   -6.614  1.00 28.18 ? 110  TYR A CD1 1 
ATOM   337  C CD2 . TYR A 1 46  ? 2.867   6.037   -5.948  1.00 30.86 ? 110  TYR A CD2 1 
ATOM   338  C CE1 . TYR A 1 46  ? 3.126   8.780   -5.467  1.00 31.37 ? 110  TYR A CE1 1 
ATOM   339  C CE2 . TYR A 1 46  ? 2.275   6.612   -4.814  1.00 29.46 ? 110  TYR A CE2 1 
ATOM   340  C CZ  . TYR A 1 46  ? 2.413   7.968   -4.584  1.00 31.26 ? 110  TYR A CZ  1 
ATOM   341  O OH  . TYR A 1 46  ? 1.806   8.499   -3.469  1.00 29.51 ? 110  TYR A OH  1 
ATOM   342  N N   . ARG A 1 47  ? 1.855   4.485   -8.878  1.00 30.82 ? 111  ARG A N   1 
ATOM   343  C CA  . ARG A 1 47  ? 0.661   3.765   -8.475  1.00 30.65 ? 111  ARG A CA  1 
ATOM   344  C C   . ARG A 1 47  ? 1.063   2.823   -7.340  1.00 30.07 ? 111  ARG A C   1 
ATOM   345  O O   . ARG A 1 47  ? 2.226   2.404   -7.253  1.00 30.14 ? 111  ARG A O   1 
ATOM   346  C CB  . ARG A 1 47  ? 0.086   2.939   -9.633  1.00 31.33 ? 111  ARG A CB  1 
ATOM   347  C CG  . ARG A 1 47  ? -0.217  3.786   -10.850 1.00 35.81 ? 111  ARG A CG  1 
ATOM   348  C CD  . ARG A 1 47  ? -0.448  2.940   -12.072 1.00 40.48 ? 111  ARG A CD  1 
ATOM   349  N NE  . ARG A 1 47  ? -1.791  2.402   -12.012 1.00 47.69 ? 111  ARG A NE  1 
ATOM   350  C CZ  . ARG A 1 47  ? -2.803  2.746   -12.804 1.00 50.49 ? 111  ARG A CZ  1 
ATOM   351  N NH1 . ARG A 1 47  ? -2.646  3.641   -13.775 1.00 54.69 ? 111  ARG A NH1 1 
ATOM   352  N NH2 . ARG A 1 47  ? -3.981  2.158   -12.629 1.00 50.27 ? 111  ARG A NH2 1 
ATOM   353  N N   . ILE A 1 48  ? 0.105   2.518   -6.464  1.00 27.73 ? 112  ILE A N   1 
ATOM   354  C CA  . ILE A 1 48  ? 0.315   1.547   -5.411  1.00 26.93 ? 112  ILE A CA  1 
ATOM   355  C C   . ILE A 1 48  ? -0.349  0.250   -5.848  1.00 26.77 ? 112  ILE A C   1 
ATOM   356  O O   . ILE A 1 48  ? -1.528  0.246   -6.251  1.00 25.80 ? 112  ILE A O   1 
ATOM   357  C CB  . ILE A 1 48  ? -0.287  2.031   -4.080  1.00 26.64 ? 112  ILE A CB  1 
ATOM   358  C CG1 . ILE A 1 48  ? 0.398   3.356   -3.667  1.00 29.06 ? 112  ILE A CG1 1 
ATOM   359  C CG2 . ILE A 1 48  ? -0.205  0.910   -2.977  1.00 27.53 ? 112  ILE A CG2 1 
ATOM   360  C CD1 . ILE A 1 48  ? -0.550  4.334   -2.942  1.00 33.82 ? 112  ILE A CD1 1 
ATOM   361  N N   . LYS A 1 49  ? 0.434   -0.824  -5.830  1.00 25.61 ? 113  LYS A N   1 
ATOM   362  C CA  . LYS A 1 49  ? -0.088  -2.137  -6.193  1.00 26.79 ? 113  LYS A CA  1 
ATOM   363  C C   . LYS A 1 49  ? -0.179  -2.979  -4.942  1.00 25.91 ? 113  LYS A C   1 
ATOM   364  O O   . LYS A 1 49  ? 0.802   -3.129  -4.216  1.00 28.04 ? 113  LYS A O   1 
ATOM   365  C CB  . LYS A 1 49  ? 0.851   -2.786  -7.204  1.00 26.20 ? 113  LYS A CB  1 
ATOM   366  C CG  . LYS A 1 49  ? 0.362   -4.120  -7.735  1.00 29.16 ? 113  LYS A CG  1 
ATOM   367  C CD  . LYS A 1 49  ? 1.213   -4.609  -8.888  1.00 34.62 ? 113  LYS A CD  1 
ATOM   368  C CE  . LYS A 1 49  ? 2.441   -5.299  -8.360  1.00 38.15 ? 113  LYS A CE  1 
ATOM   369  N NZ  . LYS A 1 49  ? 3.330   -5.790  -9.460  1.00 40.98 ? 113  LYS A NZ  1 
ATOM   370  N N   . ILE A 1 50  ? -1.364  -3.488  -4.639  1.00 27.45 ? 114  ILE A N   1 
ATOM   371  C CA  . ILE A 1 50  ? -1.522  -4.459  -3.555  1.00 26.57 ? 114  ILE A CA  1 
ATOM   372  C C   . ILE A 1 50  ? -1.758  -5.855  -4.166  1.00 27.06 ? 114  ILE A C   1 
ATOM   373  O O   . ILE A 1 50  ? -2.647  -6.034  -5.004  1.00 27.64 ? 114  ILE A O   1 
ATOM   374  C CB  . ILE A 1 50  ? -2.726  -4.094  -2.627  1.00 24.83 ? 114  ILE A CB  1 
ATOM   375  C CG1 . ILE A 1 50  ? -2.679  -2.607  -2.188  1.00 26.28 ? 114  ILE A CG1 1 
ATOM   376  C CG2 . ILE A 1 50  ? -2.811  -5.078  -1.406  1.00 29.05 ? 114  ILE A CG2 1 
ATOM   377  C CD1 . ILE A 1 50  ? -1.469  -2.294  -1.304  1.00 26.53 ? 114  ILE A CD1 1 
ATOM   378  N N   . SER A 1 51  ? -0.934  -6.809  -3.759  1.00 27.70 ? 115  SER A N   1 
ATOM   379  C CA  . SER A 1 51  ? -1.017  -8.200  -4.200  1.00 28.57 ? 115  SER A CA  1 
ATOM   380  C C   . SER A 1 51  ? -1.665  -8.979  -3.075  1.00 28.15 ? 115  SER A C   1 
ATOM   381  O O   . SER A 1 51  ? -1.319  -8.773  -1.882  1.00 28.07 ? 115  SER A O   1 
ATOM   382  C CB  . SER A 1 51  ? 0.413   -8.725  -4.480  1.00 28.91 ? 115  SER A CB  1 
ATOM   383  O OG  . SER A 1 51  ? 1.057   -7.866  -5.420  1.00 32.49 ? 115  SER A OG  1 
ATOM   384  N N   . PHE A 1 52  ? -2.605  -9.862  -3.430  1.00 27.41 ? 116  PHE A N   1 
ATOM   385  C CA  . PHE A 1 52  ? -3.341  -10.635 -2.453  1.00 26.70 ? 116  PHE A CA  1 
ATOM   386  C C   . PHE A 1 52  ? -3.905  -11.929 -3.083  1.00 27.28 ? 116  PHE A C   1 
ATOM   387  O O   . PHE A 1 52  ? -3.982  -12.038 -4.287  1.00 27.73 ? 116  PHE A O   1 
ATOM   388  C CB  . PHE A 1 52  ? -4.480  -9.809  -1.825  1.00 27.50 ? 116  PHE A CB  1 
ATOM   389  C CG  . PHE A 1 52  ? -5.549  -9.376  -2.799  1.00 27.90 ? 116  PHE A CG  1 
ATOM   390  C CD1 . PHE A 1 52  ? -5.331  -8.289  -3.638  1.00 28.93 ? 116  PHE A CD1 1 
ATOM   391  C CD2 . PHE A 1 52  ? -6.754  -10.110 -2.916  1.00 28.96 ? 116  PHE A CD2 1 
ATOM   392  C CE1 . PHE A 1 52  ? -6.288  -7.881  -4.561  1.00 29.13 ? 116  PHE A CE1 1 
ATOM   393  C CE2 . PHE A 1 52  ? -7.749  -9.705  -3.845  1.00 28.90 ? 116  PHE A CE2 1 
ATOM   394  C CZ  . PHE A 1 52  ? -7.511  -8.597  -4.663  1.00 29.29 ? 116  PHE A CZ  1 
ATOM   395  N N   . ARG A 1 53  ? -4.237  -12.888 -2.240  1.00 27.03 ? 117  ARG A N   1 
ATOM   396  C CA  . ARG A 1 53  ? -4.822  -14.139 -2.657  1.00 28.03 ? 117  ARG A CA  1 
ATOM   397  C C   . ARG A 1 53  ? -6.130  -14.318 -1.861  1.00 26.49 ? 117  ARG A C   1 
ATOM   398  O O   . ARG A 1 53  ? -6.275  -13.830 -0.711  1.00 26.15 ? 117  ARG A O   1 
ATOM   399  C CB  . ARG A 1 53  ? -3.835  -15.316 -2.400  1.00 27.27 ? 117  ARG A CB  1 
ATOM   400  C CG  . ARG A 1 53  ? -2.688  -15.582 -3.435  1.00 29.91 ? 117  ARG A CG  1 
ATOM   401  C CD  . ARG A 1 53  ? -1.681  -16.768 -3.002  1.00 32.86 ? 117  ARG A CD  1 
ATOM   402  N NE  . ARG A 1 53  ? -2.304  -18.127 -2.801  1.00 47.85 ? 117  ARG A NE  1 
ATOM   403  C CZ  . ARG A 1 53  ? -1.851  -19.345 -3.231  1.00 51.57 ? 117  ARG A CZ  1 
ATOM   404  N NH1 . ARG A 1 53  ? -0.738  -19.478 -3.969  1.00 52.99 ? 117  ARG A NH1 1 
ATOM   405  N NH2 . ARG A 1 53  ? -2.526  -20.483 -2.923  1.00 49.08 ? 117  ARG A NH2 1 
ATOM   406  N N   . VAL A 1 54  ? -7.075  -15.032 -2.472  1.00 25.17 ? 118  VAL A N   1 
ATOM   407  C CA  . VAL A 1 54  ? -8.337  -15.365 -1.876  1.00 25.27 ? 118  VAL A CA  1 
ATOM   408  C C   . VAL A 1 54  ? -8.366  -16.911 -1.867  1.00 25.98 ? 118  VAL A C   1 
ATOM   409  O O   . VAL A 1 54  ? -8.094  -17.555 -2.902  1.00 25.34 ? 118  VAL A O   1 
ATOM   410  C CB  . VAL A 1 54  ? -9.538  -14.767 -2.699  1.00 25.17 ? 118  VAL A CB  1 
ATOM   411  C CG1 . VAL A 1 54  ? -10.876 -15.191 -2.078  1.00 26.38 ? 118  VAL A CG1 1 
ATOM   412  C CG2 . VAL A 1 54  ? -9.426  -13.209 -2.803  1.00 26.31 ? 118  VAL A CG2 1 
ATOM   413  N N   . ASN A 1 55  ? -8.700  -17.487 -0.719  1.00 26.30 ? 119  ASN A N   1 
ATOM   414  C CA  . ASN A 1 55  ? -8.639  -18.940 -0.536  1.00 27.72 ? 119  ASN A CA  1 
ATOM   415  C C   . ASN A 1 55  ? -9.951  -19.702 -0.635  1.00 28.35 ? 119  ASN A C   1 
ATOM   416  O O   . ASN A 1 55  ? -9.965  -20.774 -1.197  1.00 28.75 ? 119  ASN A O   1 
ATOM   417  C CB  . ASN A 1 55  ? -8.004  -19.296 0.795   1.00 27.85 ? 119  ASN A CB  1 
ATOM   418  C CG  . ASN A 1 55  ? -6.530  -19.039 0.817   1.00 28.79 ? 119  ASN A CG  1 
ATOM   419  O OD1 . ASN A 1 55  ? -5.845  -19.263 -0.151  1.00 28.79 ? 119  ASN A OD1 1 
ATOM   420  N ND2 . ASN A 1 55  ? -6.029  -18.608 1.960   1.00 28.23 ? 119  ASN A ND2 1 
ATOM   421  N N   . ARG A 1 56  ? -11.032 -19.180 -0.080  1.00 28.61 ? 120  ARG A N   1 
ATOM   422  C CA  . ARG A 1 56  ? -12.220 -20.028 0.077   1.00 30.85 ? 120  ARG A CA  1 
ATOM   423  C C   . ARG A 1 56  ? -13.493 -19.480 -0.550  1.00 30.07 ? 120  ARG A C   1 
ATOM   424  O O   . ARG A 1 56  ? -14.171 -20.202 -1.277  1.00 29.50 ? 120  ARG A O   1 
ATOM   425  C CB  . ARG A 1 56  ? -12.452 -20.375 1.549   1.00 30.70 ? 120  ARG A CB  1 
ATOM   426  C CG  . ARG A 1 56  ? -11.321 -21.241 2.173   1.00 33.52 ? 120  ARG A CG  1 
ATOM   427  C CD  . ARG A 1 56  ? -11.626 -21.551 3.646   1.00 34.75 ? 120  ARG A CD  1 
ATOM   428  N NE  . ARG A 1 56  ? -11.543 -20.356 4.516   1.00 35.52 ? 120  ARG A NE  1 
ATOM   429  C CZ  . ARG A 1 56  ? -12.578 -19.581 4.859   1.00 35.99 ? 120  ARG A CZ  1 
ATOM   430  N NH1 . ARG A 1 56  ? -13.804 -19.818 4.378   1.00 33.97 ? 120  ARG A NH1 1 
ATOM   431  N NH2 . ARG A 1 56  ? -12.380 -18.548 5.674   1.00 33.81 ? 120  ARG A NH2 1 
ATOM   432  N N   . GLU A 1 57  ? -13.792 -18.218 -0.278  1.00 30.46 ? 121  GLU A N   1 
ATOM   433  C CA  . GLU A 1 57  ? -15.071 -17.611 -0.658  1.00 32.25 ? 121  GLU A CA  1 
ATOM   434  C C   . GLU A 1 57  ? -14.883 -16.306 -1.372  1.00 32.25 ? 121  GLU A C   1 
ATOM   435  O O   . GLU A 1 57  ? -13.958 -15.542 -1.057  1.00 31.08 ? 121  GLU A O   1 
ATOM   436  C CB  . GLU A 1 57  ? -15.887 -17.291 0.589   1.00 33.05 ? 121  GLU A CB  1 
ATOM   437  C CG  . GLU A 1 57  ? -16.291 -18.496 1.369   1.00 38.40 ? 121  GLU A CG  1 
ATOM   438  C CD  . GLU A 1 57  ? -17.270 -18.160 2.491   1.00 45.08 ? 121  GLU A CD  1 
ATOM   439  O OE1 . GLU A 1 57  ? -17.947 -19.102 2.964   1.00 47.18 ? 121  GLU A OE1 1 
ATOM   440  O OE2 . GLU A 1 57  ? -17.360 -16.980 2.900   1.00 48.18 ? 121  GLU A OE2 1 
ATOM   441  N N   . ILE A 1 58  ? -15.806 -16.014 -2.278  1.00 31.13 ? 122  ILE A N   1 
ATOM   442  C CA  . ILE A 1 58  ? -15.857 -14.691 -2.908  1.00 33.63 ? 122  ILE A CA  1 
ATOM   443  C C   . ILE A 1 58  ? -15.987 -13.608 -1.862  1.00 33.15 ? 122  ILE A C   1 
ATOM   444  O O   . ILE A 1 58  ? -16.784 -13.717 -0.909  1.00 32.91 ? 122  ILE A O   1 
ATOM   445  C CB  . ILE A 1 58  ? -17.052 -14.556 -3.870  1.00 32.61 ? 122  ILE A CB  1 
ATOM   446  C CG1 . ILE A 1 58  ? -16.809 -15.401 -5.094  1.00 36.69 ? 122  ILE A CG1 1 
ATOM   447  C CG2 . ILE A 1 58  ? -17.348 -13.062 -4.241  1.00 36.15 ? 122  ILE A CG2 1 
ATOM   448  C CD1 . ILE A 1 58  ? -18.132 -15.863 -5.712  1.00 35.67 ? 122  ILE A CD1 1 
ATOM   449  N N   . VAL A 1 59  ? -15.169 -12.580 -2.053  1.00 35.02 ? 123  VAL A N   1 
ATOM   450  C CA  . VAL A 1 59  ? -15.172 -11.399 -1.217  1.00 36.06 ? 123  VAL A CA  1 
ATOM   451  C C   . VAL A 1 59  ? -15.671 -10.237 -2.073  1.00 36.00 ? 123  VAL A C   1 
ATOM   452  O O   . VAL A 1 59  ? -15.254 -10.067 -3.234  1.00 36.89 ? 123  VAL A O   1 
ATOM   453  C CB  . VAL A 1 59  ? -13.744 -11.053 -0.678  1.00 36.58 ? 123  VAL A CB  1 
ATOM   454  C CG1 . VAL A 1 59  ? -13.842 -9.960  0.399   1.00 37.00 ? 123  VAL A CG1 1 
ATOM   455  C CG2 . VAL A 1 59  ? -13.083 -12.289 -0.086  1.00 36.32 ? 123  VAL A CG2 1 
ATOM   456  N N   . SER A 1 60  ? -16.559 -9.443  -1.518  1.00 34.87 ? 124  SER A N   1 
ATOM   457  C CA  . SER A 1 60  ? -17.047 -8.329  -2.295  1.00 36.30 ? 124  SER A CA  1 
ATOM   458  C C   . SER A 1 60  ? -16.836 -7.014  -1.590  1.00 34.96 ? 124  SER A C   1 
ATOM   459  O O   . SER A 1 60  ? -16.793 -6.955  -0.362  1.00 35.84 ? 124  SER A O   1 
ATOM   460  C CB  . SER A 1 60  ? -18.521 -8.526  -2.574  1.00 36.74 ? 124  SER A CB  1 
ATOM   461  O OG  . SER A 1 60  ? -19.185 -8.809  -1.357  1.00 42.38 ? 124  SER A OG  1 
ATOM   462  N N   . GLY A 1 61  ? -16.753 -5.960  -2.382  1.00 34.26 ? 125  GLY A N   1 
ATOM   463  C CA  . GLY A 1 61  ? -16.586 -4.620  -1.868  1.00 33.58 ? 125  GLY A CA  1 
ATOM   464  C C   . GLY A 1 61  ? -15.241 -4.512  -1.146  1.00 33.28 ? 125  GLY A C   1 
ATOM   465  O O   . GLY A 1 61  ? -15.133 -3.809  -0.157  1.00 33.10 ? 125  GLY A O   1 
ATOM   466  N N   . MET A 1 62  ? -14.236 -5.224  -1.645  1.00 32.61 ? 126  MET A N   1 
ATOM   467  C CA  . MET A 1 62  ? -12.848 -5.060  -1.144  1.00 34.04 ? 126  MET A CA  1 
ATOM   468  C C   . MET A 1 62  ? -12.453 -3.585  -1.257  1.00 30.89 ? 126  MET A C   1 
ATOM   469  O O   . MET A 1 62  ? -12.830 -2.883  -2.193  1.00 28.73 ? 126  MET A O   1 
ATOM   470  C CB  . MET A 1 62  ? -11.851 -5.913  -1.929  1.00 32.15 ? 126  MET A CB  1 
ATOM   471  C CG  . MET A 1 62  ? -12.205 -7.419  -1.979  1.00 37.67 ? 126  MET A CG  1 
ATOM   472  S SD  . MET A 1 62  ? -10.751 -8.482  -1.818  1.00 45.58 ? 126  MET A SD  1 
ATOM   473  C CE  . MET A 1 62  ? -10.332 -7.848  -0.182  1.00 34.47 ? 126  MET A CE  1 
ATOM   474  N N   . LYS A 1 63  ? -11.671 -3.119  -0.288  1.00 29.82 ? 127  LYS A N   1 
ATOM   475  C CA  . LYS A 1 63  ? -11.334 -1.726  -0.237  1.00 28.82 ? 127  LYS A CA  1 
ATOM   476  C C   . LYS A 1 63  ? -9.930  -1.585  0.357   1.00 27.89 ? 127  LYS A C   1 
ATOM   477  O O   . LYS A 1 63  ? -9.561  -2.331  1.255   1.00 27.06 ? 127  LYS A O   1 
ATOM   478  C CB  . LYS A 1 63  ? -12.356 -1.025  0.638   1.00 30.61 ? 127  LYS A CB  1 
ATOM   479  C CG  . LYS A 1 63  ? -12.177 0.458   0.642   1.00 35.60 ? 127  LYS A CG  1 
ATOM   480  C CD  . LYS A 1 63  ? -12.931 1.103   1.799   1.00 43.02 ? 127  LYS A CD  1 
ATOM   481  C CE  . LYS A 1 63  ? -14.398 1.171   1.571   1.00 45.28 ? 127  LYS A CE  1 
ATOM   482  N NZ  . LYS A 1 63  ? -15.009 1.933   2.728   1.00 49.61 ? 127  LYS A NZ  1 
ATOM   483  N N   . TYR A 1 64  ? -9.162  -0.657  -0.176  1.00 26.79 ? 128  TYR A N   1 
ATOM   484  C CA  . TYR A 1 64  ? -7.833  -0.395  0.341   1.00 27.47 ? 128  TYR A CA  1 
ATOM   485  C C   . TYR A 1 64  ? -7.852  1.035   0.872   1.00 27.14 ? 128  TYR A C   1 
ATOM   486  O O   . TYR A 1 64  ? -8.284  1.962   0.169   1.00 27.18 ? 128  TYR A O   1 
ATOM   487  C CB  . TYR A 1 64  ? -6.778  -0.588  -0.751  1.00 27.87 ? 128  TYR A CB  1 
ATOM   488  C CG  . TYR A 1 64  ? -5.433  -0.083  -0.345  1.00 30.67 ? 128  TYR A CG  1 
ATOM   489  C CD1 . TYR A 1 64  ? -4.725  -0.704  0.687   1.00 29.16 ? 128  TYR A CD1 1 
ATOM   490  C CD2 . TYR A 1 64  ? -4.871  1.039   -0.957  1.00 33.38 ? 128  TYR A CD2 1 
ATOM   491  C CE1 . TYR A 1 64  ? -3.493  -0.228  1.096   1.00 29.32 ? 128  TYR A CE1 1 
ATOM   492  C CE2 . TYR A 1 64  ? -3.616  1.517   -0.563  1.00 32.61 ? 128  TYR A CE2 1 
ATOM   493  C CZ  . TYR A 1 64  ? -2.948  0.870   0.478   1.00 32.38 ? 128  TYR A CZ  1 
ATOM   494  O OH  . TYR A 1 64  ? -1.719  1.307   0.890   1.00 33.33 ? 128  TYR A OH  1 
ATOM   495  N N   . ILE A 1 65  ? -7.500  1.169   2.153   1.00 26.94 ? 129  ILE A N   1 
ATOM   496  C CA  . ILE A 1 65  ? -7.633  2.435   2.872   1.00 27.98 ? 129  ILE A CA  1 
ATOM   497  C C   . ILE A 1 65  ? -6.231  2.833   3.227   1.00 27.04 ? 129  ILE A C   1 
ATOM   498  O O   . ILE A 1 65  ? -5.449  2.018   3.749   1.00 26.47 ? 129  ILE A O   1 
ATOM   499  C CB  . ILE A 1 65  ? -8.471  2.311   4.162   1.00 28.04 ? 129  ILE A CB  1 
ATOM   500  C CG1 . ILE A 1 65  ? -9.914  1.874   3.832   1.00 30.16 ? 129  ILE A CG1 1 
ATOM   501  C CG2 . ILE A 1 65  ? -8.472  3.693   4.950   1.00 30.34 ? 129  ILE A CG2 1 
ATOM   502  C CD1 . ILE A 1 65  ? -10.769 1.444   5.025   1.00 31.76 ? 129  ILE A CD1 1 
ATOM   503  N N   . GLN A 1 66  ? -5.912  4.094   2.966   1.00 26.97 ? 130  GLN A N   1 
ATOM   504  C CA  . GLN A 1 66  ? -4.582  4.565   3.253   1.00 27.24 ? 130  GLN A CA  1 
ATOM   505  C C   . GLN A 1 66  ? -4.658  5.905   3.986   1.00 26.26 ? 130  GLN A C   1 
ATOM   506  O O   . GLN A 1 66  ? -5.330  6.844   3.524   1.00 25.24 ? 130  GLN A O   1 
ATOM   507  C CB  . GLN A 1 66  ? -3.810  4.649   1.933   1.00 28.70 ? 130  GLN A CB  1 
ATOM   508  C CG  . GLN A 1 66  ? -2.367  4.865   2.106   1.00 31.73 ? 130  GLN A CG  1 
ATOM   509  C CD  . GLN A 1 66  ? -1.599  4.850   0.784   1.00 36.03 ? 130  GLN A CD  1 
ATOM   510  O OE1 . GLN A 1 66  ? -1.277  5.913   0.277   1.00 39.23 ? 130  GLN A OE1 1 
ATOM   511  N NE2 . GLN A 1 66  ? -1.257  3.668   0.260   1.00 31.42 ? 130  GLN A NE2 1 
ATOM   512  N N   . HIS A 1 67  ? -4.019  5.975   5.148   1.00 25.27 ? 131  HIS A N   1 
ATOM   513  C CA  . HIS A 1 67  ? -3.955  7.223   5.918   1.00 25.16 ? 131  HIS A CA  1 
ATOM   514  C C   . HIS A 1 67  ? -2.502  7.707   5.921   1.00 25.28 ? 131  HIS A C   1 
ATOM   515  O O   . HIS A 1 67  ? -1.574  6.919   6.162   1.00 26.84 ? 131  HIS A O   1 
ATOM   516  C CB  . HIS A 1 67  ? -4.395  7.002   7.363   1.00 26.05 ? 131  HIS A CB  1 
ATOM   517  C CG  . HIS A 1 67  ? -5.844  6.651   7.508   1.00 27.45 ? 131  HIS A CG  1 
ATOM   518  N ND1 . HIS A 1 67  ? -6.838  7.610   7.531   1.00 30.61 ? 131  HIS A ND1 1 
ATOM   519  C CD2 . HIS A 1 67  ? -6.472  5.457   7.602   1.00 30.49 ? 131  HIS A CD2 1 
ATOM   520  C CE1 . HIS A 1 67  ? -8.012  7.023   7.679   1.00 32.96 ? 131  HIS A CE1 1 
ATOM   521  N NE2 . HIS A 1 67  ? -7.820  5.717   7.717   1.00 29.88 ? 131  HIS A NE2 1 
ATOM   522  N N   . THR A 1 68  ? -2.301  8.980   5.649   1.00 24.33 ? 132  THR A N   1 
ATOM   523  C CA  . THR A 1 68  ? -0.941  9.544   5.604   1.00 24.80 ? 132  THR A CA  1 
ATOM   524  C C   . THR A 1 68  ? -0.740  10.546  6.734   1.00 24.58 ? 132  THR A C   1 
ATOM   525  O O   . THR A 1 68  ? -1.628  11.388  7.011   1.00 24.52 ? 132  THR A O   1 
ATOM   526  C CB  . THR A 1 68  ? -0.628  10.172  4.222   1.00 25.58 ? 132  THR A CB  1 
ATOM   527  O OG1 . THR A 1 68  ? -0.800  9.180   3.214   1.00 26.10 ? 132  THR A OG1 1 
ATOM   528  C CG2 . THR A 1 68  ? 0.855   10.607  4.163   1.00 26.62 ? 132  THR A CG2 1 
ATOM   529  N N   . TYR A 1 69  ? 0.397   10.417  7.417   1.00 22.81 ? 133  TYR A N   1 
ATOM   530  C CA  . TYR A 1 69  ? 0.747   11.282  8.521   1.00 24.02 ? 133  TYR A CA  1 
ATOM   531  C C   . TYR A 1 69  ? 2.045   12.024  8.217   1.00 23.55 ? 133  TYR A C   1 
ATOM   532  O O   . TYR A 1 69  ? 2.911   11.476  7.557   1.00 24.18 ? 133  TYR A O   1 
ATOM   533  C CB  . TYR A 1 69  ? 0.940   10.472  9.789   1.00 25.15 ? 133  TYR A CB  1 
ATOM   534  C CG  . TYR A 1 69  ? -0.345  9.813   10.236  1.00 25.91 ? 133  TYR A CG  1 
ATOM   535  C CD1 . TYR A 1 69  ? -0.788  8.650   9.616   1.00 28.22 ? 133  TYR A CD1 1 
ATOM   536  C CD2 . TYR A 1 69  ? -1.127  10.379  11.260  1.00 29.14 ? 133  TYR A CD2 1 
ATOM   537  C CE1 . TYR A 1 69  ? -1.988  8.046   9.982   1.00 30.56 ? 133  TYR A CE1 1 
ATOM   538  C CE2 . TYR A 1 69  ? -2.355  9.767   11.634  1.00 31.31 ? 133  TYR A CE2 1 
ATOM   539  C CZ  . TYR A 1 69  ? -2.743  8.612   10.978  1.00 30.16 ? 133  TYR A CZ  1 
ATOM   540  O OH  . TYR A 1 69  ? -3.898  7.954   11.310  1.00 36.38 ? 133  TYR A OH  1 
ATOM   541  N N   . ARG A 1 70  ? 2.180   13.224  8.764   1.00 23.37 ? 134  ARG A N   1 
ATOM   542  C CA  . ARG A 1 70  ? 3.468   13.921  8.709   1.00 23.72 ? 134  ARG A CA  1 
ATOM   543  C C   . ARG A 1 70  ? 3.708   14.473  10.094  1.00 23.36 ? 134  ARG A C   1 
ATOM   544  O O   . ARG A 1 70  ? 2.804   15.083  10.707  1.00 22.80 ? 134  ARG A O   1 
ATOM   545  C CB  . ARG A 1 70  ? 3.479   15.009  7.630   1.00 22.23 ? 134  ARG A CB  1 
ATOM   546  C CG  . ARG A 1 70  ? 4.934   15.597  7.488   1.00 28.77 ? 134  ARG A CG  1 
ATOM   547  C CD  . ARG A 1 70  ? 5.000   16.712  6.532   1.00 36.50 ? 134  ARG A CD  1 
ATOM   548  N NE  . ARG A 1 70  ? 6.401   17.008  6.162   1.00 37.56 ? 134  ARG A NE  1 
ATOM   549  C CZ  . ARG A 1 70  ? 6.734   17.946  5.269   1.00 37.34 ? 134  ARG A CZ  1 
ATOM   550  N NH1 . ARG A 1 70  ? 5.788   18.648  4.690   1.00 35.19 ? 134  ARG A NH1 1 
ATOM   551  N NH2 . ARG A 1 70  ? 8.014   18.200  4.952   1.00 39.54 ? 134  ARG A NH2 1 
ATOM   552  N N   . LYS A 1 71  ? 4.909   14.225  10.632  1.00 24.10 ? 135  LYS A N   1 
ATOM   553  C CA  . LYS A 1 71  ? 5.182   14.621  12.035  1.00 23.97 ? 135  LYS A CA  1 
ATOM   554  C C   . LYS A 1 71  ? 4.141   14.067  13.029  1.00 24.83 ? 135  LYS A C   1 
ATOM   555  O O   . LYS A 1 71  ? 3.814   14.723  14.032  1.00 23.24 ? 135  LYS A O   1 
ATOM   556  C CB  . LYS A 1 71  ? 5.301   16.192  12.161  1.00 23.30 ? 135  LYS A CB  1 
ATOM   557  C CG  . LYS A 1 71  ? 5.971   17.035  10.977  1.00 25.69 ? 135  LYS A CG  1 
ATOM   558  C CD  . LYS A 1 71  ? 7.534   16.746  10.793  1.00 29.03 ? 135  LYS A CD  1 
ATOM   559  C CE  . LYS A 1 71  ? 7.937   17.586  9.610   1.00 25.37 ? 135  LYS A CE  1 
ATOM   560  N NZ  . LYS A 1 71  ? 9.400   17.307  8.810   1.00 37.47 ? 135  LYS A NZ  1 
ATOM   561  N N   . GLY A 1 72  ? 3.560   12.897  12.716  1.00 24.81 ? 136  GLY A N   1 
ATOM   562  C CA  . GLY A 1 72  ? 2.541   12.280  13.575  1.00 26.39 ? 136  GLY A CA  1 
ATOM   563  C C   . GLY A 1 72  ? 1.175   12.912  13.494  1.00 26.01 ? 136  GLY A C   1 
ATOM   564  O O   . GLY A 1 72  ? 0.255   12.576  14.262  1.00 26.98 ? 136  GLY A O   1 
ATOM   565  N N   . VAL A 1 73  ? 1.021   13.816  12.532  1.00 24.72 ? 137  VAL A N   1 
ATOM   566  C CA  . VAL A 1 73  ? -0.242  14.517  12.324  1.00 24.24 ? 137  VAL A CA  1 
ATOM   567  C C   . VAL A 1 73  ? -0.928  13.970  11.068  1.00 24.43 ? 137  VAL A C   1 
ATOM   568  O O   . VAL A 1 73  ? -0.298  13.851  9.993   1.00 24.12 ? 137  VAL A O   1 
ATOM   569  C CB  . VAL A 1 73  ? -0.014  16.030  12.196  1.00 24.32 ? 137  VAL A CB  1 
ATOM   570  C CG1 . VAL A 1 73  ? -1.329  16.743  11.833  1.00 24.49 ? 137  VAL A CG1 1 
ATOM   571  C CG2 . VAL A 1 73  ? 0.642   16.584  13.498  1.00 24.15 ? 137  VAL A CG2 1 
ATOM   572  N N   . LYS A 1 74  ? -2.224  13.640  11.198  1.00 23.60 ? 138  LYS A N   1 
ATOM   573  C CA  . LYS A 1 74  ? -3.006  13.047  10.089  1.00 23.73 ? 138  LYS A CA  1 
ATOM   574  C C   . LYS A 1 74  ? -3.252  14.108  9.045   1.00 24.48 ? 138  LYS A C   1 
ATOM   575  O O   . LYS A 1 74  ? -3.810  15.191  9.365   1.00 25.48 ? 138  LYS A O   1 
ATOM   576  C CB  . LYS A 1 74  ? -4.356  12.560  10.605  1.00 23.93 ? 138  LYS A CB  1 
ATOM   577  C CG  . LYS A 1 74  ? -5.036  11.682  9.629   1.00 26.42 ? 138  LYS A CG  1 
ATOM   578  C CD  . LYS A 1 74  ? -6.450  11.473  10.001  1.00 24.65 ? 138  LYS A CD  1 
ATOM   579  C CE  . LYS A 1 74  ? -6.888  10.472  9.012   1.00 26.72 ? 138  LYS A CE  1 
ATOM   580  N NZ  . LYS A 1 74  ? -5.671  10.344  8.194   1.00 31.79 ? 138  LYS A NZ  1 
ATOM   581  N N   . ILE A 1 75  ? -2.802  13.858  7.819   1.00 25.17 ? 139  ILE A N   1 
ATOM   582  C CA  . ILE A 1 75  ? -2.921  14.874  6.763   1.00 27.24 ? 139  ILE A CA  1 
ATOM   583  C C   . ILE A 1 75  ? -3.665  14.380  5.511   1.00 26.75 ? 139  ILE A C   1 
ATOM   584  O O   . ILE A 1 75  ? -4.119  15.187  4.703   1.00 28.06 ? 139  ILE A O   1 
ATOM   585  C CB  . ILE A 1 75  ? -1.557  15.504  6.358   1.00 28.36 ? 139  ILE A CB  1 
ATOM   586  C CG1 . ILE A 1 75  ? -0.565  14.463  5.832   1.00 29.44 ? 139  ILE A CG1 1 
ATOM   587  C CG2 . ILE A 1 75  ? -0.928  16.373  7.530   1.00 28.22 ? 139  ILE A CG2 1 
ATOM   588  C CD1 . ILE A 1 75  ? 0.628   15.174  5.137   1.00 30.17 ? 139  ILE A CD1 1 
ATOM   589  N N   . ASP A 1 76  ? -3.795  13.076  5.335   1.00 26.00 ? 140  ASP A N   1 
ATOM   590  C CA  . ASP A 1 76  ? -4.542  12.577  4.164   1.00 27.78 ? 140  ASP A CA  1 
ATOM   591  C C   . ASP A 1 76  ? -5.187  11.256  4.478   1.00 26.88 ? 140  ASP A C   1 
ATOM   592  O O   . ASP A 1 76  ? -4.673  10.460  5.257   1.00 26.05 ? 140  ASP A O   1 
ATOM   593  C CB  . ASP A 1 76  ? -3.641  12.457  2.919   1.00 27.87 ? 140  ASP A CB  1 
ATOM   594  C CG  . ASP A 1 76  ? -4.428  12.284  1.593   1.00 34.61 ? 140  ASP A CG  1 
ATOM   595  O OD1 . ASP A 1 76  ? -3.842  11.670  0.684   1.00 41.74 ? 140  ASP A OD1 1 
ATOM   596  O OD2 . ASP A 1 76  ? -5.543  12.825  1.395   1.00 37.42 ? 140  ASP A OD2 1 
ATOM   597  N N   . LYS A 1 77  ? -6.352  11.039  3.888   1.00 26.78 ? 141  LYS A N   1 
ATOM   598  C CA  . LYS A 1 77  ? -7.036  9.767   4.030   1.00 27.26 ? 141  LYS A CA  1 
ATOM   599  C C   . LYS A 1 77  ? -7.652  9.476   2.689   1.00 28.32 ? 141  LYS A C   1 
ATOM   600  O O   . LYS A 1 77  ? -8.451  10.292  2.204   1.00 27.62 ? 141  LYS A O   1 
ATOM   601  C CB  . LYS A 1 77  ? -8.137  9.883   5.090   1.00 27.21 ? 141  LYS A CB  1 
ATOM   602  C CG  . LYS A 1 77  ? -9.126  8.689   5.029   1.00 29.12 ? 141  LYS A CG  1 
ATOM   603  C CD  . LYS A 1 77  ? -10.358 8.965   5.815   1.00 31.14 ? 141  LYS A CD  1 
ATOM   604  C CE  . LYS A 1 77  ? -11.108 7.683   5.834   1.00 34.36 ? 141  LYS A CE  1 
ATOM   605  N NZ  . LYS A 1 77  ? -10.306 6.912   4.854   1.00 35.02 ? 141  LYS A NZ  1 
ATOM   606  N N   . THR A 1 78  ? -7.291  8.338   2.084   1.00 27.76 ? 142  THR A N   1 
ATOM   607  C CA  . THR A 1 78  ? -7.890  7.948   0.801   1.00 31.05 ? 142  THR A CA  1 
ATOM   608  C C   . THR A 1 78  ? -8.410  6.527   0.899   1.00 31.16 ? 142  THR A C   1 
ATOM   609  O O   . THR A 1 78  ? -7.757  5.654   1.485   1.00 30.19 ? 142  THR A O   1 
ATOM   610  C CB  . THR A 1 78  ? -6.896  8.053   -0.399  1.00 30.89 ? 142  THR A CB  1 
ATOM   611  O OG1 . THR A 1 78  ? -6.365  9.374   -0.469  1.00 34.09 ? 142  THR A OG1 1 
ATOM   612  C CG2 . THR A 1 78  ? -7.626  7.745   -1.738  1.00 33.87 ? 142  THR A CG2 1 
ATOM   613  N N   . ASP A 1 79  ? -9.618  6.320   0.385   1.00 33.01 ? 143  ASP A N   1 
ATOM   614  C CA  . ASP A 1 79  ? -10.199 4.973   0.252   1.00 34.57 ? 143  ASP A CA  1 
ATOM   615  C C   . ASP A 1 79  ? -10.202 4.596   -1.244  1.00 35.32 ? 143  ASP A C   1 
ATOM   616  O O   . ASP A 1 79  ? -10.528 5.433   -2.113  1.00 34.97 ? 143  ASP A O   1 
ATOM   617  C CB  . ASP A 1 79  ? -11.648 4.930   0.756   1.00 37.11 ? 143  ASP A CB  1 
ATOM   618  C CG  . ASP A 1 79  ? -11.786 5.000   2.282   1.00 40.66 ? 143  ASP A CG  1 
ATOM   619  O OD1 . ASP A 1 79  ? -12.948 4.951   2.752   1.00 47.37 ? 143  ASP A OD1 1 
ATOM   620  O OD2 . ASP A 1 79  ? -10.789 5.113   3.032   1.00 43.79 ? 143  ASP A OD2 1 
ATOM   621  N N   . TYR A 1 80  ? -9.823  3.360   -1.558  1.00 33.82 ? 144  TYR A N   1 
ATOM   622  C CA  . TYR A 1 80  ? -9.838  2.913   -2.939  1.00 33.83 ? 144  TYR A CA  1 
ATOM   623  C C   . TYR A 1 80  ? -10.711 1.698   -3.002  1.00 33.95 ? 144  TYR A C   1 
ATOM   624  O O   . TYR A 1 80  ? -10.477 0.735   -2.274  1.00 32.87 ? 144  TYR A O   1 
ATOM   625  C CB  . TYR A 1 80  ? -8.449  2.546   -3.430  1.00 34.40 ? 144  TYR A CB  1 
ATOM   626  C CG  . TYR A 1 80  ? -7.398  3.635   -3.382  1.00 33.61 ? 144  TYR A CG  1 
ATOM   627  C CD1 . TYR A 1 80  ? -7.217  4.507   -4.461  1.00 36.24 ? 144  TYR A CD1 1 
ATOM   628  C CD2 . TYR A 1 80  ? -6.543  3.750   -2.299  1.00 35.79 ? 144  TYR A CD2 1 
ATOM   629  C CE1 . TYR A 1 80  ? -6.205  5.487   -4.442  1.00 34.06 ? 144  TYR A CE1 1 
ATOM   630  C CE2 . TYR A 1 80  ? -5.534  4.709   -2.267  1.00 34.10 ? 144  TYR A CE2 1 
ATOM   631  C CZ  . TYR A 1 80  ? -5.369  5.570   -3.342  1.00 35.53 ? 144  TYR A CZ  1 
ATOM   632  O OH  . TYR A 1 80  ? -4.369  6.517   -3.295  1.00 37.05 ? 144  TYR A OH  1 
ATOM   633  N N   . MET A 1 81  ? -11.719 1.733   -3.866  1.00 33.29 ? 145  MET A N   1 
ATOM   634  C CA  . MET A 1 81  ? -12.535 0.554   -4.108  1.00 34.16 ? 145  MET A CA  1 
ATOM   635  C C   . MET A 1 81  ? -11.735 -0.459  -4.961  1.00 33.08 ? 145  MET A C   1 
ATOM   636  O O   . MET A 1 81  ? -11.118 -0.098  -5.975  1.00 33.48 ? 145  MET A O   1 
ATOM   637  C CB  . MET A 1 81  ? -13.874 0.938   -4.765  1.00 35.40 ? 145  MET A CB  1 
ATOM   638  C CG  . MET A 1 81  ? -14.884 1.602   -3.772  1.00 41.42 ? 145  MET A CG  1 
ATOM   639  S SD  . MET A 1 81  ? -15.092 0.844   -2.101  1.00 51.29 ? 145  MET A SD  1 
ATOM   640  C CE  . MET A 1 81  ? -15.631 -0.837  -2.541  1.00 47.87 ? 145  MET A CE  1 
ATOM   641  N N   . VAL A 1 82  ? -11.706 -1.706  -4.509  1.00 31.68 ? 146  VAL A N   1 
ATOM   642  C CA  . VAL A 1 82  ? -10.820 -2.709  -5.095  1.00 30.80 ? 146  VAL A CA  1 
ATOM   643  C C   . VAL A 1 82  ? -11.646 -3.703  -5.932  1.00 31.14 ? 146  VAL A C   1 
ATOM   644  O O   . VAL A 1 82  ? -11.265 -4.056  -7.036  1.00 33.36 ? 146  VAL A O   1 
ATOM   645  C CB  . VAL A 1 82  ? -9.957  -3.409  -3.982  1.00 29.74 ? 146  VAL A CB  1 
ATOM   646  C CG1 . VAL A 1 82  ? -9.212  -4.653  -4.501  1.00 29.19 ? 146  VAL A CG1 1 
ATOM   647  C CG2 . VAL A 1 82  ? -8.962  -2.401  -3.405  1.00 28.61 ? 146  VAL A CG2 1 
ATOM   648  N N   . GLY A 1 83  ? -12.791 -4.120  -5.428  1.00 31.01 ? 147  GLY A N   1 
ATOM   649  C CA  . GLY A 1 83  ? -13.673 -4.946  -6.271  1.00 31.70 ? 147  GLY A CA  1 
ATOM   650  C C   . GLY A 1 83  ? -14.067 -6.250  -5.635  1.00 31.41 ? 147  GLY A C   1 
ATOM   651  O O   . GLY A 1 83  ? -14.027 -6.391  -4.420  1.00 30.65 ? 147  GLY A O   1 
ATOM   652  N N   . SER A 1 84  ? -14.497 -7.213  -6.461  1.00 31.94 ? 148  SER A N   1 
ATOM   653  C CA  . SER A 1 84  ? -14.869 -8.527  -5.973  1.00 33.02 ? 148  SER A CA  1 
ATOM   654  C C   . SER A 1 84  ? -13.965 -9.570  -6.611  1.00 32.97 ? 148  SER A C   1 
ATOM   655  O O   . SER A 1 84  ? -13.542 -9.408  -7.784  1.00 33.13 ? 148  SER A O   1 
ATOM   656  C CB  . SER A 1 84  ? -16.354 -8.857  -6.289  1.00 34.85 ? 148  SER A CB  1 
ATOM   657  O OG  . SER A 1 84  ? -17.187 -8.025  -5.479  1.00 39.48 ? 148  SER A OG  1 
ATOM   658  N N   . TYR A 1 85  ? -13.663 -10.607 -5.836  1.00 31.24 ? 149  TYR A N   1 
ATOM   659  C CA  . TYR A 1 85  ? -12.631 -11.591 -6.178  1.00 31.82 ? 149  TYR A CA  1 
ATOM   660  C C   . TYR A 1 85  ? -12.998 -12.939 -5.618  1.00 31.28 ? 149  TYR A C   1 
ATOM   661  O O   . TYR A 1 85  ? -13.323 -13.068 -4.432  1.00 32.09 ? 149  TYR A O   1 
ATOM   662  C CB  . TYR A 1 85  ? -11.249 -11.192 -5.618  1.00 32.25 ? 149  TYR A CB  1 
ATOM   663  C CG  . TYR A 1 85  ? -10.752 -9.915  -6.226  1.00 33.64 ? 149  TYR A CG  1 
ATOM   664  C CD1 . TYR A 1 85  ? -9.934  -9.933  -7.332  1.00 32.62 ? 149  TYR A CD1 1 
ATOM   665  C CD2 . TYR A 1 85  ? -11.178 -8.672  -5.737  1.00 33.36 ? 149  TYR A CD2 1 
ATOM   666  C CE1 . TYR A 1 85  ? -9.512  -8.766  -7.938  1.00 34.61 ? 149  TYR A CE1 1 
ATOM   667  C CE2 . TYR A 1 85  ? -10.770 -7.490  -6.352  1.00 32.34 ? 149  TYR A CE2 1 
ATOM   668  C CZ  . TYR A 1 85  ? -9.928  -7.549  -7.435  1.00 34.05 ? 149  TYR A CZ  1 
ATOM   669  O OH  . TYR A 1 85  ? -9.478  -6.386  -8.033  1.00 38.75 ? 149  TYR A OH  1 
ATOM   670  N N   . GLY A 1 86  ? -12.930 -13.936 -6.480  1.00 31.62 ? 150  GLY A N   1 
ATOM   671  C CA  . GLY A 1 86  ? -13.126 -15.324 -6.100  1.00 30.49 ? 150  GLY A CA  1 
ATOM   672  C C   . GLY A 1 86  ? -11.807 -16.022 -5.734  1.00 29.39 ? 150  GLY A C   1 
ATOM   673  O O   . GLY A 1 86  ? -10.707 -15.524 -6.042  1.00 28.99 ? 150  GLY A O   1 
ATOM   674  N N   . PRO A 1 87  ? -11.912 -17.174 -5.059  1.00 28.63 ? 151  PRO A N   1 
ATOM   675  C CA  . PRO A 1 87  ? -10.778 -17.943 -4.609  1.00 26.52 ? 151  PRO A CA  1 
ATOM   676  C C   . PRO A 1 87  ? -10.003 -18.571 -5.792  1.00 26.27 ? 151  PRO A C   1 
ATOM   677  O O   . PRO A 1 87  ? -10.625 -19.092 -6.744  1.00 25.94 ? 151  PRO A O   1 
ATOM   678  C CB  . PRO A 1 87  ? -11.417 -19.006 -3.719  1.00 26.90 ? 151  PRO A CB  1 
ATOM   679  C CG  . PRO A 1 87  ? -12.839 -19.163 -4.285  1.00 27.50 ? 151  PRO A CG  1 
ATOM   680  C CD  . PRO A 1 87  ? -13.203 -17.787 -4.664  1.00 28.93 ? 151  PRO A CD  1 
ATOM   681  N N   . ARG A 1 88  ? -8.673  -18.544 -5.689  1.00 25.28 ? 152  ARG A N   1 
ATOM   682  C CA  . ARG A 1 88  ? -7.780  -19.225 -6.634  1.00 24.67 ? 152  ARG A CA  1 
ATOM   683  C C   . ARG A 1 88  ? -6.384  -19.212 -6.100  1.00 24.92 ? 152  ARG A C   1 
ATOM   684  O O   . ARG A 1 88  ? -6.060  -18.463 -5.148  1.00 25.78 ? 152  ARG A O   1 
ATOM   685  C CB  . ARG A 1 88  ? -7.819  -18.538 -8.007  1.00 22.51 ? 152  ARG A CB  1 
ATOM   686  C CG  . ARG A 1 88  ? -7.161  -17.160 -8.038  1.00 23.07 ? 152  ARG A CG  1 
ATOM   687  C CD  . ARG A 1 88  ? -7.224  -16.565 -9.454  1.00 25.27 ? 152  ARG A CD  1 
ATOM   688  N NE  . ARG A 1 88  ? -6.231  -15.471 -9.565  1.00 25.81 ? 152  ARG A NE  1 
ATOM   689  C CZ  . ARG A 1 88  ? -6.111  -14.705 -10.649 1.00 27.82 ? 152  ARG A CZ  1 
ATOM   690  N NH1 . ARG A 1 88  ? -6.929  -14.902 -11.687 1.00 30.61 ? 152  ARG A NH1 1 
ATOM   691  N NH2 . ARG A 1 88  ? -5.206  -13.746 -10.691 1.00 28.57 ? 152  ARG A NH2 1 
ATOM   692  N N   . ALA A 1 89  ? -5.531  -20.017 -6.720  1.00 24.52 ? 153  ALA A N   1 
ATOM   693  C CA  . ALA A 1 89  ? -4.162  -20.103 -6.282  1.00 25.13 ? 153  ALA A CA  1 
ATOM   694  C C   . ALA A 1 89  ? -3.366  -18.845 -6.693  1.00 27.21 ? 153  ALA A C   1 
ATOM   695  O O   . ALA A 1 89  ? -2.534  -18.363 -5.928  1.00 27.63 ? 153  ALA A O   1 
ATOM   696  C CB  . ALA A 1 89  ? -3.524  -21.375 -6.886  1.00 25.52 ? 153  ALA A CB  1 
ATOM   697  N N   . GLU A 1 90  ? -3.590  -18.345 -7.904  1.00 27.51 ? 154  GLU A N   1 
ATOM   698  C CA  . GLU A 1 90  ? -2.823  -17.208 -8.442  1.00 30.84 ? 154  GLU A CA  1 
ATOM   699  C C   . GLU A 1 90  ? -3.154  -15.888 -7.716  1.00 28.52 ? 154  GLU A C   1 
ATOM   700  O O   . GLU A 1 90  ? -4.338  -15.573 -7.487  1.00 26.65 ? 154  GLU A O   1 
ATOM   701  C CB  . GLU A 1 90  ? -3.076  -17.045 -9.957  1.00 30.55 ? 154  GLU A CB  1 
ATOM   702  C CG  . GLU A 1 90  ? -2.410  -18.099 -10.899 1.00 38.61 ? 154  GLU A CG  1 
ATOM   703  C CD  . GLU A 1 90  ? -3.278  -18.624 -12.151 1.00 39.77 ? 154  GLU A CD  1 
ATOM   704  O OE1 . GLU A 1 90  ? -4.512  -18.260 -12.304 1.00 49.79 ? 154  GLU A OE1 1 
ATOM   705  O OE2 . GLU A 1 90  ? -2.715  -19.463 -12.954 1.00 49.24 ? 154  GLU A OE2 1 
ATOM   706  N N   . HIS A 1 91  ? -2.095  -15.126 -7.348  1.00 28.37 ? 155  HIS A N   1 
ATOM   707  C CA  . HIS A 1 91  ? -2.184  -13.736 -6.835  1.00 30.92 ? 155  HIS A CA  1 
ATOM   708  C C   . HIS A 1 91  ? -3.105  -12.874 -7.642  1.00 29.18 ? 155  HIS A C   1 
ATOM   709  O O   . HIS A 1 91  ? -3.061  -12.920 -8.865  1.00 29.14 ? 155  HIS A O   1 
ATOM   710  C CB  . HIS A 1 91  ? -0.855  -12.977 -7.102  1.00 33.11 ? 155  HIS A CB  1 
ATOM   711  C CG  . HIS A 1 91  ? 0.058   -12.855 -5.940  1.00 39.55 ? 155  HIS A CG  1 
ATOM   712  N ND1 . HIS A 1 91  ? -0.240  -13.354 -4.690  1.00 45.04 ? 155  HIS A ND1 1 
ATOM   713  C CD2 . HIS A 1 91  ? 1.279   -12.261 -5.840  1.00 38.34 ? 155  HIS A CD2 1 
ATOM   714  C CE1 . HIS A 1 91  ? 0.770   -13.087 -3.873  1.00 41.10 ? 155  HIS A CE1 1 
ATOM   715  N NE2 . HIS A 1 91  ? 1.696   -12.428 -4.545  1.00 39.82 ? 155  HIS A NE2 1 
ATOM   716  N N   . TYR A 1 92  ? -3.868  -12.018 -6.987  1.00 28.40 ? 156  TYR A N   1 
ATOM   717  C CA  . TYR A 1 92  ? -4.474  -10.883 -7.693  1.00 28.07 ? 156  TYR A CA  1 
ATOM   718  C C   . TYR A 1 92  ? -3.596  -9.635  -7.426  1.00 29.28 ? 156  TYR A C   1 
ATOM   719  O O   . TYR A 1 92  ? -2.860  -9.603  -6.446  1.00 28.37 ? 156  TYR A O   1 
ATOM   720  C CB  . TYR A 1 92  ? -5.887  -10.647 -7.187  1.00 27.29 ? 156  TYR A CB  1 
ATOM   721  C CG  . TYR A 1 92  ? -6.879  -11.744 -7.470  1.00 29.18 ? 156  TYR A CG  1 
ATOM   722  C CD1 . TYR A 1 92  ? -7.456  -11.870 -8.740  1.00 30.22 ? 156  TYR A CD1 1 
ATOM   723  C CD2 . TYR A 1 92  ? -7.278  -12.610 -6.470  1.00 26.90 ? 156  TYR A CD2 1 
ATOM   724  C CE1 . TYR A 1 92  ? -8.389  -12.857 -9.015  1.00 29.61 ? 156  TYR A CE1 1 
ATOM   725  C CE2 . TYR A 1 92  ? -8.247  -13.610 -6.736  1.00 29.03 ? 156  TYR A CE2 1 
ATOM   726  C CZ  . TYR A 1 92  ? -8.783  -13.713 -8.015  1.00 27.70 ? 156  TYR A CZ  1 
ATOM   727  O OH  . TYR A 1 92  ? -9.708  -14.670 -8.280  1.00 30.61 ? 156  TYR A OH  1 
ATOM   728  N N   . HIS A 1 93  ? -3.678  -8.650  -8.311  1.00 30.17 ? 157  HIS A N   1 
ATOM   729  C CA  . HIS A 1 93  ? -2.916  -7.392  -8.264  1.00 32.67 ? 157  HIS A CA  1 
ATOM   730  C C   . HIS A 1 93  ? -3.973  -6.319  -8.344  1.00 32.82 ? 157  HIS A C   1 
ATOM   731  O O   . HIS A 1 93  ? -4.665  -6.225  -9.364  1.00 32.08 ? 157  HIS A O   1 
ATOM   732  C CB  . HIS A 1 93  ? -2.112  -7.201  -9.535  1.00 33.83 ? 157  HIS A CB  1 
ATOM   733  C CG  . HIS A 1 93  ? -0.761  -7.834  -9.549  1.00 39.45 ? 157  HIS A CG  1 
ATOM   734  N ND1 . HIS A 1 93  ? 0.093   -7.699  -10.634 1.00 42.70 ? 157  HIS A ND1 1 
ATOM   735  C CD2 . HIS A 1 93  ? -0.072  -8.518  -8.609  1.00 43.92 ? 157  HIS A CD2 1 
ATOM   736  C CE1 . HIS A 1 93  ? 1.243   -8.287  -10.361 1.00 42.45 ? 157  HIS A CE1 1 
ATOM   737  N NE2 . HIS A 1 93  ? 1.172   -8.788  -9.141  1.00 47.69 ? 157  HIS A NE2 1 
ATOM   738  N N   . PHE A 1 94  ? -4.120  -5.523  -7.282  1.00 31.65 ? 158  PHE A N   1 
ATOM   739  C CA  . PHE A 1 94  ? -4.919  -4.312  -7.358  1.00 31.44 ? 158  PHE A CA  1 
ATOM   740  C C   . PHE A 1 94  ? -3.980  -3.104  -7.582  1.00 31.34 ? 158  PHE A C   1 
ATOM   741  O O   . PHE A 1 94  ? -2.973  -2.986  -6.905  1.00 30.69 ? 158  PHE A O   1 
ATOM   742  C CB  . PHE A 1 94  ? -5.714  -4.101  -6.074  1.00 31.05 ? 158  PHE A CB  1 
ATOM   743  C CG  . PHE A 1 94  ? -6.185  -2.668  -5.900  1.00 32.65 ? 158  PHE A CG  1 
ATOM   744  C CD1 . PHE A 1 94  ? -7.198  -2.156  -6.719  1.00 31.39 ? 158  PHE A CD1 1 
ATOM   745  C CD2 . PHE A 1 94  ? -5.586  -1.823  -4.939  1.00 33.16 ? 158  PHE A CD2 1 
ATOM   746  C CE1 . PHE A 1 94  ? -7.620  -0.801  -6.582  1.00 33.98 ? 158  PHE A CE1 1 
ATOM   747  C CE2 . PHE A 1 94  ? -6.017  -0.499  -4.787  1.00 32.29 ? 158  PHE A CE2 1 
ATOM   748  C CZ  . PHE A 1 94  ? -7.025  0.007   -5.615  1.00 30.49 ? 158  PHE A CZ  1 
ATOM   749  N N   . LEU A 1 95  ? -4.297  -2.239  -8.539  1.00 31.15 ? 159  LEU A N   1 
ATOM   750  C CA  . LEU A 1 95  ? -3.523  -1.014  -8.736  1.00 32.44 ? 159  LEU A CA  1 
ATOM   751  C C   . LEU A 1 95  ? -4.399  0.207   -8.512  1.00 32.62 ? 159  LEU A C   1 
ATOM   752  O O   . LEU A 1 95  ? -5.509  0.308   -9.070  1.00 33.03 ? 159  LEU A O   1 
ATOM   753  C CB  . LEU A 1 95  ? -2.945  -0.936  -10.158 1.00 33.09 ? 159  LEU A CB  1 
ATOM   754  C CG  . LEU A 1 95  ? -1.658  -1.656  -10.566 1.00 36.27 ? 159  LEU A CG  1 
ATOM   755  C CD1 . LEU A 1 95  ? -1.653  -1.732  -12.070 1.00 41.27 ? 159  LEU A CD1 1 
ATOM   756  C CD2 . LEU A 1 95  ? -0.406  -0.923  -10.114 1.00 38.24 ? 159  LEU A CD2 1 
ATOM   757  N N   . THR A 1 96  ? -3.902  1.155   -7.715  1.00 32.33 ? 160  THR A N   1 
ATOM   758  C CA  . THR A 1 96  ? -4.586  2.447   -7.556  1.00 31.70 ? 160  THR A CA  1 
ATOM   759  C C   . THR A 1 96  ? -4.528  3.211   -8.890  1.00 32.50 ? 160  THR A C   1 
ATOM   760  O O   . THR A 1 96  ? -3.725  2.864   -9.761  1.00 32.23 ? 160  THR A O   1 
ATOM   761  C CB  . THR A 1 96  ? -3.901  3.344   -6.477  1.00 30.26 ? 160  THR A CB  1 
ATOM   762  O OG1 . THR A 1 96  ? -2.549  3.598   -6.880  1.00 29.78 ? 160  THR A OG1 1 
ATOM   763  C CG2 . THR A 1 96  ? -3.919  2.688   -5.083  1.00 30.48 ? 160  THR A CG2 1 
ATOM   764  N N   . PRO A 1 97  ? -5.349  4.277   -9.037  1.00 33.59 ? 161  PRO A N   1 
ATOM   765  C CA  . PRO A 1 97  ? -5.113  5.265   -10.111 1.00 34.24 ? 161  PRO A CA  1 
ATOM   766  C C   . PRO A 1 97  ? -3.745  5.914   -9.930  1.00 34.90 ? 161  PRO A C   1 
ATOM   767  O O   . PRO A 1 97  ? -3.201  5.881   -8.819  1.00 32.91 ? 161  PRO A O   1 
ATOM   768  C CB  . PRO A 1 97  ? -6.183  6.332   -9.861  1.00 35.36 ? 161  PRO A CB  1 
ATOM   769  C CG  . PRO A 1 97  ? -7.243  5.649   -9.049  1.00 36.16 ? 161  PRO A CG  1 
ATOM   770  C CD  . PRO A 1 97  ? -6.515  4.629   -8.205  1.00 33.69 ? 161  PRO A CD  1 
ATOM   771  N N   . VAL A 1 98  ? -3.204  6.520   -10.993 1.00 34.76 ? 162  VAL A N   1 
ATOM   772  C CA  . VAL A 1 98  ? -1.944  7.269   -10.881 1.00 34.87 ? 162  VAL A CA  1 
ATOM   773  C C   . VAL A 1 98  ? -2.034  8.397   -9.831  1.00 34.74 ? 162  VAL A C   1 
ATOM   774  O O   . VAL A 1 98  ? -2.986  9.175   -9.814  1.00 34.87 ? 162  VAL A O   1 
ATOM   775  C CB  . VAL A 1 98  ? -1.450  7.809   -12.253 1.00 35.27 ? 162  VAL A CB  1 
ATOM   776  C CG1 . VAL A 1 98  ? -0.256  8.740   -12.062 1.00 35.40 ? 162  VAL A CG1 1 
ATOM   777  C CG2 . VAL A 1 98  ? -1.063  6.648   -13.161 1.00 36.96 ? 162  VAL A CG2 1 
ATOM   778  N N   . GLU A 1 99  ? -1.051  8.424   -8.934  1.00 34.34 ? 163  GLU A N   1 
ATOM   779  C CA  . GLU A 1 99  ? -0.857  9.464   -7.915  1.00 34.26 ? 163  GLU A CA  1 
ATOM   780  C C   . GLU A 1 99  ? 0.437   10.227  -8.227  1.00 33.36 ? 163  GLU A C   1 
ATOM   781  O O   . GLU A 1 99  ? 1.274   9.751   -8.968  1.00 32.03 ? 163  GLU A O   1 
ATOM   782  C CB  . GLU A 1 99  ? -0.714  8.827   -6.515  1.00 34.82 ? 163  GLU A CB  1 
ATOM   783  C CG  . GLU A 1 99  ? -1.876  7.913   -6.050  1.00 38.66 ? 163  GLU A CG  1 
ATOM   784  C CD  . GLU A 1 99  ? -3.204  8.642   -5.843  1.00 44.24 ? 163  GLU A CD  1 
ATOM   785  O OE1 . GLU A 1 99  ? -3.237  9.895   -5.961  1.00 44.59 ? 163  GLU A OE1 1 
ATOM   786  O OE2 . GLU A 1 99  ? -4.227  7.952   -5.572  1.00 47.21 ? 163  GLU A OE2 1 
ATOM   787  N N   . GLU A 1 100 ? 0.632   11.382  -7.607  1.00 33.77 ? 164  GLU A N   1 
ATOM   788  C CA  . GLU A 1 100 ? 1.851   12.170  -7.821  1.00 33.48 ? 164  GLU A CA  1 
ATOM   789  C C   . GLU A 1 100 ? 2.526   12.399  -6.475  1.00 31.79 ? 164  GLU A C   1 
ATOM   790  O O   . GLU A 1 100 ? 1.869   12.818  -5.519  1.00 30.46 ? 164  GLU A O   1 
ATOM   791  C CB  . GLU A 1 100 ? 1.459   13.523  -8.395  1.00 34.74 ? 164  GLU A CB  1 
ATOM   792  C CG  . GLU A 1 100 ? 2.179   13.953  -9.638  1.00 40.04 ? 164  GLU A CG  1 
ATOM   793  C CD  . GLU A 1 100 ? 1.309   14.896  -10.470 1.00 44.84 ? 164  GLU A CD  1 
ATOM   794  O OE1 . GLU A 1 100 ? 0.755   15.865  -9.892  1.00 46.65 ? 164  GLU A OE1 1 
ATOM   795  O OE2 . GLU A 1 100 ? 1.154   14.649  -11.690 1.00 47.83 ? 164  GLU A OE2 1 
ATOM   796  N N   . ALA A 1 101 ? 3.826   12.137  -6.378  1.00 30.21 ? 165  ALA A N   1 
ATOM   797  C CA  . ALA A 1 101 ? 4.538   12.556  -5.171  1.00 29.07 ? 165  ALA A CA  1 
ATOM   798  C C   . ALA A 1 101 ? 4.403   14.078  -5.080  1.00 28.63 ? 165  ALA A C   1 
ATOM   799  O O   . ALA A 1 101 ? 4.338   14.738  -6.134  1.00 29.22 ? 165  ALA A O   1 
ATOM   800  C CB  . ALA A 1 101 ? 5.992   12.167  -5.245  1.00 29.50 ? 165  ALA A CB  1 
ATOM   801  N N   . PRO A 1 102 ? 4.354   14.646  -3.840  1.00 28.12 ? 166  PRO A N   1 
ATOM   802  C CA  . PRO A 1 102 ? 4.260   16.117  -3.717  1.00 27.46 ? 166  PRO A CA  1 
ATOM   803  C C   . PRO A 1 102 ? 5.608   16.691  -4.142  1.00 28.28 ? 166  PRO A C   1 
ATOM   804  O O   . PRO A 1 102 ? 6.583   15.925  -4.286  1.00 28.11 ? 166  PRO A O   1 
ATOM   805  C CB  . PRO A 1 102 ? 4.006   16.323  -2.216  1.00 27.60 ? 166  PRO A CB  1 
ATOM   806  C CG  . PRO A 1 102 ? 4.743   15.214  -1.584  1.00 26.82 ? 166  PRO A CG  1 
ATOM   807  C CD  . PRO A 1 102 ? 4.421   14.009  -2.500  1.00 27.53 ? 166  PRO A CD  1 
ATOM   808  N N   . LYS A 1 103 ? 5.659   18.008  -4.351  1.00 28.18 ? 167  LYS A N   1 
ATOM   809  C CA  . LYS A 1 103 ? 6.856   18.636  -4.907  1.00 29.20 ? 167  LYS A CA  1 
ATOM   810  C C   . LYS A 1 103 ? 7.152   19.910  -4.157  1.00 28.59 ? 167  LYS A C   1 
ATOM   811  O O   . LYS A 1 103 ? 6.235   20.616  -3.749  1.00 27.04 ? 167  LYS A O   1 
ATOM   812  C CB  . LYS A 1 103 ? 6.617   18.985  -6.363  1.00 29.57 ? 167  LYS A CB  1 
ATOM   813  C CG  . LYS A 1 103 ? 7.866   19.426  -7.109  1.00 33.07 ? 167  LYS A CG  1 
ATOM   814  C CD  . LYS A 1 103 ? 7.619   19.508  -8.606  1.00 37.99 ? 167  LYS A CD  1 
ATOM   815  C CE  . LYS A 1 103 ? 8.843   20.131  -9.281  1.00 42.20 ? 167  LYS A CE  1 
ATOM   816  N NZ  . LYS A 1 103 ? 8.610   20.365  -10.732 1.00 46.26 ? 167  LYS A NZ  1 
ATOM   817  N N   . GLY A 1 104 ? 8.433   20.211  -4.012  1.00 28.72 ? 168  GLY A N   1 
ATOM   818  C CA  . GLY A 1 104 ? 8.837   21.497  -3.483  1.00 29.50 ? 168  GLY A CA  1 
ATOM   819  C C   . GLY A 1 104 ? 9.588   21.256  -2.186  1.00 30.65 ? 168  GLY A C   1 
ATOM   820  O O   . GLY A 1 104 ? 9.319   20.298  -1.453  1.00 29.00 ? 168  GLY A O   1 
ATOM   821  N N   . MET A 1 105 ? 10.528  22.125  -1.876  1.00 30.04 ? 169  MET A N   1 
ATOM   822  C CA  . MET A 1 105 ? 11.242  21.961  -0.617  1.00 32.42 ? 169  MET A CA  1 
ATOM   823  C C   . MET A 1 105 ? 10.360  21.713  0.618   1.00 31.28 ? 169  MET A C   1 
ATOM   824  O O   . MET A 1 105 ? 10.729  20.936  1.525   1.00 31.06 ? 169  MET A O   1 
ATOM   825  C CB  . MET A 1 105 ? 12.112  23.208  -0.350  1.00 33.90 ? 169  MET A CB  1 
ATOM   826  C CG  . MET A 1 105 ? 13.609  22.920  -0.443  1.00 42.07 ? 169  MET A CG  1 
ATOM   827  S SD  . MET A 1 105 ? 14.233  22.118  1.059   1.00 47.80 ? 169  MET A SD  1 
ATOM   828  C CE  . MET A 1 105 ? 13.044  22.737  2.211   1.00 50.22 ? 169  MET A CE  1 
ATOM   829  N N   . LEU A 1 106 ? 9.223   22.393  0.693   1.00 29.08 ? 170  LEU A N   1 
ATOM   830  C CA  . LEU A 1 106 ? 8.401   22.301  1.884   1.00 29.27 ? 170  LEU A CA  1 
ATOM   831  C C   . LEU A 1 106 ? 7.693   20.919  2.027   1.00 29.69 ? 170  LEU A C   1 
ATOM   832  O O   . LEU A 1 106 ? 7.196   20.584  3.115   1.00 30.46 ? 170  LEU A O   1 
ATOM   833  C CB  . LEU A 1 106 ? 7.381   23.411  1.904   1.00 28.73 ? 170  LEU A CB  1 
ATOM   834  C CG  . LEU A 1 106 ? 7.597   24.680  2.766   1.00 31.94 ? 170  LEU A CG  1 
ATOM   835  C CD1 . LEU A 1 106 ? 9.053   25.098  3.045   1.00 32.19 ? 170  LEU A CD1 1 
ATOM   836  C CD2 . LEU A 1 106 ? 6.788   25.828  2.300   1.00 30.17 ? 170  LEU A CD2 1 
ATOM   837  N N   . ALA A 1 107 ? 7.591   20.196  0.916   1.00 28.89 ? 171  ALA A N   1 
ATOM   838  C CA  . ALA A 1 107 ? 6.906   18.888  0.897   1.00 29.85 ? 171  ALA A CA  1 
ATOM   839  C C   . ALA A 1 107 ? 7.907   17.723  1.067   1.00 29.48 ? 171  ALA A C   1 
ATOM   840  O O   . ALA A 1 107 ? 7.509   16.549  1.168   1.00 30.72 ? 171  ALA A O   1 
ATOM   841  C CB  . ALA A 1 107 ? 6.152   18.748  -0.415  1.00 30.33 ? 171  ALA A CB  1 
ATOM   842  N N   . ARG A 1 108 ? 9.201   18.031  1.049   1.00 29.58 ? 172  ARG A N   1 
ATOM   843  C CA  . ARG A 1 108 ? 10.238  17.008  1.110   1.00 30.36 ? 172  ARG A CA  1 
ATOM   844  C C   . ARG A 1 108 ? 10.384  16.476  2.541   1.00 30.84 ? 172  ARG A C   1 
ATOM   845  O O   . ARG A 1 108 ? 10.058  17.187  3.512   1.00 33.71 ? 172  ARG A O   1 
ATOM   846  C CB  . ARG A 1 108 ? 11.570  17.574  0.657   1.00 30.76 ? 172  ARG A CB  1 
ATOM   847  C CG  . ARG A 1 108 ? 11.651  17.895  -0.807  1.00 30.54 ? 172  ARG A CG  1 
ATOM   848  C CD  . ARG A 1 108 ? 12.957  18.541  -1.142  1.00 32.49 ? 172  ARG A CD  1 
ATOM   849  N NE  . ARG A 1 108 ? 12.864  19.107  -2.501  1.00 32.41 ? 172  ARG A NE  1 
ATOM   850  C CZ  . ARG A 1 108 ? 13.640  20.083  -2.950  1.00 35.34 ? 172  ARG A CZ  1 
ATOM   851  N NH1 . ARG A 1 108 ? 14.620  20.589  -2.177  1.00 31.16 ? 172  ARG A NH1 1 
ATOM   852  N NH2 . ARG A 1 108 ? 13.439  20.538  -4.176  1.00 32.96 ? 172  ARG A NH2 1 
ATOM   853  N N   . GLY A 1 109 ? 10.873  15.248  2.679   1.00 29.80 ? 173  GLY A N   1 
ATOM   854  C CA  . GLY A 1 109 ? 10.972  14.617  3.992   1.00 28.50 ? 173  GLY A CA  1 
ATOM   855  C C   . GLY A 1 109 ? 10.118  13.341  4.120   1.00 28.00 ? 173  GLY A C   1 
ATOM   856  O O   . GLY A 1 109 ? 9.499   12.862  3.136   1.00 27.65 ? 173  GLY A O   1 
ATOM   857  N N   . SER A 1 110 ? 10.111  12.761  5.318   1.00 26.35 ? 174  SER A N   1 
ATOM   858  C CA  . SER A 1 110 ? 9.443   11.469  5.516   1.00 26.71 ? 174  SER A CA  1 
ATOM   859  C C   . SER A 1 110 ? 7.992   11.640  5.988   1.00 26.10 ? 174  SER A C   1 
ATOM   860  O O   . SER A 1 110 ? 7.676   12.564  6.763   1.00 25.99 ? 174  SER A O   1 
ATOM   861  C CB  . SER A 1 110 ? 10.208  10.615  6.570   1.00 25.18 ? 174  SER A CB  1 
ATOM   862  O OG  . SER A 1 110 ? 11.516  10.267  6.123   1.00 26.83 ? 174  SER A OG  1 
ATOM   863  N N   . TYR A 1 111 ? 7.149   10.710  5.551   1.00 25.28 ? 175  TYR A N   1 
ATOM   864  C CA  . TYR A 1 111 ? 5.739   10.619  5.908   1.00 26.13 ? 175  TYR A CA  1 
ATOM   865  C C   . TYR A 1 111 ? 5.451   9.190   6.341   1.00 26.38 ? 175  TYR A C   1 
ATOM   866  O O   . TYR A 1 111 ? 6.066   8.248   5.820   1.00 26.17 ? 175  TYR A O   1 
ATOM   867  C CB  . TYR A 1 111 ? 4.839   10.876  4.690   1.00 25.08 ? 175  TYR A CB  1 
ATOM   868  C CG  . TYR A 1 111 ? 4.991   12.275  4.109   1.00 27.14 ? 175  TYR A CG  1 
ATOM   869  C CD1 . TYR A 1 111 ? 6.090   12.606  3.305   1.00 25.98 ? 175  TYR A CD1 1 
ATOM   870  C CD2 . TYR A 1 111 ? 4.043   13.282  4.400   1.00 25.47 ? 175  TYR A CD2 1 
ATOM   871  C CE1 . TYR A 1 111 ? 6.235   13.932  2.785   1.00 29.37 ? 175  TYR A CE1 1 
ATOM   872  C CE2 . TYR A 1 111 ? 4.190   14.583  3.867   1.00 24.94 ? 175  TYR A CE2 1 
ATOM   873  C CZ  . TYR A 1 111 ? 5.268   14.875  3.054   1.00 28.28 ? 175  TYR A CZ  1 
ATOM   874  O OH  . TYR A 1 111 ? 5.410   16.157  2.593   1.00 26.91 ? 175  TYR A OH  1 
ATOM   875  N N   . SER A 1 112 ? 4.540   9.022   7.289   1.00 24.91 ? 176  SER A N   1 
ATOM   876  C CA  . SER A 1 112 ? 4.182   7.677   7.699   1.00 26.67 ? 176  SER A CA  1 
ATOM   877  C C   . SER A 1 112 ? 2.822   7.318   7.143   1.00 25.98 ? 176  SER A C   1 
ATOM   878  O O   . SER A 1 112 ? 1.933   8.170   7.036   1.00 25.84 ? 176  SER A O   1 
ATOM   879  C CB  . SER A 1 112 ? 4.295   7.490   9.201   1.00 27.53 ? 176  SER A CB  1 
ATOM   880  O OG  . SER A 1 112 ? 3.352   8.313   9.840   1.00 36.01 ? 176  SER A OG  1 
ATOM   881  N N   . ILE A 1 113 ? 2.686   6.059   6.724   1.00 25.96 ? 177  ILE A N   1 
ATOM   882  C CA  . ILE A 1 113 ? 1.490   5.609   6.033   1.00 25.35 ? 177  ILE A CA  1 
ATOM   883  C C   . ILE A 1 113 ? 0.885   4.437   6.799   1.00 26.55 ? 177  ILE A C   1 
ATOM   884  O O   . ILE A 1 113 ? 1.618   3.499   7.203   1.00 27.38 ? 177  ILE A O   1 
ATOM   885  C CB  . ILE A 1 113 ? 1.789   5.222   4.592   1.00 26.79 ? 177  ILE A CB  1 
ATOM   886  C CG1 . ILE A 1 113 ? 2.522   6.411   3.888   1.00 29.32 ? 177  ILE A CG1 1 
ATOM   887  C CG2 . ILE A 1 113 ? 0.486   4.752   3.898   1.00 23.84 ? 177  ILE A CG2 1 
ATOM   888  C CD1 . ILE A 1 113 ? 2.158   6.673   2.490   1.00 40.63 ? 177  ILE A CD1 1 
ATOM   889  N N   . LYS A 1 114 ? -0.413  4.538   7.082   1.00 24.36 ? 178  LYS A N   1 
ATOM   890  C CA  . LYS A 1 114 ? -1.118  3.448   7.751   1.00 24.87 ? 178  LYS A CA  1 
ATOM   891  C C   . LYS A 1 114 ? -2.074  2.895   6.706   1.00 24.39 ? 178  LYS A C   1 
ATOM   892  O O   . LYS A 1 114 ? -2.959  3.600   6.237   1.00 24.81 ? 178  LYS A O   1 
ATOM   893  C CB  . LYS A 1 114 ? -1.837  3.931   9.016   1.00 24.64 ? 178  LYS A CB  1 
ATOM   894  C CG  . LYS A 1 114 ? -0.828  4.364   10.107  1.00 29.78 ? 178  LYS A CG  1 
ATOM   895  C CD  . LYS A 1 114 ? -1.509  4.811   11.364  1.00 36.37 ? 178  LYS A CD  1 
ATOM   896  C CE  . LYS A 1 114 ? -0.427  5.166   12.433  1.00 41.10 ? 178  LYS A CE  1 
ATOM   897  N NZ  . LYS A 1 114 ? -1.115  5.410   13.748  1.00 44.47 ? 178  LYS A NZ  1 
ATOM   898  N N   . SER A 1 115 ? -1.857  1.633   6.350   1.00 24.74 ? 179  SER A N   1 
ATOM   899  C CA  . SER A 1 115 ? -2.631  0.948   5.304   1.00 25.20 ? 179  SER A CA  1 
ATOM   900  C C   . SER A 1 115 ? -3.527  -0.147  5.895   1.00 26.37 ? 179  SER A C   1 
ATOM   901  O O   . SER A 1 115 ? -3.151  -0.853  6.870   1.00 24.86 ? 179  SER A O   1 
ATOM   902  C CB  . SER A 1 115 ? -1.669  0.277   4.322   1.00 25.34 ? 179  SER A CB  1 
ATOM   903  O OG  . SER A 1 115 ? -1.029  1.217   3.480   1.00 27.22 ? 179  SER A OG  1 
ATOM   904  N N   . ARG A 1 116 ? -4.711  -0.323  5.301   1.00 27.54 ? 180  ARG A N   1 
ATOM   905  C CA  . ARG A 1 116 ? -5.590  -1.422  5.722   1.00 28.83 ? 180  ARG A CA  1 
ATOM   906  C C   . ARG A 1 116 ? -6.274  -1.964  4.480   1.00 28.05 ? 180  ARG A C   1 
ATOM   907  O O   . ARG A 1 116 ? -6.675  -1.211  3.598   1.00 27.78 ? 180  ARG A O   1 
ATOM   908  C CB  . ARG A 1 116 ? -6.715  -1.016  6.712   1.00 29.73 ? 180  ARG A CB  1 
ATOM   909  C CG  . ARG A 1 116 ? -6.442  0.115   7.660   1.00 36.90 ? 180  ARG A CG  1 
ATOM   910  C CD  . ARG A 1 116 ? -5.620  -0.274  8.882   1.00 45.66 ? 180  ARG A CD  1 
ATOM   911  N NE  . ARG A 1 116 ? -5.123  0.897   9.647   1.00 47.15 ? 180  ARG A NE  1 
ATOM   912  C CZ  . ARG A 1 116 ? -3.841  1.180   9.873   1.00 48.08 ? 180  ARG A CZ  1 
ATOM   913  N NH1 . ARG A 1 116 ? -2.828  0.415   9.398   1.00 32.88 ? 180  ARG A NH1 1 
ATOM   914  N NH2 . ARG A 1 116 ? -3.568  2.269   10.598  1.00 53.14 ? 180  ARG A NH2 1 
ATOM   915  N N   . PHE A 1 117 ? -6.377  -3.279  4.418   1.00 28.49 ? 181  PHE A N   1 
ATOM   916  C CA  . PHE A 1 117 ? -7.111  -3.949  3.336   1.00 28.24 ? 181  PHE A CA  1 
ATOM   917  C C   . PHE A 1 117 ? -8.346  -4.600  3.971   1.00 29.33 ? 181  PHE A C   1 
ATOM   918  O O   . PHE A 1 117 ? -8.226  -5.399  4.905   1.00 28.02 ? 181  PHE A O   1 
ATOM   919  C CB  . PHE A 1 117 ? -6.181  -4.977  2.731   1.00 28.54 ? 181  PHE A CB  1 
ATOM   920  C CG  . PHE A 1 117 ? -6.542  -5.415  1.348   1.00 31.51 ? 181  PHE A CG  1 
ATOM   921  C CD1 . PHE A 1 117 ? -6.990  -6.701  1.130   1.00 33.90 ? 181  PHE A CD1 1 
ATOM   922  C CD2 . PHE A 1 117 ? -6.408  -4.558  0.259   1.00 32.71 ? 181  PHE A CD2 1 
ATOM   923  C CE1 . PHE A 1 117 ? -7.310  -7.136  -0.154  1.00 34.01 ? 181  PHE A CE1 1 
ATOM   924  C CE2 . PHE A 1 117 ? -6.703  -4.994  -1.046  1.00 36.53 ? 181  PHE A CE2 1 
ATOM   925  C CZ  . PHE A 1 117 ? -7.165  -6.287  -1.246  1.00 33.13 ? 181  PHE A CZ  1 
ATOM   926  N N   . THR A 1 118 ? -9.530  -4.199  3.506   1.00 30.06 ? 182  THR A N   1 
ATOM   927  C CA  . THR A 1 118 ? -10.791 -4.584  4.147   1.00 32.53 ? 182  THR A CA  1 
ATOM   928  C C   . THR A 1 118 ? -11.858 -4.878  3.074   1.00 33.00 ? 182  THR A C   1 
ATOM   929  O O   . THR A 1 118 ? -11.534 -5.059  1.890   1.00 31.62 ? 182  THR A O   1 
ATOM   930  C CB  . THR A 1 118 ? -11.265 -3.522  5.209   1.00 32.90 ? 182  THR A CB  1 
ATOM   931  O OG1 . THR A 1 118 ? -12.358 -4.049  5.983   1.00 35.35 ? 182  THR A OG1 1 
ATOM   932  C CG2 . THR A 1 118 ? -11.680 -2.195  4.555   1.00 33.27 ? 182  THR A CG2 1 
ATOM   933  N N   . ASP A 1 119 ? -13.116 -4.957  3.497   1.00 35.84 ? 183  ASP A N   1 
ATOM   934  C CA  . ASP A 1 119 ? -14.220 -5.274  2.570   1.00 38.16 ? 183  ASP A CA  1 
ATOM   935  C C   . ASP A 1 119 ? -15.560 -4.751  3.102   1.00 40.53 ? 183  ASP A C   1 
ATOM   936  O O   . ASP A 1 119 ? -15.577 -3.981  4.065   1.00 40.49 ? 183  ASP A O   1 
ATOM   937  C CB  . ASP A 1 119 ? -14.257 -6.766  2.278   1.00 38.05 ? 183  ASP A CB  1 
ATOM   938  C CG  . ASP A 1 119 ? -14.561 -7.604  3.500   1.00 38.03 ? 183  ASP A CG  1 
ATOM   939  O OD1 . ASP A 1 119 ? -14.991 -7.085  4.549   1.00 39.05 ? 183  ASP A OD1 1 
ATOM   940  O OD2 . ASP A 1 119 ? -14.365 -8.825  3.403   1.00 42.03 ? 183  ASP A OD2 1 
ATOM   941  N N   . ASP A 1 120 ? -16.670 -5.149  2.475   1.00 43.12 ? 184  ASP A N   1 
ATOM   942  C CA  . ASP A 1 120 ? -17.977 -4.648  2.913   1.00 45.99 ? 184  ASP A CA  1 
ATOM   943  C C   . ASP A 1 120 ? -18.417 -5.202  4.284   1.00 46.27 ? 184  ASP A C   1 
ATOM   944  O O   . ASP A 1 120 ? -19.271 -4.612  4.944   1.00 47.13 ? 184  ASP A O   1 
ATOM   945  C CB  . ASP A 1 120 ? -19.058 -4.763  1.811   1.00 46.61 ? 184  ASP A CB  1 
ATOM   946  C CG  . ASP A 1 120 ? -19.228 -6.174  1.260   1.00 49.95 ? 184  ASP A CG  1 
ATOM   947  O OD1 . ASP A 1 120 ? -18.545 -7.125  1.725   1.00 55.48 ? 184  ASP A OD1 1 
ATOM   948  O OD2 . ASP A 1 120 ? -20.056 -6.337  0.322   1.00 54.49 ? 184  ASP A OD2 1 
ATOM   949  N N   . ASP A 1 121 ? -17.795 -6.295  4.726   1.00 46.60 ? 185  ASP A N   1 
ATOM   950  C CA  . ASP A 1 121 ? -17.994 -6.829  6.089   1.00 47.22 ? 185  ASP A CA  1 
ATOM   951  C C   . ASP A 1 121 ? -17.124 -6.116  7.127   1.00 46.64 ? 185  ASP A C   1 
ATOM   952  O O   . ASP A 1 121 ? -17.193 -6.428  8.315   1.00 46.94 ? 185  ASP A O   1 
ATOM   953  C CB  . ASP A 1 121 ? -17.679 -8.334  6.152   1.00 47.69 ? 185  ASP A CB  1 
ATOM   954  C CG  . ASP A 1 121 ? -18.739 -9.211  5.478   1.00 51.82 ? 185  ASP A CG  1 
ATOM   955  O OD1 . ASP A 1 121 ? -19.947 -8.863  5.521   1.00 55.06 ? 185  ASP A OD1 1 
ATOM   956  O OD2 . ASP A 1 121 ? -18.351 -10.282 4.930   1.00 55.11 ? 185  ASP A OD2 1 
ATOM   957  N N   . LYS A 1 122 ? -16.279 -5.184  6.668   1.00 45.77 ? 186  LYS A N   1 
ATOM   958  C CA  . LYS A 1 122 ? -15.301 -4.494  7.520   1.00 44.78 ? 186  LYS A CA  1 
ATOM   959  C C   . LYS A 1 122 ? -14.246 -5.439  8.153   1.00 42.85 ? 186  LYS A C   1 
ATOM   960  O O   . LYS A 1 122 ? -13.629 -5.116  9.174   1.00 42.37 ? 186  LYS A O   1 
ATOM   961  C CB  . LYS A 1 122 ? -16.008 -3.590  8.556   1.00 45.41 ? 186  LYS A CB  1 
ATOM   962  C CG  . LYS A 1 122 ? -16.833 -2.470  7.894   1.00 46.66 ? 186  LYS A CG  1 
ATOM   963  C CD  . LYS A 1 122 ? -17.713 -1.696  8.871   1.00 47.77 ? 186  LYS A CD  1 
ATOM   964  C CE  . LYS A 1 122 ? -17.042 -0.400  9.323   1.00 51.42 ? 186  LYS A CE  1 
ATOM   965  N NZ  . LYS A 1 122 ? -17.983 0.449   10.128  1.00 52.43 ? 186  LYS A NZ  1 
ATOM   966  N N   . THR A 1 123 ? -14.008 -6.577  7.496   1.00 40.52 ? 187  THR A N   1 
ATOM   967  C CA  . THR A 1 123 ? -12.968 -7.540  7.914   1.00 38.97 ? 187  THR A CA  1 
ATOM   968  C C   . THR A 1 123 ? -11.558 -6.912  7.829   1.00 37.09 ? 187  THR A C   1 
ATOM   969  O O   . THR A 1 123 ? -11.226 -6.253  6.858   1.00 37.40 ? 187  THR A O   1 
ATOM   970  C CB  . THR A 1 123 ? -13.029 -8.817  7.064   1.00 38.76 ? 187  THR A CB  1 
ATOM   971  O OG1 . THR A 1 123 ? -14.400 -9.213  6.935   1.00 40.94 ? 187  THR A OG1 1 
ATOM   972  C CG2 . THR A 1 123 ? -12.226 -9.981  7.724   1.00 38.82 ? 187  THR A CG2 1 
ATOM   973  N N   . ASP A 1 124 ? -10.747 -7.086  8.860   1.00 35.63 ? 188  ASP A N   1 
ATOM   974  C CA  . ASP A 1 124 ? -9.354  -6.620  8.802   1.00 34.23 ? 188  ASP A CA  1 
ATOM   975  C C   . ASP A 1 124 ? -8.487  -7.662  8.127   1.00 32.21 ? 188  ASP A C   1 
ATOM   976  O O   . ASP A 1 124 ? -7.829  -8.436  8.810   1.00 32.63 ? 188  ASP A O   1 
ATOM   977  C CB  . ASP A 1 124 ? -8.829  -6.328  10.223  1.00 35.12 ? 188  ASP A CB  1 
ATOM   978  C CG  . ASP A 1 124 ? -7.392  -5.762  10.239  1.00 37.51 ? 188  ASP A CG  1 
ATOM   979  O OD1 . ASP A 1 124 ? -6.876  -5.344  9.182   1.00 35.69 ? 188  ASP A OD1 1 
ATOM   980  O OD2 . ASP A 1 124 ? -6.775  -5.742  11.335  1.00 40.93 ? 188  ASP A OD2 1 
ATOM   981  N N   . HIS A 1 125 ? -8.431  -7.666  6.795   1.00 30.37 ? 189  HIS A N   1 
ATOM   982  C CA  . HIS A 1 125 ? -7.638  -8.678  6.091   1.00 30.10 ? 189  HIS A CA  1 
ATOM   983  C C   . HIS A 1 125 ? -6.164  -8.489  6.415   1.00 29.04 ? 189  HIS A C   1 
ATOM   984  O O   . HIS A 1 125 ? -5.443  -9.446  6.662   1.00 28.06 ? 189  HIS A O   1 
ATOM   985  C CB  . HIS A 1 125 ? -7.895  -8.677  4.571   1.00 30.00 ? 189  HIS A CB  1 
ATOM   986  C CG  . HIS A 1 125 ? -9.320  -8.994  4.218   1.00 30.63 ? 189  HIS A CG  1 
ATOM   987  N ND1 . HIS A 1 125 ? -9.945  -10.150 4.641   1.00 33.11 ? 189  HIS A ND1 1 
ATOM   988  C CD2 . HIS A 1 125 ? -10.253 -8.290  3.532   1.00 33.01 ? 189  HIS A CD2 1 
ATOM   989  C CE1 . HIS A 1 125 ? -11.191 -10.164 4.195   1.00 32.93 ? 189  HIS A CE1 1 
ATOM   990  N NE2 . HIS A 1 125 ? -11.405 -9.048  3.518   1.00 31.28 ? 189  HIS A NE2 1 
ATOM   991  N N   . LEU A 1 126 ? -5.721  -7.233  6.432   1.00 27.96 ? 190  LEU A N   1 
ATOM   992  C CA  . LEU A 1 126 ? -4.385  -6.944  6.941   1.00 26.82 ? 190  LEU A CA  1 
ATOM   993  C C   . LEU A 1 126 ? -4.310  -5.448  7.166   1.00 27.03 ? 190  LEU A C   1 
ATOM   994  O O   . LEU A 1 126 ? -4.880  -4.679  6.412   1.00 26.97 ? 190  LEU A O   1 
ATOM   995  C CB  . LEU A 1 126 ? -3.271  -7.399  5.965   1.00 27.06 ? 190  LEU A CB  1 
ATOM   996  C CG  . LEU A 1 126 ? -1.835  -7.407  6.604   1.00 27.24 ? 190  LEU A CG  1 
ATOM   997  C CD1 . LEU A 1 126 ? -1.706  -8.502  7.612   1.00 28.29 ? 190  LEU A CD1 1 
ATOM   998  C CD2 . LEU A 1 126 ? -0.706  -7.557  5.559   1.00 26.53 ? 190  LEU A CD2 1 
ATOM   999  N N   . SER A 1 127 ? -3.606  -5.051  8.221   1.00 27.62 ? 191  SER A N   1 
ATOM   1000 C CA  . SER A 1 127 ? -3.286  -3.645  8.461   1.00 26.88 ? 191  SER A CA  1 
ATOM   1001 C C   . SER A 1 127 ? -1.781  -3.575  8.681   1.00 27.29 ? 191  SER A C   1 
ATOM   1002 O O   . SER A 1 127 ? -1.205  -4.441  9.358   1.00 26.32 ? 191  SER A O   1 
ATOM   1003 C CB  . SER A 1 127 ? -3.985  -3.158  9.742   1.00 27.12 ? 191  SER A CB  1 
ATOM   1004 O OG  . SER A 1 127 ? -5.401  -3.239  9.609   1.00 31.16 ? 191  SER A OG  1 
ATOM   1005 N N   . TRP A 1 128 ? -1.130  -2.556  8.125   1.00 26.85 ? 192  TRP A N   1 
ATOM   1006 C CA  . TRP A 1 128 ? 0.324   -2.466  8.241   1.00 26.71 ? 192  TRP A CA  1 
ATOM   1007 C C   . TRP A 1 128 ? 0.677   -1.011  8.097   1.00 26.44 ? 192  TRP A C   1 
ATOM   1008 O O   . TRP A 1 128 ? -0.159  -0.194  7.663   1.00 25.40 ? 192  TRP A O   1 
ATOM   1009 C CB  . TRP A 1 128 ? 1.070   -3.351  7.212   1.00 26.81 ? 192  TRP A CB  1 
ATOM   1010 C CG  . TRP A 1 128 ? 0.919   -2.899  5.738   1.00 25.93 ? 192  TRP A CG  1 
ATOM   1011 C CD1 . TRP A 1 128 ? 1.817   -2.183  5.017   1.00 25.92 ? 192  TRP A CD1 1 
ATOM   1012 C CD2 . TRP A 1 128 ? -0.193  -3.154  4.873   1.00 26.13 ? 192  TRP A CD2 1 
ATOM   1013 N NE1 . TRP A 1 128 ? 1.327   -1.942  3.763   1.00 25.90 ? 192  TRP A NE1 1 
ATOM   1014 C CE2 . TRP A 1 128 ? 0.097   -2.551  3.642   1.00 25.62 ? 192  TRP A CE2 1 
ATOM   1015 C CE3 . TRP A 1 128 ? -1.432  -3.819  5.032   1.00 23.53 ? 192  TRP A CE3 1 
ATOM   1016 C CZ2 . TRP A 1 128 ? -0.790  -2.594  2.551   1.00 26.04 ? 192  TRP A CZ2 1 
ATOM   1017 C CZ3 . TRP A 1 128 ? -2.334  -3.871  3.924   1.00 26.59 ? 192  TRP A CZ3 1 
ATOM   1018 C CH2 . TRP A 1 128 ? -1.987  -3.257  2.697   1.00 27.15 ? 192  TRP A CH2 1 
ATOM   1019 N N   . GLU A 1 129 ? 1.914   -0.713  8.447   1.00 26.96 ? 193  GLU A N   1 
ATOM   1020 C CA  . GLU A 1 129 ? 2.433   0.635   8.474   1.00 28.57 ? 193  GLU A CA  1 
ATOM   1021 C C   . GLU A 1 129 ? 3.806   0.686   7.771   1.00 28.50 ? 193  GLU A C   1 
ATOM   1022 O O   . GLU A 1 129 ? 4.649   -0.244  7.893   1.00 27.92 ? 193  GLU A O   1 
ATOM   1023 C CB  . GLU A 1 129 ? 2.518   1.047   9.958   1.00 29.52 ? 193  GLU A CB  1 
ATOM   1024 C CG  . GLU A 1 129 ? 3.064   2.377   10.203  1.00 38.29 ? 193  GLU A CG  1 
ATOM   1025 C CD  . GLU A 1 129 ? 2.740   2.899   11.615  1.00 47.97 ? 193  GLU A CD  1 
ATOM   1026 O OE1 . GLU A 1 129 ? 2.150   2.136   12.439  1.00 46.09 ? 193  GLU A OE1 1 
ATOM   1027 O OE2 . GLU A 1 129 ? 3.067   4.102   11.842  1.00 53.16 ? 193  GLU A OE2 1 
ATOM   1028 N N   . TRP A 1 130 ? 4.031   1.763   7.023   1.00 26.28 ? 194  TRP A N   1 
ATOM   1029 C CA  . TRP A 1 130 ? 5.235   1.905   6.226   1.00 26.45 ? 194  TRP A CA  1 
ATOM   1030 C C   . TRP A 1 130 ? 5.585   3.388   6.068   1.00 26.46 ? 194  TRP A C   1 
ATOM   1031 O O   . TRP A 1 130 ? 4.872   4.258   6.578   1.00 25.85 ? 194  TRP A O   1 
ATOM   1032 C CB  . TRP A 1 130 ? 5.116   1.180   4.886   1.00 25.80 ? 194  TRP A CB  1 
ATOM   1033 C CG  . TRP A 1 130 ? 3.907   1.531   4.005   1.00 25.34 ? 194  TRP A CG  1 
ATOM   1034 C CD1 . TRP A 1 130 ? 2.581   1.232   4.230   1.00 25.97 ? 194  TRP A CD1 1 
ATOM   1035 C CD2 . TRP A 1 130 ? 3.947   2.290   2.793   1.00 27.30 ? 194  TRP A CD2 1 
ATOM   1036 N NE1 . TRP A 1 130 ? 1.814   1.706   3.176   1.00 28.17 ? 194  TRP A NE1 1 
ATOM   1037 C CE2 . TRP A 1 130 ? 2.630   2.380   2.303   1.00 27.13 ? 194  TRP A CE2 1 
ATOM   1038 C CE3 . TRP A 1 130 ? 4.987   2.875   2.051   1.00 27.44 ? 194  TRP A CE3 1 
ATOM   1039 C CZ2 . TRP A 1 130 ? 2.318   3.058   1.123   1.00 29.08 ? 194  TRP A CZ2 1 
ATOM   1040 C CZ3 . TRP A 1 130 ? 4.672   3.583   0.890   1.00 28.19 ? 194  TRP A CZ3 1 
ATOM   1041 C CH2 . TRP A 1 130 ? 3.357   3.646   0.424   1.00 28.87 ? 194  TRP A CH2 1 
ATOM   1042 N N   . ASN A 1 131 ? 6.683   3.679   5.385   1.00 26.00 ? 195  ASN A N   1 
ATOM   1043 C CA  . ASN A 1 131 ? 7.164   5.066   5.359   1.00 27.97 ? 195  ASN A CA  1 
ATOM   1044 C C   . ASN A 1 131 ? 7.564   5.421   3.963   1.00 28.10 ? 195  ASN A C   1 
ATOM   1045 O O   . ASN A 1 131 ? 8.089   4.587   3.222   1.00 27.98 ? 195  ASN A O   1 
ATOM   1046 C CB  . ASN A 1 131 ? 8.370   5.242   6.268   1.00 28.71 ? 195  ASN A CB  1 
ATOM   1047 C CG  . ASN A 1 131 ? 8.049   4.984   7.736   1.00 29.84 ? 195  ASN A CG  1 
ATOM   1048 O OD1 . ASN A 1 131 ? 7.316   5.737   8.338   1.00 32.35 ? 195  ASN A OD1 1 
ATOM   1049 N ND2 . ASN A 1 131 ? 8.632   3.940   8.310   1.00 31.44 ? 195  ASN A ND2 1 
ATOM   1050 N N   . LEU A 1 132 ? 7.353   6.678   3.635   1.00 28.53 ? 196  LEU A N   1 
ATOM   1051 C CA  . LEU A 1 132 ? 7.651   7.187   2.315   1.00 29.67 ? 196  LEU A CA  1 
ATOM   1052 C C   . LEU A 1 132 ? 8.483   8.445   2.521   1.00 29.26 ? 196  LEU A C   1 
ATOM   1053 O O   . LEU A 1 132 ? 8.109   9.294   3.350   1.00 29.66 ? 196  LEU A O   1 
ATOM   1054 C CB  . LEU A 1 132 ? 6.312   7.506   1.635   1.00 30.11 ? 196  LEU A CB  1 
ATOM   1055 C CG  . LEU A 1 132 ? 6.292   8.056   0.228   1.00 33.76 ? 196  LEU A CG  1 
ATOM   1056 C CD1 . LEU A 1 132 ? 6.832   6.970   -0.698  1.00 32.22 ? 196  LEU A CD1 1 
ATOM   1057 C CD2 . LEU A 1 132 ? 4.858   8.400   -0.166  1.00 32.53 ? 196  LEU A CD2 1 
ATOM   1058 N N   . THR A 1 133 ? 9.600   8.582   1.798   1.00 27.19 ? 197  THR A N   1 
ATOM   1059 C CA  . THR A 1 133 ? 10.486  9.760   1.979   1.00 28.31 ? 197  THR A CA  1 
ATOM   1060 C C   . THR A 1 133 ? 10.594  10.466  0.626   1.00 28.80 ? 197  THR A C   1 
ATOM   1061 O O   . THR A 1 133 ? 10.975  9.836   -0.388  1.00 29.05 ? 197  THR A O   1 
ATOM   1062 C CB  . THR A 1 133 ? 11.894  9.364   2.509   1.00 28.17 ? 197  THR A CB  1 
ATOM   1063 O OG1 . THR A 1 133 ? 11.771  8.743   3.806   1.00 27.70 ? 197  THR A OG1 1 
ATOM   1064 C CG2 . THR A 1 133 ? 12.806  10.593  2.608   1.00 29.46 ? 197  THR A CG2 1 
ATOM   1065 N N   . ILE A 1 134 ? 10.239  11.755  0.603   1.00 28.63 ? 198  ILE A N   1 
ATOM   1066 C CA  . ILE A 1 134 ? 10.190  12.535  -0.637  1.00 29.12 ? 198  ILE A CA  1 
ATOM   1067 C C   . ILE A 1 134 ? 11.470  13.352  -0.688  1.00 30.98 ? 198  ILE A C   1 
ATOM   1068 O O   . ILE A 1 134 ? 11.804  14.075  0.281   1.00 30.76 ? 198  ILE A O   1 
ATOM   1069 C CB  . ILE A 1 134 ? 8.924   13.438  -0.709  1.00 29.22 ? 198  ILE A CB  1 
ATOM   1070 C CG1 . ILE A 1 134 ? 7.643   12.572  -0.653  1.00 27.64 ? 198  ILE A CG1 1 
ATOM   1071 C CG2 . ILE A 1 134 ? 8.929   14.290  -2.004  1.00 28.52 ? 198  ILE A CG2 1 
ATOM   1072 C CD1 . ILE A 1 134 ? 7.598   11.356  -1.613  1.00 26.84 ? 198  ILE A CD1 1 
ATOM   1073 N N   . LYS A 1 135 ? 12.202  13.188  -1.794  1.00 31.25 ? 199  LYS A N   1 
ATOM   1074 C CA  . LYS A 1 135 ? 13.513  13.798  -1.973  1.00 32.97 ? 199  LYS A CA  1 
ATOM   1075 C C   . LYS A 1 135 ? 13.613  14.624  -3.271  1.00 33.71 ? 199  LYS A C   1 
ATOM   1076 O O   . LYS A 1 135 ? 12.836  14.422  -4.209  1.00 31.64 ? 199  LYS A O   1 
ATOM   1077 C CB  . LYS A 1 135 ? 14.600  12.724  -1.935  1.00 32.90 ? 199  LYS A CB  1 
ATOM   1078 C CG  . LYS A 1 135 ? 14.840  12.193  -0.521  1.00 34.88 ? 199  LYS A CG  1 
ATOM   1079 C CD  . LYS A 1 135 ? 16.095  11.360  -0.439  1.00 39.87 ? 199  LYS A CD  1 
ATOM   1080 C CE  . LYS A 1 135 ? 16.430  11.075  0.994   1.00 42.30 ? 199  LYS A CE  1 
ATOM   1081 N NZ  . LYS A 1 135 ? 17.406  9.956   1.085   1.00 45.30 ? 199  LYS A NZ  1 
ATOM   1082 N N   . LYS A 1 136 ? 14.563  15.566  -3.305  1.00 34.41 ? 200  LYS A N   1 
ATOM   1083 C CA  . LYS A 1 136 ? 14.774  16.383  -4.499  1.00 37.01 ? 200  LYS A CA  1 
ATOM   1084 C C   . LYS A 1 136 ? 15.185  15.483  -5.693  1.00 37.88 ? 200  LYS A C   1 
ATOM   1085 O O   . LYS A 1 136 ? 14.778  15.725  -6.843  1.00 37.65 ? 200  LYS A O   1 
ATOM   1086 C CB  . LYS A 1 136 ? 15.816  17.487  -4.228  1.00 36.26 ? 200  LYS A CB  1 
ATOM   1087 C CG  . LYS A 1 136 ? 16.051  18.423  -5.415  1.00 38.49 ? 200  LYS A CG  1 
ATOM   1088 C CD  . LYS A 1 136 ? 17.251  19.358  -5.227  1.00 39.44 ? 200  LYS A CD  1 
ATOM   1089 C CE  . LYS A 1 136 ? 17.616  19.995  -6.590  1.00 45.36 ? 200  LYS A CE  1 
ATOM   1090 N NZ  . LYS A 1 136 ? 19.097  20.217  -6.863  1.00 49.26 ? 200  LYS A NZ  1 
ATOM   1091 N N   . ASP A 1 137 ? 15.941  14.428  -5.379  1.00 39.42 ? 201  ASP A N   1 
ATOM   1092 C CA  . ASP A 1 137 ? 16.514  13.486  -6.333  1.00 41.55 ? 201  ASP A CA  1 
ATOM   1093 C C   . ASP A 1 137 ? 16.379  12.058  -5.785  1.00 41.54 ? 201  ASP A C   1 
ATOM   1094 O O   . ASP A 1 137 ? 16.235  11.870  -4.590  1.00 41.98 ? 201  ASP A O   1 
ATOM   1095 C CB  . ASP A 1 137 ? 18.014  13.770  -6.503  1.00 42.51 ? 201  ASP A CB  1 
ATOM   1096 C CG  . ASP A 1 137 ? 18.318  15.227  -6.889  1.00 48.18 ? 201  ASP A CG  1 
ATOM   1097 O OD1 . ASP A 1 137 ? 19.025  15.910  -6.096  1.00 53.02 ? 201  ASP A OD1 1 
ATOM   1098 O OD2 . ASP A 1 137 ? 17.867  15.686  -7.984  1.00 53.73 ? 201  ASP A OD2 1 
ATOM   1099 N N   . TRP A 1 138 ? 16.446  11.059  -6.662  1.00 41.68 ? 202  TRP A N   1 
ATOM   1100 C CA  . TRP A 1 138 ? 16.660  9.666   -6.265  1.00 41.81 ? 202  TRP A CA  1 
ATOM   1101 C C   . TRP A 1 138 ? 18.083  9.486   -5.740  1.00 43.43 ? 202  TRP A C   1 
ATOM   1102 O O   . TRP A 1 138 ? 18.345  9.648   -4.545  1.00 46.11 ? 202  TRP A O   1 
ATOM   1103 C CB  . TRP A 1 138 ? 16.509  8.733   -7.464  1.00 40.33 ? 202  TRP A CB  1 
ATOM   1104 C CG  . TRP A 1 138 ? 15.257  8.853   -8.274  1.00 39.14 ? 202  TRP A CG  1 
ATOM   1105 C CD1 . TRP A 1 138 ? 15.120  9.488   -9.480  1.00 37.72 ? 202  TRP A CD1 1 
ATOM   1106 C CD2 . TRP A 1 138 ? 13.978  8.276   -7.978  1.00 36.29 ? 202  TRP A CD2 1 
ATOM   1107 N NE1 . TRP A 1 138 ? 13.833  9.356   -9.941  1.00 37.44 ? 202  TRP A NE1 1 
ATOM   1108 C CE2 . TRP A 1 138 ? 13.110  8.619   -9.040  1.00 35.40 ? 202  TRP A CE2 1 
ATOM   1109 C CE3 . TRP A 1 138 ? 13.473  7.522   -6.905  1.00 35.18 ? 202  TRP A CE3 1 
ATOM   1110 C CZ2 . TRP A 1 138 ? 11.774  8.217   -9.079  1.00 37.23 ? 202  TRP A CZ2 1 
ATOM   1111 C CZ3 . TRP A 1 138 ? 12.138  7.117   -6.945  1.00 35.69 ? 202  TRP A CZ3 1 
ATOM   1112 C CH2 . TRP A 1 138 ? 11.306  7.467   -8.022  1.00 36.92 ? 202  TRP A CH2 1 
HETATM 1113 O O   . HOH B 2 .   ? -8.704  -22.254 11.112  1.00 56.51 ? 2001 HOH A O   1 
HETATM 1114 O O   . HOH B 2 .   ? -3.313  -18.174 9.715   1.00 62.25 ? 2002 HOH A O   1 
HETATM 1115 O O   . HOH B 2 .   ? -7.627  -23.118 6.207   1.00 49.94 ? 2003 HOH A O   1 
HETATM 1116 O O   . HOH B 2 .   ? -8.553  -20.117 6.845   1.00 61.39 ? 2004 HOH A O   1 
HETATM 1117 O O   . HOH B 2 .   ? -13.636 -12.870 3.913   1.00 38.67 ? 2005 HOH A O   1 
HETATM 1118 O O   . HOH B 2 .   ? -3.376  -11.102 5.054   1.00 34.22 ? 2006 HOH A O   1 
HETATM 1119 O O   . HOH B 2 .   ? 8.714   -0.982  -7.809  1.00 39.27 ? 2007 HOH A O   1 
HETATM 1120 O O   . HOH B 2 .   ? 7.711   -0.176  -11.322 1.00 55.81 ? 2008 HOH A O   1 
HETATM 1121 O O   . HOH B 2 .   ? 14.201  2.888   -6.280  1.00 39.81 ? 2009 HOH A O   1 
HETATM 1122 O O   . HOH B 2 .   ? 12.177  -2.523  -2.255  1.00 43.05 ? 2010 HOH A O   1 
HETATM 1123 O O   . HOH B 2 .   ? 8.692   -3.503  -8.784  1.00 47.91 ? 2011 HOH A O   1 
HETATM 1124 O O   . HOH B 2 .   ? 5.776   -6.831  -2.951  1.00 42.23 ? 2012 HOH A O   1 
HETATM 1125 O O   . HOH B 2 .   ? 9.867   -6.701  2.475   1.00 40.00 ? 2013 HOH A O   1 
HETATM 1126 O O   . HOH B 2 .   ? 0.251   -11.556 4.926   1.00 36.14 ? 2014 HOH A O   1 
HETATM 1127 O O   . HOH B 2 .   ? -8.094  -24.314 13.286  1.00 59.59 ? 2015 HOH A O   1 
HETATM 1128 O O   . HOH B 2 .   ? 2.744   -10.781 7.939   1.00 39.34 ? 2016 HOH A O   1 
HETATM 1129 O O   . HOH B 2 .   ? 4.180   -9.182  11.956  1.00 54.27 ? 2017 HOH A O   1 
HETATM 1130 O O   . HOH B 2 .   ? 4.136   -2.619  9.495   1.00 43.40 ? 2018 HOH A O   1 
HETATM 1131 O O   . HOH B 2 .   ? 11.566  -1.310  2.728   1.00 49.47 ? 2019 HOH A O   1 
HETATM 1132 O O   . HOH B 2 .   ? 9.851   0.728   3.173   1.00 37.27 ? 2020 HOH A O   1 
HETATM 1133 O O   . HOH B 2 .   ? 13.929  3.711   -1.684  1.00 35.59 ? 2021 HOH A O   1 
HETATM 1134 O O   . HOH B 2 .   ? 13.889  4.722   -4.288  1.00 34.90 ? 2022 HOH A O   1 
HETATM 1135 O O   . HOH B 2 .   ? 16.302  6.183   -4.488  1.00 41.98 ? 2023 HOH A O   1 
HETATM 1136 O O   . HOH B 2 .   ? 6.871   10.868  -13.456 1.00 41.07 ? 2024 HOH A O   1 
HETATM 1137 O O   . HOH B 2 .   ? 2.516   -16.250 -0.300  1.00 49.06 ? 2025 HOH A O   1 
HETATM 1138 O O   . HOH B 2 .   ? 2.430   -5.757  -4.585  1.00 32.04 ? 2026 HOH A O   1 
HETATM 1139 O O   . HOH B 2 .   ? -4.820  -18.796 -2.594  1.00 28.10 ? 2027 HOH A O   1 
HETATM 1140 O O   . HOH B 2 .   ? -2.488  -17.717 -0.716  1.00 35.34 ? 2028 HOH A O   1 
HETATM 1141 O O   . HOH B 2 .   ? -0.831  -17.014 0.058   1.00 40.35 ? 2029 HOH A O   1 
HETATM 1142 O O   . HOH B 2 .   ? -3.685  -21.224 -0.147  1.00 23.63 ? 2030 HOH A O   1 
HETATM 1143 O O   . HOH B 2 .   ? -15.294 -21.945 2.773   1.00 44.71 ? 2031 HOH A O   1 
HETATM 1144 O O   . HOH B 2 .   ? -10.927 -17.615 -11.137 1.00 49.38 ? 2032 HOH A O   1 
HETATM 1145 O O   . HOH B 2 .   ? -14.915 -18.484 -7.704  1.00 38.43 ? 2033 HOH A O   1 
HETATM 1146 O O   . HOH B 2 .   ? -17.884 -21.272 2.635   1.00 36.09 ? 2034 HOH A O   1 
HETATM 1147 O O   . HOH B 2 .   ? -10.479 4.568   8.035   1.00 39.70 ? 2035 HOH A O   1 
HETATM 1148 O O   . HOH B 2 .   ? -3.312  8.587   2.380   1.00 28.21 ? 2036 HOH A O   1 
HETATM 1149 O O   . HOH B 2 .   ? 0.132   9.291   0.637   1.00 36.08 ? 2037 HOH A O   1 
HETATM 1150 O O   . HOH B 2 .   ? -5.386  9.772   13.618  1.00 51.15 ? 2038 HOH A O   1 
HETATM 1151 O O   . HOH B 2 .   ? -9.910  -2.339  8.634   1.00 53.34 ? 2039 HOH A O   1 
HETATM 1152 O O   . HOH B 2 .   ? -0.761  -8.821  11.275  1.00 42.91 ? 2040 HOH A O   1 
HETATM 1153 O O   . HOH B 2 .   ? 4.933   16.417  15.701  1.00 21.99 ? 2041 HOH A O   1 
HETATM 1154 O O   . HOH B 2 .   ? -3.423  17.890  3.514   1.00 43.26 ? 2042 HOH A O   1 
HETATM 1155 O O   . HOH B 2 .   ? -8.034  13.550  3.060   1.00 41.10 ? 2043 HOH A O   1 
HETATM 1156 O O   . HOH B 2 .   ? -10.103 11.071  -0.530  1.00 48.25 ? 2044 HOH A O   1 
HETATM 1157 O O   . HOH B 2 .   ? -11.184 8.619   -0.923  1.00 42.39 ? 2045 HOH A O   1 
HETATM 1158 O O   . HOH B 2 .   ? -12.411 4.554   5.964   1.00 52.40 ? 2046 HOH A O   1 
HETATM 1159 O O   . HOH B 2 .   ? -12.122 4.139   -5.629  1.00 39.08 ? 2047 HOH A O   1 
HETATM 1160 O O   . HOH B 2 .   ? -17.540 -5.205  -5.504  1.00 33.84 ? 2048 HOH A O   1 
HETATM 1161 O O   . HOH B 2 .   ? -12.223 -13.246 -9.400  1.00 39.77 ? 2049 HOH A O   1 
HETATM 1162 O O   . HOH B 2 .   ? -12.245 -17.908 -8.336  1.00 41.81 ? 2050 HOH A O   1 
HETATM 1163 O O   . HOH B 2 .   ? -5.742  -11.726 -12.827 1.00 47.33 ? 2051 HOH A O   1 
HETATM 1164 O O   . HOH B 2 .   ? -6.107  -15.706 -5.130  1.00 26.47 ? 2052 HOH A O   1 
HETATM 1165 O O   . HOH B 2 .   ? -5.105  -19.734 -10.098 1.00 27.25 ? 2053 HOH A O   1 
HETATM 1166 O O   . HOH B 2 .   ? -2.624  -20.750 -10.663 0.50 29.92 ? 2054 HOH A O   1 
HETATM 1167 O O   . HOH B 2 .   ? -2.403  -15.595 -12.508 1.00 51.79 ? 2055 HOH A O   1 
HETATM 1168 O O   . HOH B 2 .   ? 1.494   -15.682 -3.033  1.00 43.60 ? 2056 HOH A O   1 
HETATM 1169 O O   . HOH B 2 .   ? 0.690   -16.044 -7.716  1.00 38.81 ? 2057 HOH A O   1 
HETATM 1170 O O   . HOH B 2 .   ? 1.815   -11.750 -8.215  1.00 51.38 ? 2058 HOH A O   1 
HETATM 1171 O O   . HOH B 2 .   ? -4.935  -9.509  -11.026 1.00 40.04 ? 2059 HOH A O   1 
HETATM 1172 O O   . HOH B 2 .   ? 2.718   -9.165  -7.345  1.00 48.89 ? 2060 HOH A O   1 
HETATM 1173 O O   . HOH B 2 .   ? -6.590  -2.966  -10.285 1.00 36.81 ? 2061 HOH A O   1 
HETATM 1174 O O   . HOH B 2 .   ? -7.989  1.505   -9.207  1.00 33.66 ? 2062 HOH A O   1 
HETATM 1175 O O   . HOH B 2 .   ? -5.340  6.984   -13.131 1.00 49.22 ? 2063 HOH A O   1 
HETATM 1176 O O   . HOH B 2 .   ? -1.462  12.044  -5.705  1.00 44.80 ? 2064 HOH A O   1 
HETATM 1177 O O   . HOH B 2 .   ? 0.749   17.058  -7.084  1.00 41.21 ? 2065 HOH A O   1 
HETATM 1178 O O   . HOH B 2 .   ? 0.589   15.058  -5.109  1.00 35.62 ? 2066 HOH A O   1 
HETATM 1179 O O   . HOH B 2 .   ? 3.346   17.286  -7.171  1.00 33.40 ? 2067 HOH A O   1 
HETATM 1180 O O   . HOH B 2 .   ? 11.334  23.962  -3.617  1.00 36.69 ? 2068 HOH A O   1 
HETATM 1181 O O   . HOH B 2 .   ? 8.314   24.482  -1.158  1.00 29.18 ? 2069 HOH A O   1 
HETATM 1182 O O   . HOH B 2 .   ? 11.275  18.066  5.654   1.00 33.55 ? 2070 HOH A O   1 
HETATM 1183 O O   . HOH B 2 .   ? 15.876  19.165  -0.093  1.00 46.00 ? 2071 HOH A O   1 
HETATM 1184 O O   . HOH B 2 .   ? 15.542  23.081  -3.790  1.00 58.27 ? 2072 HOH A O   1 
HETATM 1185 O O   . HOH B 2 .   ? 8.566   15.265  6.940   1.00 34.92 ? 2073 HOH A O   1 
HETATM 1186 O O   . HOH B 2 .   ? 6.559   12.359  9.216   1.00 26.20 ? 2074 HOH A O   1 
HETATM 1187 O O   . HOH B 2 .   ? 4.263   10.821  10.750  1.00 23.45 ? 2075 HOH A O   1 
HETATM 1188 O O   . HOH B 2 .   ? -5.510  2.526   7.044   1.00 41.71 ? 2076 HOH A O   1 
HETATM 1189 O O   . HOH B 2 .   ? -1.283  -0.806  11.532  1.00 45.05 ? 2077 HOH A O   1 
HETATM 1190 O O   . HOH B 2 .   ? -8.267  2.311   8.928   1.00 59.99 ? 2078 HOH A O   1 
HETATM 1191 O O   . HOH B 2 .   ? -11.602 -8.545  11.215  1.00 43.10 ? 2079 HOH A O   1 
HETATM 1192 O O   . HOH B 2 .   ? -7.982  -3.927  7.443   1.00 51.90 ? 2080 HOH A O   1 
HETATM 1193 O O   . HOH B 2 .   ? -8.923  -12.703 5.644   1.00 45.43 ? 2081 HOH A O   1 
HETATM 1194 O O   . HOH B 2 .   ? -3.405  -6.945  10.428  1.00 36.74 ? 2082 HOH A O   1 
HETATM 1195 O O   . HOH B 2 .   ? 8.461   1.305   5.037   1.00 33.93 ? 2083 HOH A O   1 
HETATM 1196 O O   . HOH B 2 .   ? 5.560   4.162   10.029  1.00 54.35 ? 2084 HOH A O   1 
HETATM 1197 O O   . HOH B 2 .   ? 16.022  16.115  -0.606  1.00 36.45 ? 2085 HOH A O   1 
HETATM 1198 O O   . HOH B 2 .   ? 17.255  12.403  -9.546  1.00 47.70 ? 2086 HOH A O   1 
# 
loop_
_pdbx_poly_seq_scheme.asym_id 
_pdbx_poly_seq_scheme.entity_id 
_pdbx_poly_seq_scheme.seq_id 
_pdbx_poly_seq_scheme.mon_id 
_pdbx_poly_seq_scheme.ndb_seq_num 
_pdbx_poly_seq_scheme.pdb_seq_num 
_pdbx_poly_seq_scheme.auth_seq_num 
_pdbx_poly_seq_scheme.pdb_mon_id 
_pdbx_poly_seq_scheme.auth_mon_id 
_pdbx_poly_seq_scheme.pdb_strand_id 
_pdbx_poly_seq_scheme.pdb_ins_code 
_pdbx_poly_seq_scheme.hetero 
A 1 1   ALA 1   65  65  ALA ALA A . n 
A 1 2   MET 2   66  66  MET MET A . n 
A 1 3   VAL 3   67  67  VAL VAL A . n 
A 1 4   PRO 4   68  68  PRO PRO A . n 
A 1 5   ASN 5   69  69  ASN ASN A . n 
A 1 6   VAL 6   70  70  VAL VAL A . n 
A 1 7   VAL 7   71  71  VAL VAL A . n 
A 1 8   VAL 8   72  72  VAL VAL A . n 
A 1 9   THR 9   73  73  THR THR A . n 
A 1 10  GLY 10  74  74  GLY GLY A . n 
A 1 11  LEU 11  75  75  LEU LEU A . n 
A 1 12  THR 12  76  76  THR THR A . n 
A 1 13  LEU 13  77  77  LEU LEU A . n 
A 1 14  VAL 14  78  78  VAL VAL A . n 
A 1 15  CYS 15  79  79  CYS CYS A . n 
A 1 16  SER 16  80  80  SER SER A . n 
A 1 17  SER 17  81  81  SER SER A . n 
A 1 18  ALA 18  82  82  ALA ALA A . n 
A 1 19  PRO 19  83  83  PRO PRO A . n 
A 1 20  GLY 20  84  84  GLY GLY A . n 
A 1 21  PRO 21  85  85  PRO PRO A . n 
A 1 22  LEU 22  86  86  LEU LEU A . n 
A 1 23  GLU 23  87  87  GLU GLU A . n 
A 1 24  LEU 24  88  88  LEU LEU A . n 
A 1 25  ASP 25  89  89  ASP ASP A . n 
A 1 26  LEU 26  90  90  LEU LEU A . n 
A 1 27  THR 27  91  91  THR THR A . n 
A 1 28  GLY 28  92  92  GLY GLY A . n 
A 1 29  ASP 29  93  93  ASP ASP A . n 
A 1 30  LEU 30  94  94  LEU LEU A . n 
A 1 31  GLU 31  95  95  GLU GLU A . n 
A 1 32  SER 32  96  96  SER SER A . n 
A 1 33  PHE 33  97  97  PHE PHE A . n 
A 1 34  LYS 34  98  98  LYS LYS A . n 
A 1 35  LYS 35  99  99  LYS LYS A . n 
A 1 36  GLN 36  100 100 GLN GLN A . n 
A 1 37  SER 37  101 101 SER SER A . n 
A 1 38  PHE 38  102 102 PHE PHE A . n 
A 1 39  VAL 39  103 103 VAL VAL A . n 
A 1 40  LEU 40  104 104 LEU LEU A . n 
A 1 41  LYS 41  105 105 LYS LYS A . n 
A 1 42  GLU 42  106 106 GLU GLU A . n 
A 1 43  GLY 43  107 107 GLY GLY A . n 
A 1 44  VAL 44  108 108 VAL VAL A . n 
A 1 45  GLU 45  109 109 GLU GLU A . n 
A 1 46  TYR 46  110 110 TYR TYR A . n 
A 1 47  ARG 47  111 111 ARG ARG A . n 
A 1 48  ILE 48  112 112 ILE ILE A . n 
A 1 49  LYS 49  113 113 LYS LYS A . n 
A 1 50  ILE 50  114 114 ILE ILE A . n 
A 1 51  SER 51  115 115 SER SER A . n 
A 1 52  PHE 52  116 116 PHE PHE A . n 
A 1 53  ARG 53  117 117 ARG ARG A . n 
A 1 54  VAL 54  118 118 VAL VAL A . n 
A 1 55  ASN 55  119 119 ASN ASN A . n 
A 1 56  ARG 56  120 120 ARG ARG A . n 
A 1 57  GLU 57  121 121 GLU GLU A . n 
A 1 58  ILE 58  122 122 ILE ILE A . n 
A 1 59  VAL 59  123 123 VAL VAL A . n 
A 1 60  SER 60  124 124 SER SER A . n 
A 1 61  GLY 61  125 125 GLY GLY A . n 
A 1 62  MET 62  126 126 MET MET A . n 
A 1 63  LYS 63  127 127 LYS LYS A . n 
A 1 64  TYR 64  128 128 TYR TYR A . n 
A 1 65  ILE 65  129 129 ILE ILE A . n 
A 1 66  GLN 66  130 130 GLN GLN A . n 
A 1 67  HIS 67  131 131 HIS HIS A . n 
A 1 68  THR 68  132 132 THR THR A . n 
A 1 69  TYR 69  133 133 TYR TYR A . n 
A 1 70  ARG 70  134 134 ARG ARG A . n 
A 1 71  LYS 71  135 135 LYS LYS A . n 
A 1 72  GLY 72  136 136 GLY GLY A . n 
A 1 73  VAL 73  137 137 VAL VAL A . n 
A 1 74  LYS 74  138 138 LYS LYS A . n 
A 1 75  ILE 75  139 139 ILE ILE A . n 
A 1 76  ASP 76  140 140 ASP ASP A . n 
A 1 77  LYS 77  141 141 LYS LYS A . n 
A 1 78  THR 78  142 142 THR THR A . n 
A 1 79  ASP 79  143 143 ASP ASP A . n 
A 1 80  TYR 80  144 144 TYR TYR A . n 
A 1 81  MET 81  145 145 MET MET A . n 
A 1 82  VAL 82  146 146 VAL VAL A . n 
A 1 83  GLY 83  147 147 GLY GLY A . n 
A 1 84  SER 84  148 148 SER SER A . n 
A 1 85  TYR 85  149 149 TYR TYR A . n 
A 1 86  GLY 86  150 150 GLY GLY A . n 
A 1 87  PRO 87  151 151 PRO PRO A . n 
A 1 88  ARG 88  152 152 ARG ARG A . n 
A 1 89  ALA 89  153 153 ALA ALA A . n 
A 1 90  GLU 90  154 154 GLU GLU A . n 
A 1 91  HIS 91  155 155 HIS HIS A . n 
A 1 92  TYR 92  156 156 TYR TYR A . n 
A 1 93  HIS 93  157 157 HIS HIS A . n 
A 1 94  PHE 94  158 158 PHE PHE A . n 
A 1 95  LEU 95  159 159 LEU LEU A . n 
A 1 96  THR 96  160 160 THR THR A . n 
A 1 97  PRO 97  161 161 PRO PRO A . n 
A 1 98  VAL 98  162 162 VAL VAL A . n 
A 1 99  GLU 99  163 163 GLU GLU A . n 
A 1 100 GLU 100 164 164 GLU GLU A . n 
A 1 101 ALA 101 165 165 ALA ALA A . n 
A 1 102 PRO 102 166 166 PRO PRO A . n 
A 1 103 LYS 103 167 167 LYS LYS A . n 
A 1 104 GLY 104 168 168 GLY GLY A . n 
A 1 105 MET 105 169 169 MET MET A . n 
A 1 106 LEU 106 170 170 LEU LEU A . n 
A 1 107 ALA 107 171 171 ALA ALA A . n 
A 1 108 ARG 108 172 172 ARG ARG A . n 
A 1 109 GLY 109 173 173 GLY GLY A . n 
A 1 110 SER 110 174 174 SER SER A . n 
A 1 111 TYR 111 175 175 TYR TYR A . n 
A 1 112 SER 112 176 176 SER SER A . n 
A 1 113 ILE 113 177 177 ILE ILE A . n 
A 1 114 LYS 114 178 178 LYS LYS A . n 
A 1 115 SER 115 179 179 SER SER A . n 
A 1 116 ARG 116 180 180 ARG ARG A . n 
A 1 117 PHE 117 181 181 PHE PHE A . n 
A 1 118 THR 118 182 182 THR THR A . n 
A 1 119 ASP 119 183 183 ASP ASP A . n 
A 1 120 ASP 120 184 184 ASP ASP A . n 
A 1 121 ASP 121 185 185 ASP ASP A . n 
A 1 122 LYS 122 186 186 LYS LYS A . n 
A 1 123 THR 123 187 187 THR THR A . n 
A 1 124 ASP 124 188 188 ASP ASP A . n 
A 1 125 HIS 125 189 189 HIS HIS A . n 
A 1 126 LEU 126 190 190 LEU LEU A . n 
A 1 127 SER 127 191 191 SER SER A . n 
A 1 128 TRP 128 192 192 TRP TRP A . n 
A 1 129 GLU 129 193 193 GLU GLU A . n 
A 1 130 TRP 130 194 194 TRP TRP A . n 
A 1 131 ASN 131 195 195 ASN ASN A . n 
A 1 132 LEU 132 196 196 LEU LEU A . n 
A 1 133 THR 133 197 197 THR THR A . n 
A 1 134 ILE 134 198 198 ILE ILE A . n 
A 1 135 LYS 135 199 199 LYS LYS A . n 
A 1 136 LYS 136 200 200 LYS LYS A . n 
A 1 137 ASP 137 201 201 ASP ASP A . n 
A 1 138 TRP 138 202 202 TRP TRP A . n 
# 
loop_
_pdbx_nonpoly_scheme.asym_id 
_pdbx_nonpoly_scheme.entity_id 
_pdbx_nonpoly_scheme.mon_id 
_pdbx_nonpoly_scheme.ndb_seq_num 
_pdbx_nonpoly_scheme.pdb_seq_num 
_pdbx_nonpoly_scheme.auth_seq_num 
_pdbx_nonpoly_scheme.pdb_mon_id 
_pdbx_nonpoly_scheme.auth_mon_id 
_pdbx_nonpoly_scheme.pdb_strand_id 
_pdbx_nonpoly_scheme.pdb_ins_code 
B 2 HOH 1  2001 2001 HOH HOH A . 
B 2 HOH 2  2002 2002 HOH HOH A . 
B 2 HOH 3  2003 2003 HOH HOH A . 
B 2 HOH 4  2004 2004 HOH HOH A . 
B 2 HOH 5  2005 2005 HOH HOH A . 
B 2 HOH 6  2006 2006 HOH HOH A . 
B 2 HOH 7  2007 2007 HOH HOH A . 
B 2 HOH 8  2008 2008 HOH HOH A . 
B 2 HOH 9  2009 2009 HOH HOH A . 
B 2 HOH 10 2010 2010 HOH HOH A . 
B 2 HOH 11 2011 2011 HOH HOH A . 
B 2 HOH 12 2012 2012 HOH HOH A . 
B 2 HOH 13 2013 2013 HOH HOH A . 
B 2 HOH 14 2014 2014 HOH HOH A . 
B 2 HOH 15 2015 2015 HOH HOH A . 
B 2 HOH 16 2016 2016 HOH HOH A . 
B 2 HOH 17 2017 2017 HOH HOH A . 
B 2 HOH 18 2018 2018 HOH HOH A . 
B 2 HOH 19 2019 2019 HOH HOH A . 
B 2 HOH 20 2020 2020 HOH HOH A . 
B 2 HOH 21 2021 2021 HOH HOH A . 
B 2 HOH 22 2022 2022 HOH HOH A . 
B 2 HOH 23 2023 2023 HOH HOH A . 
B 2 HOH 24 2024 2024 HOH HOH A . 
B 2 HOH 25 2025 2025 HOH HOH A . 
B 2 HOH 26 2026 2026 HOH HOH A . 
B 2 HOH 27 2027 2027 HOH HOH A . 
B 2 HOH 28 2028 2028 HOH HOH A . 
B 2 HOH 29 2029 2029 HOH HOH A . 
B 2 HOH 30 2030 2030 HOH HOH A . 
B 2 HOH 31 2031 2031 HOH HOH A . 
B 2 HOH 32 2032 2032 HOH HOH A . 
B 2 HOH 33 2033 2033 HOH HOH A . 
B 2 HOH 34 2034 2034 HOH HOH A . 
B 2 HOH 35 2035 2035 HOH HOH A . 
B 2 HOH 36 2036 2036 HOH HOH A . 
B 2 HOH 37 2037 2037 HOH HOH A . 
B 2 HOH 38 2038 2038 HOH HOH A . 
B 2 HOH 39 2039 2039 HOH HOH A . 
B 2 HOH 40 2040 2040 HOH HOH A . 
B 2 HOH 41 2041 2041 HOH HOH A . 
B 2 HOH 42 2042 2042 HOH HOH A . 
B 2 HOH 43 2043 2043 HOH HOH A . 
B 2 HOH 44 2044 2044 HOH HOH A . 
B 2 HOH 45 2045 2045 HOH HOH A . 
B 2 HOH 46 2046 2046 HOH HOH A . 
B 2 HOH 47 2047 2047 HOH HOH A . 
B 2 HOH 48 2048 2048 HOH HOH A . 
B 2 HOH 49 2049 2049 HOH HOH A . 
B 2 HOH 50 2050 2050 HOH HOH A . 
B 2 HOH 51 2051 2051 HOH HOH A . 
B 2 HOH 52 2052 2052 HOH HOH A . 
B 2 HOH 53 2053 2053 HOH HOH A . 
B 2 HOH 54 2054 2054 HOH HOH A . 
B 2 HOH 55 2055 2055 HOH HOH A . 
B 2 HOH 56 2056 2056 HOH HOH A . 
B 2 HOH 57 2057 2057 HOH HOH A . 
B 2 HOH 58 2058 2058 HOH HOH A . 
B 2 HOH 59 2059 2059 HOH HOH A . 
B 2 HOH 60 2060 2060 HOH HOH A . 
B 2 HOH 61 2061 2061 HOH HOH A . 
B 2 HOH 62 2062 2062 HOH HOH A . 
B 2 HOH 63 2063 2063 HOH HOH A . 
B 2 HOH 64 2064 2064 HOH HOH A . 
B 2 HOH 65 2065 2065 HOH HOH A . 
B 2 HOH 66 2066 2066 HOH HOH A . 
B 2 HOH 67 2067 2067 HOH HOH A . 
B 2 HOH 68 2068 2068 HOH HOH A . 
B 2 HOH 69 2069 2069 HOH HOH A . 
B 2 HOH 70 2070 2070 HOH HOH A . 
B 2 HOH 71 2071 2071 HOH HOH A . 
B 2 HOH 72 2072 2072 HOH HOH A . 
B 2 HOH 73 2073 2073 HOH HOH A . 
B 2 HOH 74 2074 2074 HOH HOH A . 
B 2 HOH 75 2075 2075 HOH HOH A . 
B 2 HOH 76 2076 2076 HOH HOH A . 
B 2 HOH 77 2077 2077 HOH HOH A . 
B 2 HOH 78 2078 2078 HOH HOH A . 
B 2 HOH 79 2079 2079 HOH HOH A . 
B 2 HOH 80 2080 2080 HOH HOH A . 
B 2 HOH 81 2081 2081 HOH HOH A . 
B 2 HOH 82 2082 2082 HOH HOH A . 
B 2 HOH 83 2083 2083 HOH HOH A . 
B 2 HOH 84 2084 2084 HOH HOH A . 
B 2 HOH 85 2085 2085 HOH HOH A . 
B 2 HOH 86 2086 2086 HOH HOH A . 
# 
_pdbx_struct_assembly.id                   1 
_pdbx_struct_assembly.details              author_and_software_defined_assembly 
_pdbx_struct_assembly.method_details       PQS 
_pdbx_struct_assembly.oligomeric_details   monomeric 
_pdbx_struct_assembly.oligomeric_count     1 
# 
_pdbx_struct_assembly_gen.assembly_id       1 
_pdbx_struct_assembly_gen.oper_expression   1 
_pdbx_struct_assembly_gen.asym_id_list      A,B 
# 
_pdbx_struct_oper_list.id                   1 
_pdbx_struct_oper_list.type                 'identity operation' 
_pdbx_struct_oper_list.name                 1_555 
_pdbx_struct_oper_list.symmetry_operation   x,y,z 
_pdbx_struct_oper_list.matrix[1][1]         1.0000000000 
_pdbx_struct_oper_list.matrix[1][2]         0.0000000000 
_pdbx_struct_oper_list.matrix[1][3]         0.0000000000 
_pdbx_struct_oper_list.vector[1]            0.0000000000 
_pdbx_struct_oper_list.matrix[2][1]         0.0000000000 
_pdbx_struct_oper_list.matrix[2][2]         1.0000000000 
_pdbx_struct_oper_list.matrix[2][3]         0.0000000000 
_pdbx_struct_oper_list.vector[2]            0.0000000000 
_pdbx_struct_oper_list.matrix[3][1]         0.0000000000 
_pdbx_struct_oper_list.matrix[3][2]         0.0000000000 
_pdbx_struct_oper_list.matrix[3][3]         1.0000000000 
_pdbx_struct_oper_list.vector[3]            0.0000000000 
# 
_pdbx_struct_special_symmetry.id              1 
_pdbx_struct_special_symmetry.PDB_model_num   1 
_pdbx_struct_special_symmetry.auth_asym_id    A 
_pdbx_struct_special_symmetry.auth_comp_id    HOH 
_pdbx_struct_special_symmetry.auth_seq_id     2054 
_pdbx_struct_special_symmetry.PDB_ins_code    ? 
_pdbx_struct_special_symmetry.label_asym_id   B 
_pdbx_struct_special_symmetry.label_comp_id   HOH 
_pdbx_struct_special_symmetry.label_seq_id    . 
# 
loop_
_pdbx_audit_revision_history.ordinal 
_pdbx_audit_revision_history.data_content_type 
_pdbx_audit_revision_history.major_revision 
_pdbx_audit_revision_history.minor_revision 
_pdbx_audit_revision_history.revision_date 
1 'Structure model' 1 0 2007-05-08 
2 'Structure model' 1 1 2011-07-13 
3 'Structure model' 1 2 2023-12-13 
# 
_pdbx_audit_revision_details.ordinal             1 
_pdbx_audit_revision_details.revision_ordinal    1 
_pdbx_audit_revision_details.data_content_type   'Structure model' 
_pdbx_audit_revision_details.provider            repository 
_pdbx_audit_revision_details.type                'Initial release' 
_pdbx_audit_revision_details.description         ? 
_pdbx_audit_revision_details.details             ? 
# 
loop_
_pdbx_audit_revision_group.ordinal 
_pdbx_audit_revision_group.revision_ordinal 
_pdbx_audit_revision_group.data_content_type 
_pdbx_audit_revision_group.group 
1 2 'Structure model' Advisory                    
2 2 'Structure model' 'Version format compliance' 
3 3 'Structure model' 'Data collection'           
4 3 'Structure model' 'Database references'       
5 3 'Structure model' Other                       
6 3 'Structure model' 'Refinement description'    
# 
loop_
_pdbx_audit_revision_category.ordinal 
_pdbx_audit_revision_category.revision_ordinal 
_pdbx_audit_revision_category.data_content_type 
_pdbx_audit_revision_category.category 
1 3 'Structure model' chem_comp_atom                
2 3 'Structure model' chem_comp_bond                
3 3 'Structure model' database_2                    
4 3 'Structure model' pdbx_database_status          
5 3 'Structure model' pdbx_initial_refinement_model 
# 
loop_
_pdbx_audit_revision_item.ordinal 
_pdbx_audit_revision_item.revision_ordinal 
_pdbx_audit_revision_item.data_content_type 
_pdbx_audit_revision_item.item 
1 3 'Structure model' '_database_2.pdbx_DOI'                 
2 3 'Structure model' '_database_2.pdbx_database_accession'  
3 3 'Structure model' '_pdbx_database_status.status_code_sf' 
# 
_pdbx_refine_tls.pdbx_refine_id   'X-RAY DIFFRACTION' 
_pdbx_refine_tls.id               1 
_pdbx_refine_tls.details          ? 
_pdbx_refine_tls.method           refined 
_pdbx_refine_tls.origin_x         -0.0815 
_pdbx_refine_tls.origin_y         0.1235 
_pdbx_refine_tls.origin_z         -0.0001 
_pdbx_refine_tls.T[1][1]          0.0041 
_pdbx_refine_tls.T[2][2]          -0.0320 
_pdbx_refine_tls.T[3][3]          -0.0037 
_pdbx_refine_tls.T[1][2]          -0.0166 
_pdbx_refine_tls.T[1][3]          -0.0172 
_pdbx_refine_tls.T[2][3]          -0.0117 
_pdbx_refine_tls.L[1][1]          0.5171 
_pdbx_refine_tls.L[2][2]          1.7792 
_pdbx_refine_tls.L[3][3]          0.2230 
_pdbx_refine_tls.L[1][2]          0.8193 
_pdbx_refine_tls.L[1][3]          0.3184 
_pdbx_refine_tls.L[2][3]          0.6183 
_pdbx_refine_tls.S[1][1]          -0.0020 
_pdbx_refine_tls.S[1][2]          -0.0235 
_pdbx_refine_tls.S[1][3]          -0.0519 
_pdbx_refine_tls.S[2][1]          -0.1418 
_pdbx_refine_tls.S[2][2]          0.0260 
_pdbx_refine_tls.S[2][3]          -0.0013 
_pdbx_refine_tls.S[3][1]          -0.0583 
_pdbx_refine_tls.S[3][2]          0.0104 
_pdbx_refine_tls.S[3][3]          -0.0240 
# 
_pdbx_refine_tls_group.pdbx_refine_id      'X-RAY DIFFRACTION' 
_pdbx_refine_tls_group.id                  1 
_pdbx_refine_tls_group.refine_tls_id       1 
_pdbx_refine_tls_group.beg_auth_asym_id    A 
_pdbx_refine_tls_group.beg_auth_seq_id     65 
_pdbx_refine_tls_group.beg_label_asym_id   ? 
_pdbx_refine_tls_group.beg_label_seq_id    ? 
_pdbx_refine_tls_group.end_auth_asym_id    A 
_pdbx_refine_tls_group.end_auth_seq_id     202 
_pdbx_refine_tls_group.end_label_asym_id   ? 
_pdbx_refine_tls_group.end_label_seq_id    ? 
_pdbx_refine_tls_group.selection           ? 
_pdbx_refine_tls_group.selection_details   ? 
# 
loop_
_software.name 
_software.classification 
_software.version 
_software.citation_id 
_software.pdbx_ordinal 
REFMAC   refinement       5.2.0019 ? 1 
HKL-2000 'data reduction' .        ? 2 
HKL-2000 'data scaling'   .        ? 3 
PHASER   phasing          .        ? 4 
# 
_pdbx_database_remark.id     700 
_pdbx_database_remark.text   
;
SHEET
THE SHEET STRUCTURE OF THIS MOLECULE IS BIFURCATED. IN
ORDER TO REPRESENT THIS FEATURE IN THE SHEET RECORDS BELOW,
TWO SHEETS ARE DEFINED.
;
# 
_pdbx_entry_details.entry_id                 2JHY 
_pdbx_entry_details.compound_details         
;ENGINEERED RESIDUE IN CHAIN A, GLU 154 TO HIS
ENGINEERED RESIDUE IN CHAIN A, GLU 156 TO HIS
ENGINEERED RESIDUE IN CHAIN B, GLU 154 TO HIS
ENGINEERED RESIDUE IN CHAIN B, GLU 156 TO HIS
;
_pdbx_entry_details.source_details           ? 
_pdbx_entry_details.nonpolymer_details       ? 
_pdbx_entry_details.sequence_details         'MUTATIONS ENGINEERED TO FACILITATE CRYSTALLIZATION' 
_pdbx_entry_details.has_ligand_of_interest   ? 
# 
loop_
_pdbx_validate_close_contact.id 
_pdbx_validate_close_contact.PDB_model_num 
_pdbx_validate_close_contact.auth_atom_id_1 
_pdbx_validate_close_contact.auth_asym_id_1 
_pdbx_validate_close_contact.auth_comp_id_1 
_pdbx_validate_close_contact.auth_seq_id_1 
_pdbx_validate_close_contact.PDB_ins_code_1 
_pdbx_validate_close_contact.label_alt_id_1 
_pdbx_validate_close_contact.auth_atom_id_2 
_pdbx_validate_close_contact.auth_asym_id_2 
_pdbx_validate_close_contact.auth_comp_id_2 
_pdbx_validate_close_contact.auth_seq_id_2 
_pdbx_validate_close_contact.PDB_ins_code_2 
_pdbx_validate_close_contact.label_alt_id_2 
_pdbx_validate_close_contact.dist 
1 1 O  A HOH 2028 ? ? O A HOH 2029 ? ? 1.96 
2 1 NE A ARG 117  ? ? O A HOH 2028 ? ? 2.13 
# 
loop_
_pdbx_validate_rmsd_bond.id 
_pdbx_validate_rmsd_bond.PDB_model_num 
_pdbx_validate_rmsd_bond.auth_atom_id_1 
_pdbx_validate_rmsd_bond.auth_asym_id_1 
_pdbx_validate_rmsd_bond.auth_comp_id_1 
_pdbx_validate_rmsd_bond.auth_seq_id_1 
_pdbx_validate_rmsd_bond.PDB_ins_code_1 
_pdbx_validate_rmsd_bond.label_alt_id_1 
_pdbx_validate_rmsd_bond.auth_atom_id_2 
_pdbx_validate_rmsd_bond.auth_asym_id_2 
_pdbx_validate_rmsd_bond.auth_comp_id_2 
_pdbx_validate_rmsd_bond.auth_seq_id_2 
_pdbx_validate_rmsd_bond.PDB_ins_code_2 
_pdbx_validate_rmsd_bond.label_alt_id_2 
_pdbx_validate_rmsd_bond.bond_value 
_pdbx_validate_rmsd_bond.bond_target_value 
_pdbx_validate_rmsd_bond.bond_deviation 
_pdbx_validate_rmsd_bond.bond_standard_deviation 
_pdbx_validate_rmsd_bond.linker_flag 
1 1 CE A LYS 135 ? ? NZ A LYS 135 ? ? 1.691 1.486 0.205 0.025 N 
2 1 CG A GLU 154 ? ? CD A GLU 154 ? ? 1.611 1.515 0.096 0.015 N 
# 
_pdbx_validate_rmsd_angle.id                         1 
_pdbx_validate_rmsd_angle.PDB_model_num              1 
_pdbx_validate_rmsd_angle.auth_atom_id_1             C 
_pdbx_validate_rmsd_angle.auth_asym_id_1             A 
_pdbx_validate_rmsd_angle.auth_comp_id_1             VAL 
_pdbx_validate_rmsd_angle.auth_seq_id_1              67 
_pdbx_validate_rmsd_angle.PDB_ins_code_1             ? 
_pdbx_validate_rmsd_angle.label_alt_id_1             ? 
_pdbx_validate_rmsd_angle.auth_atom_id_2             N 
_pdbx_validate_rmsd_angle.auth_asym_id_2             A 
_pdbx_validate_rmsd_angle.auth_comp_id_2             PRO 
_pdbx_validate_rmsd_angle.auth_seq_id_2              68 
_pdbx_validate_rmsd_angle.PDB_ins_code_2             ? 
_pdbx_validate_rmsd_angle.label_alt_id_2             ? 
_pdbx_validate_rmsd_angle.auth_atom_id_3             CA 
_pdbx_validate_rmsd_angle.auth_asym_id_3             A 
_pdbx_validate_rmsd_angle.auth_comp_id_3             PRO 
_pdbx_validate_rmsd_angle.auth_seq_id_3              68 
_pdbx_validate_rmsd_angle.PDB_ins_code_3             ? 
_pdbx_validate_rmsd_angle.label_alt_id_3             ? 
_pdbx_validate_rmsd_angle.angle_value                136.22 
_pdbx_validate_rmsd_angle.angle_target_value         119.30 
_pdbx_validate_rmsd_angle.angle_deviation            16.92 
_pdbx_validate_rmsd_angle.angle_standard_deviation   1.50 
_pdbx_validate_rmsd_angle.linker_flag                Y 
# 
_pdbx_validate_torsion.id              1 
_pdbx_validate_torsion.PDB_model_num   1 
_pdbx_validate_torsion.auth_comp_id    PRO 
_pdbx_validate_torsion.auth_asym_id    A 
_pdbx_validate_torsion.auth_seq_id     68 
_pdbx_validate_torsion.PDB_ins_code    ? 
_pdbx_validate_torsion.label_alt_id    ? 
_pdbx_validate_torsion.phi             -56.78 
_pdbx_validate_torsion.psi             -172.55 
# 
loop_
_chem_comp_atom.comp_id 
_chem_comp_atom.atom_id 
_chem_comp_atom.type_symbol 
_chem_comp_atom.pdbx_aromatic_flag 
_chem_comp_atom.pdbx_stereo_config 
_chem_comp_atom.pdbx_ordinal 
ALA N    N N N 1   
ALA CA   C N S 2   
ALA C    C N N 3   
ALA O    O N N 4   
ALA CB   C N N 5   
ALA OXT  O N N 6   
ALA H    H N N 7   
ALA H2   H N N 8   
ALA HA   H N N 9   
ALA HB1  H N N 10  
ALA HB2  H N N 11  
ALA HB3  H N N 12  
ALA HXT  H N N 13  
ARG N    N N N 14  
ARG CA   C N S 15  
ARG C    C N N 16  
ARG O    O N N 17  
ARG CB   C N N 18  
ARG CG   C N N 19  
ARG CD   C N N 20  
ARG NE   N N N 21  
ARG CZ   C N N 22  
ARG NH1  N N N 23  
ARG NH2  N N N 24  
ARG OXT  O N N 25  
ARG H    H N N 26  
ARG H2   H N N 27  
ARG HA   H N N 28  
ARG HB2  H N N 29  
ARG HB3  H N N 30  
ARG HG2  H N N 31  
ARG HG3  H N N 32  
ARG HD2  H N N 33  
ARG HD3  H N N 34  
ARG HE   H N N 35  
ARG HH11 H N N 36  
ARG HH12 H N N 37  
ARG HH21 H N N 38  
ARG HH22 H N N 39  
ARG HXT  H N N 40  
ASN N    N N N 41  
ASN CA   C N S 42  
ASN C    C N N 43  
ASN O    O N N 44  
ASN CB   C N N 45  
ASN CG   C N N 46  
ASN OD1  O N N 47  
ASN ND2  N N N 48  
ASN OXT  O N N 49  
ASN H    H N N 50  
ASN H2   H N N 51  
ASN HA   H N N 52  
ASN HB2  H N N 53  
ASN HB3  H N N 54  
ASN HD21 H N N 55  
ASN HD22 H N N 56  
ASN HXT  H N N 57  
ASP N    N N N 58  
ASP CA   C N S 59  
ASP C    C N N 60  
ASP O    O N N 61  
ASP CB   C N N 62  
ASP CG   C N N 63  
ASP OD1  O N N 64  
ASP OD2  O N N 65  
ASP OXT  O N N 66  
ASP H    H N N 67  
ASP H2   H N N 68  
ASP HA   H N N 69  
ASP HB2  H N N 70  
ASP HB3  H N N 71  
ASP HD2  H N N 72  
ASP HXT  H N N 73  
CYS N    N N N 74  
CYS CA   C N R 75  
CYS C    C N N 76  
CYS O    O N N 77  
CYS CB   C N N 78  
CYS SG   S N N 79  
CYS OXT  O N N 80  
CYS H    H N N 81  
CYS H2   H N N 82  
CYS HA   H N N 83  
CYS HB2  H N N 84  
CYS HB3  H N N 85  
CYS HG   H N N 86  
CYS HXT  H N N 87  
GLN N    N N N 88  
GLN CA   C N S 89  
GLN C    C N N 90  
GLN O    O N N 91  
GLN CB   C N N 92  
GLN CG   C N N 93  
GLN CD   C N N 94  
GLN OE1  O N N 95  
GLN NE2  N N N 96  
GLN OXT  O N N 97  
GLN H    H N N 98  
GLN H2   H N N 99  
GLN HA   H N N 100 
GLN HB2  H N N 101 
GLN HB3  H N N 102 
GLN HG2  H N N 103 
GLN HG3  H N N 104 
GLN HE21 H N N 105 
GLN HE22 H N N 106 
GLN HXT  H N N 107 
GLU N    N N N 108 
GLU CA   C N S 109 
GLU C    C N N 110 
GLU O    O N N 111 
GLU CB   C N N 112 
GLU CG   C N N 113 
GLU CD   C N N 114 
GLU OE1  O N N 115 
GLU OE2  O N N 116 
GLU OXT  O N N 117 
GLU H    H N N 118 
GLU H2   H N N 119 
GLU HA   H N N 120 
GLU HB2  H N N 121 
GLU HB3  H N N 122 
GLU HG2  H N N 123 
GLU HG3  H N N 124 
GLU HE2  H N N 125 
GLU HXT  H N N 126 
GLY N    N N N 127 
GLY CA   C N N 128 
GLY C    C N N 129 
GLY O    O N N 130 
GLY OXT  O N N 131 
GLY H    H N N 132 
GLY H2   H N N 133 
GLY HA2  H N N 134 
GLY HA3  H N N 135 
GLY HXT  H N N 136 
HIS N    N N N 137 
HIS CA   C N S 138 
HIS C    C N N 139 
HIS O    O N N 140 
HIS CB   C N N 141 
HIS CG   C Y N 142 
HIS ND1  N Y N 143 
HIS CD2  C Y N 144 
HIS CE1  C Y N 145 
HIS NE2  N Y N 146 
HIS OXT  O N N 147 
HIS H    H N N 148 
HIS H2   H N N 149 
HIS HA   H N N 150 
HIS HB2  H N N 151 
HIS HB3  H N N 152 
HIS HD1  H N N 153 
HIS HD2  H N N 154 
HIS HE1  H N N 155 
HIS HE2  H N N 156 
HIS HXT  H N N 157 
HOH O    O N N 158 
HOH H1   H N N 159 
HOH H2   H N N 160 
ILE N    N N N 161 
ILE CA   C N S 162 
ILE C    C N N 163 
ILE O    O N N 164 
ILE CB   C N S 165 
ILE CG1  C N N 166 
ILE CG2  C N N 167 
ILE CD1  C N N 168 
ILE OXT  O N N 169 
ILE H    H N N 170 
ILE H2   H N N 171 
ILE HA   H N N 172 
ILE HB   H N N 173 
ILE HG12 H N N 174 
ILE HG13 H N N 175 
ILE HG21 H N N 176 
ILE HG22 H N N 177 
ILE HG23 H N N 178 
ILE HD11 H N N 179 
ILE HD12 H N N 180 
ILE HD13 H N N 181 
ILE HXT  H N N 182 
LEU N    N N N 183 
LEU CA   C N S 184 
LEU C    C N N 185 
LEU O    O N N 186 
LEU CB   C N N 187 
LEU CG   C N N 188 
LEU CD1  C N N 189 
LEU CD2  C N N 190 
LEU OXT  O N N 191 
LEU H    H N N 192 
LEU H2   H N N 193 
LEU HA   H N N 194 
LEU HB2  H N N 195 
LEU HB3  H N N 196 
LEU HG   H N N 197 
LEU HD11 H N N 198 
LEU HD12 H N N 199 
LEU HD13 H N N 200 
LEU HD21 H N N 201 
LEU HD22 H N N 202 
LEU HD23 H N N 203 
LEU HXT  H N N 204 
LYS N    N N N 205 
LYS CA   C N S 206 
LYS C    C N N 207 
LYS O    O N N 208 
LYS CB   C N N 209 
LYS CG   C N N 210 
LYS CD   C N N 211 
LYS CE   C N N 212 
LYS NZ   N N N 213 
LYS OXT  O N N 214 
LYS H    H N N 215 
LYS H2   H N N 216 
LYS HA   H N N 217 
LYS HB2  H N N 218 
LYS HB3  H N N 219 
LYS HG2  H N N 220 
LYS HG3  H N N 221 
LYS HD2  H N N 222 
LYS HD3  H N N 223 
LYS HE2  H N N 224 
LYS HE3  H N N 225 
LYS HZ1  H N N 226 
LYS HZ2  H N N 227 
LYS HZ3  H N N 228 
LYS HXT  H N N 229 
MET N    N N N 230 
MET CA   C N S 231 
MET C    C N N 232 
MET O    O N N 233 
MET CB   C N N 234 
MET CG   C N N 235 
MET SD   S N N 236 
MET CE   C N N 237 
MET OXT  O N N 238 
MET H    H N N 239 
MET H2   H N N 240 
MET HA   H N N 241 
MET HB2  H N N 242 
MET HB3  H N N 243 
MET HG2  H N N 244 
MET HG3  H N N 245 
MET HE1  H N N 246 
MET HE2  H N N 247 
MET HE3  H N N 248 
MET HXT  H N N 249 
PHE N    N N N 250 
PHE CA   C N S 251 
PHE C    C N N 252 
PHE O    O N N 253 
PHE CB   C N N 254 
PHE CG   C Y N 255 
PHE CD1  C Y N 256 
PHE CD2  C Y N 257 
PHE CE1  C Y N 258 
PHE CE2  C Y N 259 
PHE CZ   C Y N 260 
PHE OXT  O N N 261 
PHE H    H N N 262 
PHE H2   H N N 263 
PHE HA   H N N 264 
PHE HB2  H N N 265 
PHE HB3  H N N 266 
PHE HD1  H N N 267 
PHE HD2  H N N 268 
PHE HE1  H N N 269 
PHE HE2  H N N 270 
PHE HZ   H N N 271 
PHE HXT  H N N 272 
PRO N    N N N 273 
PRO CA   C N S 274 
PRO C    C N N 275 
PRO O    O N N 276 
PRO CB   C N N 277 
PRO CG   C N N 278 
PRO CD   C N N 279 
PRO OXT  O N N 280 
PRO H    H N N 281 
PRO HA   H N N 282 
PRO HB2  H N N 283 
PRO HB3  H N N 284 
PRO HG2  H N N 285 
PRO HG3  H N N 286 
PRO HD2  H N N 287 
PRO HD3  H N N 288 
PRO HXT  H N N 289 
SER N    N N N 290 
SER CA   C N S 291 
SER C    C N N 292 
SER O    O N N 293 
SER CB   C N N 294 
SER OG   O N N 295 
SER OXT  O N N 296 
SER H    H N N 297 
SER H2   H N N 298 
SER HA   H N N 299 
SER HB2  H N N 300 
SER HB3  H N N 301 
SER HG   H N N 302 
SER HXT  H N N 303 
THR N    N N N 304 
THR CA   C N S 305 
THR C    C N N 306 
THR O    O N N 307 
THR CB   C N R 308 
THR OG1  O N N 309 
THR CG2  C N N 310 
THR OXT  O N N 311 
THR H    H N N 312 
THR H2   H N N 313 
THR HA   H N N 314 
THR HB   H N N 315 
THR HG1  H N N 316 
THR HG21 H N N 317 
THR HG22 H N N 318 
THR HG23 H N N 319 
THR HXT  H N N 320 
TRP N    N N N 321 
TRP CA   C N S 322 
TRP C    C N N 323 
TRP O    O N N 324 
TRP CB   C N N 325 
TRP CG   C Y N 326 
TRP CD1  C Y N 327 
TRP CD2  C Y N 328 
TRP NE1  N Y N 329 
TRP CE2  C Y N 330 
TRP CE3  C Y N 331 
TRP CZ2  C Y N 332 
TRP CZ3  C Y N 333 
TRP CH2  C Y N 334 
TRP OXT  O N N 335 
TRP H    H N N 336 
TRP H2   H N N 337 
TRP HA   H N N 338 
TRP HB2  H N N 339 
TRP HB3  H N N 340 
TRP HD1  H N N 341 
TRP HE1  H N N 342 
TRP HE3  H N N 343 
TRP HZ2  H N N 344 
TRP HZ3  H N N 345 
TRP HH2  H N N 346 
TRP HXT  H N N 347 
TYR N    N N N 348 
TYR CA   C N S 349 
TYR C    C N N 350 
TYR O    O N N 351 
TYR CB   C N N 352 
TYR CG   C Y N 353 
TYR CD1  C Y N 354 
TYR CD2  C Y N 355 
TYR CE1  C Y N 356 
TYR CE2  C Y N 357 
TYR CZ   C Y N 358 
TYR OH   O N N 359 
TYR OXT  O N N 360 
TYR H    H N N 361 
TYR H2   H N N 362 
TYR HA   H N N 363 
TYR HB2  H N N 364 
TYR HB3  H N N 365 
TYR HD1  H N N 366 
TYR HD2  H N N 367 
TYR HE1  H N N 368 
TYR HE2  H N N 369 
TYR HH   H N N 370 
TYR HXT  H N N 371 
VAL N    N N N 372 
VAL CA   C N S 373 
VAL C    C N N 374 
VAL O    O N N 375 
VAL CB   C N N 376 
VAL CG1  C N N 377 
VAL CG2  C N N 378 
VAL OXT  O N N 379 
VAL H    H N N 380 
VAL H2   H N N 381 
VAL HA   H N N 382 
VAL HB   H N N 383 
VAL HG11 H N N 384 
VAL HG12 H N N 385 
VAL HG13 H N N 386 
VAL HG21 H N N 387 
VAL HG22 H N N 388 
VAL HG23 H N N 389 
VAL HXT  H N N 390 
# 
loop_
_chem_comp_bond.comp_id 
_chem_comp_bond.atom_id_1 
_chem_comp_bond.atom_id_2 
_chem_comp_bond.value_order 
_chem_comp_bond.pdbx_aromatic_flag 
_chem_comp_bond.pdbx_stereo_config 
_chem_comp_bond.pdbx_ordinal 
ALA N   CA   sing N N 1   
ALA N   H    sing N N 2   
ALA N   H2   sing N N 3   
ALA CA  C    sing N N 4   
ALA CA  CB   sing N N 5   
ALA CA  HA   sing N N 6   
ALA C   O    doub N N 7   
ALA C   OXT  sing N N 8   
ALA CB  HB1  sing N N 9   
ALA CB  HB2  sing N N 10  
ALA CB  HB3  sing N N 11  
ALA OXT HXT  sing N N 12  
ARG N   CA   sing N N 13  
ARG N   H    sing N N 14  
ARG N   H2   sing N N 15  
ARG CA  C    sing N N 16  
ARG CA  CB   sing N N 17  
ARG CA  HA   sing N N 18  
ARG C   O    doub N N 19  
ARG C   OXT  sing N N 20  
ARG CB  CG   sing N N 21  
ARG CB  HB2  sing N N 22  
ARG CB  HB3  sing N N 23  
ARG CG  CD   sing N N 24  
ARG CG  HG2  sing N N 25  
ARG CG  HG3  sing N N 26  
ARG CD  NE   sing N N 27  
ARG CD  HD2  sing N N 28  
ARG CD  HD3  sing N N 29  
ARG NE  CZ   sing N N 30  
ARG NE  HE   sing N N 31  
ARG CZ  NH1  sing N N 32  
ARG CZ  NH2  doub N N 33  
ARG NH1 HH11 sing N N 34  
ARG NH1 HH12 sing N N 35  
ARG NH2 HH21 sing N N 36  
ARG NH2 HH22 sing N N 37  
ARG OXT HXT  sing N N 38  
ASN N   CA   sing N N 39  
ASN N   H    sing N N 40  
ASN N   H2   sing N N 41  
ASN CA  C    sing N N 42  
ASN CA  CB   sing N N 43  
ASN CA  HA   sing N N 44  
ASN C   O    doub N N 45  
ASN C   OXT  sing N N 46  
ASN CB  CG   sing N N 47  
ASN CB  HB2  sing N N 48  
ASN CB  HB3  sing N N 49  
ASN CG  OD1  doub N N 50  
ASN CG  ND2  sing N N 51  
ASN ND2 HD21 sing N N 52  
ASN ND2 HD22 sing N N 53  
ASN OXT HXT  sing N N 54  
ASP N   CA   sing N N 55  
ASP N   H    sing N N 56  
ASP N   H2   sing N N 57  
ASP CA  C    sing N N 58  
ASP CA  CB   sing N N 59  
ASP CA  HA   sing N N 60  
ASP C   O    doub N N 61  
ASP C   OXT  sing N N 62  
ASP CB  CG   sing N N 63  
ASP CB  HB2  sing N N 64  
ASP CB  HB3  sing N N 65  
ASP CG  OD1  doub N N 66  
ASP CG  OD2  sing N N 67  
ASP OD2 HD2  sing N N 68  
ASP OXT HXT  sing N N 69  
CYS N   CA   sing N N 70  
CYS N   H    sing N N 71  
CYS N   H2   sing N N 72  
CYS CA  C    sing N N 73  
CYS CA  CB   sing N N 74  
CYS CA  HA   sing N N 75  
CYS C   O    doub N N 76  
CYS C   OXT  sing N N 77  
CYS CB  SG   sing N N 78  
CYS CB  HB2  sing N N 79  
CYS CB  HB3  sing N N 80  
CYS SG  HG   sing N N 81  
CYS OXT HXT  sing N N 82  
GLN N   CA   sing N N 83  
GLN N   H    sing N N 84  
GLN N   H2   sing N N 85  
GLN CA  C    sing N N 86  
GLN CA  CB   sing N N 87  
GLN CA  HA   sing N N 88  
GLN C   O    doub N N 89  
GLN C   OXT  sing N N 90  
GLN CB  CG   sing N N 91  
GLN CB  HB2  sing N N 92  
GLN CB  HB3  sing N N 93  
GLN CG  CD   sing N N 94  
GLN CG  HG2  sing N N 95  
GLN CG  HG3  sing N N 96  
GLN CD  OE1  doub N N 97  
GLN CD  NE2  sing N N 98  
GLN NE2 HE21 sing N N 99  
GLN NE2 HE22 sing N N 100 
GLN OXT HXT  sing N N 101 
GLU N   CA   sing N N 102 
GLU N   H    sing N N 103 
GLU N   H2   sing N N 104 
GLU CA  C    sing N N 105 
GLU CA  CB   sing N N 106 
GLU CA  HA   sing N N 107 
GLU C   O    doub N N 108 
GLU C   OXT  sing N N 109 
GLU CB  CG   sing N N 110 
GLU CB  HB2  sing N N 111 
GLU CB  HB3  sing N N 112 
GLU CG  CD   sing N N 113 
GLU CG  HG2  sing N N 114 
GLU CG  HG3  sing N N 115 
GLU CD  OE1  doub N N 116 
GLU CD  OE2  sing N N 117 
GLU OE2 HE2  sing N N 118 
GLU OXT HXT  sing N N 119 
GLY N   CA   sing N N 120 
GLY N   H    sing N N 121 
GLY N   H2   sing N N 122 
GLY CA  C    sing N N 123 
GLY CA  HA2  sing N N 124 
GLY CA  HA3  sing N N 125 
GLY C   O    doub N N 126 
GLY C   OXT  sing N N 127 
GLY OXT HXT  sing N N 128 
HIS N   CA   sing N N 129 
HIS N   H    sing N N 130 
HIS N   H2   sing N N 131 
HIS CA  C    sing N N 132 
HIS CA  CB   sing N N 133 
HIS CA  HA   sing N N 134 
HIS C   O    doub N N 135 
HIS C   OXT  sing N N 136 
HIS CB  CG   sing N N 137 
HIS CB  HB2  sing N N 138 
HIS CB  HB3  sing N N 139 
HIS CG  ND1  sing Y N 140 
HIS CG  CD2  doub Y N 141 
HIS ND1 CE1  doub Y N 142 
HIS ND1 HD1  sing N N 143 
HIS CD2 NE2  sing Y N 144 
HIS CD2 HD2  sing N N 145 
HIS CE1 NE2  sing Y N 146 
HIS CE1 HE1  sing N N 147 
HIS NE2 HE2  sing N N 148 
HIS OXT HXT  sing N N 149 
HOH O   H1   sing N N 150 
HOH O   H2   sing N N 151 
ILE N   CA   sing N N 152 
ILE N   H    sing N N 153 
ILE N   H2   sing N N 154 
ILE CA  C    sing N N 155 
ILE CA  CB   sing N N 156 
ILE CA  HA   sing N N 157 
ILE C   O    doub N N 158 
ILE C   OXT  sing N N 159 
ILE CB  CG1  sing N N 160 
ILE CB  CG2  sing N N 161 
ILE CB  HB   sing N N 162 
ILE CG1 CD1  sing N N 163 
ILE CG1 HG12 sing N N 164 
ILE CG1 HG13 sing N N 165 
ILE CG2 HG21 sing N N 166 
ILE CG2 HG22 sing N N 167 
ILE CG2 HG23 sing N N 168 
ILE CD1 HD11 sing N N 169 
ILE CD1 HD12 sing N N 170 
ILE CD1 HD13 sing N N 171 
ILE OXT HXT  sing N N 172 
LEU N   CA   sing N N 173 
LEU N   H    sing N N 174 
LEU N   H2   sing N N 175 
LEU CA  C    sing N N 176 
LEU CA  CB   sing N N 177 
LEU CA  HA   sing N N 178 
LEU C   O    doub N N 179 
LEU C   OXT  sing N N 180 
LEU CB  CG   sing N N 181 
LEU CB  HB2  sing N N 182 
LEU CB  HB3  sing N N 183 
LEU CG  CD1  sing N N 184 
LEU CG  CD2  sing N N 185 
LEU CG  HG   sing N N 186 
LEU CD1 HD11 sing N N 187 
LEU CD1 HD12 sing N N 188 
LEU CD1 HD13 sing N N 189 
LEU CD2 HD21 sing N N 190 
LEU CD2 HD22 sing N N 191 
LEU CD2 HD23 sing N N 192 
LEU OXT HXT  sing N N 193 
LYS N   CA   sing N N 194 
LYS N   H    sing N N 195 
LYS N   H2   sing N N 196 
LYS CA  C    sing N N 197 
LYS CA  CB   sing N N 198 
LYS CA  HA   sing N N 199 
LYS C   O    doub N N 200 
LYS C   OXT  sing N N 201 
LYS CB  CG   sing N N 202 
LYS CB  HB2  sing N N 203 
LYS CB  HB3  sing N N 204 
LYS CG  CD   sing N N 205 
LYS CG  HG2  sing N N 206 
LYS CG  HG3  sing N N 207 
LYS CD  CE   sing N N 208 
LYS CD  HD2  sing N N 209 
LYS CD  HD3  sing N N 210 
LYS CE  NZ   sing N N 211 
LYS CE  HE2  sing N N 212 
LYS CE  HE3  sing N N 213 
LYS NZ  HZ1  sing N N 214 
LYS NZ  HZ2  sing N N 215 
LYS NZ  HZ3  sing N N 216 
LYS OXT HXT  sing N N 217 
MET N   CA   sing N N 218 
MET N   H    sing N N 219 
MET N   H2   sing N N 220 
MET CA  C    sing N N 221 
MET CA  CB   sing N N 222 
MET CA  HA   sing N N 223 
MET C   O    doub N N 224 
MET C   OXT  sing N N 225 
MET CB  CG   sing N N 226 
MET CB  HB2  sing N N 227 
MET CB  HB3  sing N N 228 
MET CG  SD   sing N N 229 
MET CG  HG2  sing N N 230 
MET CG  HG3  sing N N 231 
MET SD  CE   sing N N 232 
MET CE  HE1  sing N N 233 
MET CE  HE2  sing N N 234 
MET CE  HE3  sing N N 235 
MET OXT HXT  sing N N 236 
PHE N   CA   sing N N 237 
PHE N   H    sing N N 238 
PHE N   H2   sing N N 239 
PHE CA  C    sing N N 240 
PHE CA  CB   sing N N 241 
PHE CA  HA   sing N N 242 
PHE C   O    doub N N 243 
PHE C   OXT  sing N N 244 
PHE CB  CG   sing N N 245 
PHE CB  HB2  sing N N 246 
PHE CB  HB3  sing N N 247 
PHE CG  CD1  doub Y N 248 
PHE CG  CD2  sing Y N 249 
PHE CD1 CE1  sing Y N 250 
PHE CD1 HD1  sing N N 251 
PHE CD2 CE2  doub Y N 252 
PHE CD2 HD2  sing N N 253 
PHE CE1 CZ   doub Y N 254 
PHE CE1 HE1  sing N N 255 
PHE CE2 CZ   sing Y N 256 
PHE CE2 HE2  sing N N 257 
PHE CZ  HZ   sing N N 258 
PHE OXT HXT  sing N N 259 
PRO N   CA   sing N N 260 
PRO N   CD   sing N N 261 
PRO N   H    sing N N 262 
PRO CA  C    sing N N 263 
PRO CA  CB   sing N N 264 
PRO CA  HA   sing N N 265 
PRO C   O    doub N N 266 
PRO C   OXT  sing N N 267 
PRO CB  CG   sing N N 268 
PRO CB  HB2  sing N N 269 
PRO CB  HB3  sing N N 270 
PRO CG  CD   sing N N 271 
PRO CG  HG2  sing N N 272 
PRO CG  HG3  sing N N 273 
PRO CD  HD2  sing N N 274 
PRO CD  HD3  sing N N 275 
PRO OXT HXT  sing N N 276 
SER N   CA   sing N N 277 
SER N   H    sing N N 278 
SER N   H2   sing N N 279 
SER CA  C    sing N N 280 
SER CA  CB   sing N N 281 
SER CA  HA   sing N N 282 
SER C   O    doub N N 283 
SER C   OXT  sing N N 284 
SER CB  OG   sing N N 285 
SER CB  HB2  sing N N 286 
SER CB  HB3  sing N N 287 
SER OG  HG   sing N N 288 
SER OXT HXT  sing N N 289 
THR N   CA   sing N N 290 
THR N   H    sing N N 291 
THR N   H2   sing N N 292 
THR CA  C    sing N N 293 
THR CA  CB   sing N N 294 
THR CA  HA   sing N N 295 
THR C   O    doub N N 296 
THR C   OXT  sing N N 297 
THR CB  OG1  sing N N 298 
THR CB  CG2  sing N N 299 
THR CB  HB   sing N N 300 
THR OG1 HG1  sing N N 301 
THR CG2 HG21 sing N N 302 
THR CG2 HG22 sing N N 303 
THR CG2 HG23 sing N N 304 
THR OXT HXT  sing N N 305 
TRP N   CA   sing N N 306 
TRP N   H    sing N N 307 
TRP N   H2   sing N N 308 
TRP CA  C    sing N N 309 
TRP CA  CB   sing N N 310 
TRP CA  HA   sing N N 311 
TRP C   O    doub N N 312 
TRP C   OXT  sing N N 313 
TRP CB  CG   sing N N 314 
TRP CB  HB2  sing N N 315 
TRP CB  HB3  sing N N 316 
TRP CG  CD1  doub Y N 317 
TRP CG  CD2  sing Y N 318 
TRP CD1 NE1  sing Y N 319 
TRP CD1 HD1  sing N N 320 
TRP CD2 CE2  doub Y N 321 
TRP CD2 CE3  sing Y N 322 
TRP NE1 CE2  sing Y N 323 
TRP NE1 HE1  sing N N 324 
TRP CE2 CZ2  sing Y N 325 
TRP CE3 CZ3  doub Y N 326 
TRP CE3 HE3  sing N N 327 
TRP CZ2 CH2  doub Y N 328 
TRP CZ2 HZ2  sing N N 329 
TRP CZ3 CH2  sing Y N 330 
TRP CZ3 HZ3  sing N N 331 
TRP CH2 HH2  sing N N 332 
TRP OXT HXT  sing N N 333 
TYR N   CA   sing N N 334 
TYR N   H    sing N N 335 
TYR N   H2   sing N N 336 
TYR CA  C    sing N N 337 
TYR CA  CB   sing N N 338 
TYR CA  HA   sing N N 339 
TYR C   O    doub N N 340 
TYR C   OXT  sing N N 341 
TYR CB  CG   sing N N 342 
TYR CB  HB2  sing N N 343 
TYR CB  HB3  sing N N 344 
TYR CG  CD1  doub Y N 345 
TYR CG  CD2  sing Y N 346 
TYR CD1 CE1  sing Y N 347 
TYR CD1 HD1  sing N N 348 
TYR CD2 CE2  doub Y N 349 
TYR CD2 HD2  sing N N 350 
TYR CE1 CZ   doub Y N 351 
TYR CE1 HE1  sing N N 352 
TYR CE2 CZ   sing Y N 353 
TYR CE2 HE2  sing N N 354 
TYR CZ  OH   sing N N 355 
TYR OH  HH   sing N N 356 
TYR OXT HXT  sing N N 357 
VAL N   CA   sing N N 358 
VAL N   H    sing N N 359 
VAL N   H2   sing N N 360 
VAL CA  C    sing N N 361 
VAL CA  CB   sing N N 362 
VAL CA  HA   sing N N 363 
VAL C   O    doub N N 364 
VAL C   OXT  sing N N 365 
VAL CB  CG1  sing N N 366 
VAL CB  CG2  sing N N 367 
VAL CB  HB   sing N N 368 
VAL CG1 HG11 sing N N 369 
VAL CG1 HG12 sing N N 370 
VAL CG1 HG13 sing N N 371 
VAL CG2 HG21 sing N N 372 
VAL CG2 HG22 sing N N 373 
VAL CG2 HG23 sing N N 374 
VAL OXT HXT  sing N N 375 
# 
_pdbx_entity_nonpoly.entity_id   2 
_pdbx_entity_nonpoly.name        water 
_pdbx_entity_nonpoly.comp_id     HOH 
# 
_pdbx_initial_refinement_model.id               1 
_pdbx_initial_refinement_model.entity_id_list   ? 
_pdbx_initial_refinement_model.type             'experimental model' 
_pdbx_initial_refinement_model.source_name      PDB 
_pdbx_initial_refinement_model.accession_code   2BXW 
_pdbx_initial_refinement_model.details          'PDB ENTRY 2BXW' 
# 
